data_3JAF
#
_entry.id   3JAF
#
_cell.length_a   1.000
_cell.length_b   1.000
_cell.length_c   1.000
_cell.angle_alpha   90.00
_cell.angle_beta   90.00
_cell.angle_gamma   90.00
#
_symmetry.space_group_name_H-M   'P 1'
#
loop_
_entity.id
_entity.type
_entity.pdbx_description
1 polymer 'Glycine receptor subunit alphaZ1'
2 branched 2-acetamido-2-deoxy-beta-D-glucopyranose-(1-4)-2-acetamido-2-deoxy-beta-D-glucopyranose
3 non-polymer "(2aE,4E,5'S,6S,6'R,7S,8E,11R,13R,15S,17aR,20R,20aR,20bS)-6'-[(2S)-butan-2-yl]-20,20b-dihydroxy-5',6,8,19-tetramethyl-17 -oxo-3',4',5',6,6',10,11,14,15,17,17a,20,20a,20b-tetradecahydro-2H,7H-spiro[11,15-methanofuro[4,3,2-pq][2,6]benzodioxacy clooctadecine-13,2'-pyran]-7-yl 2,6-dideoxy-4-O-(2,6-dideoxy-3-O-methyl-alpha-L-arabino-hexopyranosyl)-3-O-methyl-alpha-L-arabino-hexopyranoside"
#
_entity_poly.entity_id   1
_entity_poly.type   'polypeptide(L)'
_entity_poly.pdbx_seq_one_letter_code
;APSEFLDKLMGKVSGYDARIRPNFKGPPVNVTCNIFINSFGSIAETTMDYRVNIFLRQQWNDPRLAYSEYPDDSLDLDPS
MLDSIWKPDLFFANEKGANFHEVTTDNKLLRISKNGNVLYSIRITLVLACPMDLKNFPMDVQTCIMQLESFGYTMNDLIF
EWDEKGAVQVADGLTLPQFILKEEKDLRYCTKHYNTGKFTCIEARFHLERQMGYYLIQMYIPSLLIVILSWVSFWINMDA
APARVGLGITTVLTMTTQSSGSRASLPKVSYVKAIDIWMAVCLLFVFSALLEYAAVNFIARAGTKLFISRAKRIDTVSRV
AFPLVFLIFNIFYWITYKLVPR
;
_entity_poly.pdbx_strand_id   A,B,C,D,E
#
# COMPACT_ATOMS: atom_id res chain seq x y z
N ALA A 1 -25.24 -24.64 -41.58
CA ALA A 1 -26.00 -23.50 -42.06
C ALA A 1 -25.87 -22.26 -41.15
N PRO A 2 -26.12 -22.41 -39.83
CA PRO A 2 -25.95 -21.20 -39.01
C PRO A 2 -24.49 -20.75 -38.93
N SER A 3 -23.57 -21.70 -38.90
CA SER A 3 -22.14 -21.41 -38.95
C SER A 3 -21.78 -20.84 -40.32
N GLU A 4 -22.41 -21.38 -41.35
CA GLU A 4 -22.18 -20.97 -42.73
C GLU A 4 -22.51 -19.50 -42.97
N PHE A 5 -23.44 -18.97 -42.17
CA PHE A 5 -23.82 -17.55 -42.25
C PHE A 5 -22.81 -16.63 -41.55
N LEU A 6 -22.28 -17.06 -40.40
CA LEU A 6 -21.15 -16.36 -39.81
C LEU A 6 -19.96 -16.37 -40.76
N ASP A 7 -19.80 -17.48 -41.48
CA ASP A 7 -18.72 -17.62 -42.46
C ASP A 7 -18.97 -16.82 -43.73
N LYS A 8 -20.23 -16.61 -44.08
CA LYS A 8 -20.57 -15.87 -45.30
C LYS A 8 -20.51 -14.37 -45.10
N LEU A 9 -21.06 -13.90 -43.98
CA LEU A 9 -21.10 -12.48 -43.68
C LEU A 9 -19.69 -11.97 -43.34
N MET A 10 -19.02 -12.66 -42.42
CA MET A 10 -17.71 -12.25 -41.95
C MET A 10 -16.52 -12.91 -42.61
N GLY A 11 -16.77 -13.86 -43.51
CA GLY A 11 -15.69 -14.55 -44.19
C GLY A 11 -14.82 -13.64 -45.04
N LYS A 12 -13.67 -14.16 -45.44
CA LYS A 12 -12.82 -13.49 -46.42
C LYS A 12 -13.65 -13.21 -47.68
N VAL A 13 -14.56 -14.15 -47.97
CA VAL A 13 -15.51 -14.00 -49.07
C VAL A 13 -16.30 -12.72 -48.86
N SER A 14 -16.66 -12.07 -49.97
CA SER A 14 -17.29 -10.73 -50.01
C SER A 14 -16.24 -9.65 -49.78
N GLY A 15 -15.00 -10.06 -49.54
CA GLY A 15 -13.88 -9.16 -49.36
C GLY A 15 -14.01 -8.15 -48.24
N TYR A 16 -14.56 -8.59 -47.11
CA TYR A 16 -14.67 -7.73 -45.94
C TYR A 16 -13.29 -7.47 -45.35
N ASP A 17 -12.99 -6.20 -45.06
CA ASP A 17 -11.71 -5.86 -44.46
C ASP A 17 -11.92 -5.18 -43.12
N ALA A 18 -11.29 -5.75 -42.09
CA ALA A 18 -11.39 -5.24 -40.72
C ALA A 18 -10.80 -3.84 -40.60
N ARG A 19 -9.66 -3.65 -41.24
CA ARG A 19 -8.84 -2.46 -41.09
C ARG A 19 -9.50 -1.19 -41.64
N ILE A 20 -10.26 -1.34 -42.72
CA ILE A 20 -10.89 -0.20 -43.38
C ILE A 20 -12.10 0.33 -42.59
N ARG A 21 -12.18 1.65 -42.46
CA ARG A 21 -13.33 2.31 -41.86
C ARG A 21 -14.58 2.13 -42.71
N PRO A 22 -15.73 1.92 -42.05
CA PRO A 22 -17.03 1.86 -42.70
C PRO A 22 -17.35 3.11 -43.50
N ASN A 23 -17.91 2.95 -44.70
CA ASN A 23 -18.27 4.07 -45.56
C ASN A 23 -17.04 4.95 -45.76
N PHE A 24 -15.93 4.31 -46.15
CA PHE A 24 -14.63 4.96 -46.25
C PHE A 24 -14.58 5.98 -47.38
N LYS A 25 -13.80 7.04 -47.18
CA LYS A 25 -13.71 8.17 -48.11
C LYS A 25 -15.04 8.87 -48.29
N GLY A 26 -15.71 9.14 -47.19
CA GLY A 26 -17.06 9.70 -47.21
C GLY A 26 -17.45 10.29 -45.88
N PRO A 27 -18.75 10.53 -45.68
CA PRO A 27 -19.30 11.09 -44.44
C PRO A 27 -18.79 10.33 -43.22
N PRO A 28 -18.38 11.08 -42.18
CA PRO A 28 -17.82 10.48 -40.97
C PRO A 28 -18.77 9.51 -40.29
N VAL A 29 -18.23 8.38 -39.83
CA VAL A 29 -19.04 7.39 -39.13
C VAL A 29 -19.57 8.03 -37.85
N ASN A 30 -20.84 7.80 -37.58
CA ASN A 30 -21.47 8.37 -36.39
C ASN A 30 -21.72 7.29 -35.34
N VAL A 31 -21.10 7.49 -34.19
CA VAL A 31 -21.19 6.54 -33.10
C VAL A 31 -22.03 7.12 -31.99
N THR A 32 -23.13 6.43 -31.68
CA THR A 32 -23.98 6.85 -30.57
C THR A 32 -23.68 5.93 -29.40
N CYS A 33 -23.06 6.49 -28.37
CA CYS A 33 -22.66 5.67 -27.24
C CYS A 33 -23.20 6.16 -25.92
N ASN A 34 -23.84 5.24 -25.21
CA ASN A 34 -24.41 5.51 -23.90
C ASN A 34 -23.76 4.58 -22.87
N ILE A 35 -23.56 5.10 -21.66
CA ILE A 35 -22.86 4.33 -20.64
C ILE A 35 -23.77 4.04 -19.44
N PHE A 36 -23.69 2.81 -18.96
CA PHE A 36 -24.39 2.44 -17.73
C PHE A 36 -23.38 2.16 -16.62
N ILE A 37 -23.38 3.02 -15.60
CA ILE A 37 -22.32 3.00 -14.61
C ILE A 37 -22.72 2.12 -13.42
N ASN A 38 -21.95 1.06 -13.17
CA ASN A 38 -22.30 0.15 -12.08
C ASN A 38 -22.06 0.77 -10.72
N SER A 39 -20.88 1.34 -10.50
CA SER A 39 -20.58 1.92 -9.19
C SER A 39 -19.49 2.99 -9.24
N PHE A 40 -19.54 3.90 -8.27
CA PHE A 40 -18.38 4.70 -7.92
C PHE A 40 -17.78 4.06 -6.68
N GLY A 41 -16.46 4.01 -6.61
CA GLY A 41 -15.79 3.46 -5.46
C GLY A 41 -14.44 4.09 -5.24
N SER A 42 -13.93 3.98 -4.02
CA SER A 42 -12.60 4.46 -3.65
C SER A 42 -12.34 5.89 -4.13
N ILE A 43 -13.28 6.79 -3.87
CA ILE A 43 -13.04 8.19 -4.18
C ILE A 43 -12.15 8.74 -3.08
N ALA A 44 -10.96 9.17 -3.45
CA ALA A 44 -9.99 9.64 -2.48
C ALA A 44 -9.49 11.02 -2.86
N GLU A 45 -9.56 11.94 -1.90
CA GLU A 45 -9.09 13.30 -2.12
C GLU A 45 -7.57 13.31 -2.34
N THR A 46 -6.86 12.50 -1.54
CA THR A 46 -5.40 12.46 -1.60
C THR A 46 -4.89 11.88 -2.93
N THR A 47 -5.47 10.75 -3.34
CA THR A 47 -5.07 10.10 -4.59
C THR A 47 -5.54 10.94 -5.78
N MET A 48 -6.62 11.70 -5.54
CA MET A 48 -7.16 12.72 -6.46
C MET A 48 -8.02 12.08 -7.56
N ASP A 49 -8.11 10.75 -7.57
CA ASP A 49 -8.85 10.03 -8.60
C ASP A 49 -10.04 9.24 -8.04
N TYR A 50 -10.99 8.92 -8.89
CA TYR A 50 -12.14 8.11 -8.47
C TYR A 50 -12.37 6.92 -9.40
N ARG A 51 -12.67 5.77 -8.82
CA ARG A 51 -12.94 4.56 -9.60
C ARG A 51 -14.40 4.43 -10.01
N VAL A 52 -14.62 4.15 -11.28
CA VAL A 52 -15.94 3.78 -11.76
C VAL A 52 -15.85 2.67 -12.79
N ASN A 53 -16.65 1.62 -12.64
CA ASN A 53 -16.71 0.60 -13.67
C ASN A 53 -18.03 0.71 -14.43
N ILE A 54 -17.92 0.75 -15.76
CA ILE A 54 -19.05 1.09 -16.59
C ILE A 54 -19.25 0.09 -17.73
N PHE A 55 -20.50 -0.11 -18.10
CA PHE A 55 -20.82 -0.71 -19.38
C PHE A 55 -20.81 0.41 -20.42
N LEU A 56 -20.08 0.18 -21.51
CA LEU A 56 -20.03 1.12 -22.62
C LEU A 56 -20.78 0.53 -23.80
N ARG A 57 -21.84 1.20 -24.21
CA ARG A 57 -22.63 0.75 -25.34
C ARG A 57 -22.48 1.72 -26.50
N GLN A 58 -21.77 1.33 -27.53
CA GLN A 58 -21.59 2.18 -28.69
C GLN A 58 -22.17 1.55 -29.95
N GLN A 59 -22.90 2.38 -30.67
CA GLN A 59 -23.68 1.97 -31.84
C GLN A 59 -23.27 2.74 -33.08
N TRP A 60 -22.76 2.01 -34.07
CA TRP A 60 -22.42 2.60 -35.37
C TRP A 60 -22.96 1.65 -36.42
N ASN A 61 -23.49 2.16 -37.52
CA ASN A 61 -23.90 1.25 -38.57
C ASN A 61 -22.91 1.29 -39.72
N ASP A 62 -22.63 0.13 -40.29
CA ASP A 62 -21.93 0.05 -41.55
C ASP A 62 -22.74 -0.75 -42.55
N PRO A 63 -22.77 -0.30 -43.81
CA PRO A 63 -23.59 -0.89 -44.87
C PRO A 63 -23.21 -2.34 -45.17
N ARG A 64 -21.91 -2.62 -45.14
CA ARG A 64 -21.38 -3.90 -45.55
C ARG A 64 -21.74 -5.08 -44.64
N LEU A 65 -21.90 -4.84 -43.35
CA LEU A 65 -22.31 -5.90 -42.44
C LEU A 65 -23.78 -6.29 -42.62
N ALA A 66 -24.59 -5.38 -43.14
CA ALA A 66 -26.02 -5.61 -43.30
C ALA A 66 -26.29 -6.85 -44.14
N TYR A 67 -27.24 -7.66 -43.68
CA TYR A 67 -27.56 -8.94 -44.33
C TYR A 67 -29.06 -9.07 -44.57
N SER A 68 -29.42 -9.72 -45.67
CA SER A 68 -30.81 -10.00 -45.98
C SER A 68 -31.24 -11.43 -45.61
N GLU A 69 -30.31 -12.20 -45.06
CA GLU A 69 -30.50 -13.64 -44.91
C GLU A 69 -31.54 -14.07 -43.87
N TYR A 70 -31.38 -13.63 -42.62
CA TYR A 70 -32.30 -14.04 -41.55
C TYR A 70 -33.61 -13.24 -41.42
N PRO A 71 -34.64 -13.88 -40.83
CA PRO A 71 -35.88 -13.24 -40.41
C PRO A 71 -35.69 -12.25 -39.25
N ASP A 72 -34.83 -12.60 -38.29
CA ASP A 72 -34.66 -11.81 -37.08
C ASP A 72 -34.05 -10.43 -37.37
N ASP A 73 -34.59 -9.40 -36.72
CA ASP A 73 -34.13 -8.04 -36.93
C ASP A 73 -32.68 -7.88 -36.45
N SER A 74 -32.40 -8.36 -35.25
CA SER A 74 -31.06 -8.31 -34.69
C SER A 74 -30.55 -9.71 -34.40
N LEU A 75 -29.34 -10.02 -34.87
CA LEU A 75 -28.74 -11.31 -34.57
C LEU A 75 -27.56 -11.11 -33.63
N ASP A 76 -27.44 -11.96 -32.62
CA ASP A 76 -26.35 -11.86 -31.66
C ASP A 76 -25.15 -12.67 -32.13
N LEU A 77 -24.08 -11.96 -32.50
CA LEU A 77 -22.85 -12.61 -32.91
C LEU A 77 -22.06 -13.08 -31.69
N ASP A 78 -21.17 -14.05 -31.92
CA ASP A 78 -20.28 -14.54 -30.87
C ASP A 78 -19.32 -13.45 -30.43
N PRO A 79 -19.00 -13.41 -29.13
CA PRO A 79 -18.03 -12.44 -28.58
C PRO A 79 -16.68 -12.43 -29.28
N SER A 80 -16.19 -13.57 -29.76
CA SER A 80 -14.92 -13.63 -30.47
C SER A 80 -15.00 -12.98 -31.86
N MET A 81 -16.14 -13.17 -32.53
CA MET A 81 -16.39 -12.59 -33.85
C MET A 81 -16.08 -11.10 -33.88
N LEU A 82 -16.34 -10.48 -32.73
CA LEU A 82 -16.08 -9.07 -32.50
C LEU A 82 -14.67 -8.60 -32.82
N ASP A 83 -13.68 -9.46 -32.55
CA ASP A 83 -12.30 -9.12 -32.87
C ASP A 83 -12.09 -8.94 -34.37
N SER A 84 -12.92 -9.60 -35.17
CA SER A 84 -12.80 -9.56 -36.62
C SER A 84 -13.38 -8.28 -37.23
N ILE A 85 -14.54 -7.82 -36.76
CA ILE A 85 -15.17 -6.64 -37.36
C ILE A 85 -14.41 -5.38 -36.96
N TRP A 86 -14.51 -4.36 -37.78
CA TRP A 86 -14.01 -3.03 -37.45
C TRP A 86 -14.71 -2.51 -36.20
N LYS A 87 -13.94 -1.96 -35.28
CA LYS A 87 -14.50 -1.34 -34.09
C LYS A 87 -14.15 0.13 -34.04
N PRO A 88 -15.08 0.95 -33.54
CA PRO A 88 -14.74 2.35 -33.29
C PRO A 88 -13.71 2.43 -32.18
N ASP A 89 -12.64 3.18 -32.41
CA ASP A 89 -11.54 3.21 -31.45
C ASP A 89 -11.70 4.37 -30.48
N LEU A 90 -11.98 4.04 -29.22
CA LEU A 90 -12.38 5.05 -28.24
C LEU A 90 -11.64 4.91 -26.92
N PHE A 91 -10.81 5.89 -26.58
CA PHE A 91 -10.04 5.81 -25.35
C PHE A 91 -10.47 6.91 -24.42
N PHE A 92 -10.57 6.61 -23.13
CA PHE A 92 -10.81 7.62 -22.13
C PHE A 92 -9.55 8.47 -22.00
N ALA A 93 -9.68 9.78 -22.16
CA ALA A 93 -8.52 10.68 -22.24
C ALA A 93 -7.79 10.82 -20.91
N ASN A 94 -8.54 10.96 -19.84
CA ASN A 94 -8.01 11.15 -18.49
C ASN A 94 -7.88 9.82 -17.74
N GLU A 95 -8.05 8.72 -18.47
CA GLU A 95 -8.21 7.37 -17.90
C GLU A 95 -7.19 6.92 -16.86
N LYS A 96 -5.96 7.44 -16.88
CA LYS A 96 -4.99 7.17 -15.82
C LYS A 96 -4.80 5.65 -15.61
N GLY A 97 -5.10 4.90 -16.67
CA GLY A 97 -5.08 3.44 -16.66
C GLY A 97 -6.46 2.85 -16.42
N ALA A 98 -6.75 1.76 -17.11
CA ALA A 98 -8.06 1.12 -17.05
C ALA A 98 -7.94 -0.33 -17.49
N ASN A 99 -8.84 -1.19 -17.03
CA ASN A 99 -8.75 -2.59 -17.44
C ASN A 99 -10.10 -3.23 -17.78
N PHE A 100 -10.08 -4.12 -18.77
CA PHE A 100 -11.21 -4.99 -19.05
C PHE A 100 -11.38 -6.01 -17.93
N HIS A 101 -12.58 -6.60 -17.84
CA HIS A 101 -12.78 -7.76 -16.99
C HIS A 101 -12.97 -8.99 -17.87
N GLU A 102 -11.97 -9.86 -17.88
CA GLU A 102 -11.98 -11.04 -18.72
C GLU A 102 -12.40 -12.30 -17.94
N VAL A 103 -12.80 -12.12 -16.68
CA VAL A 103 -13.19 -13.24 -15.82
C VAL A 103 -14.25 -14.14 -16.46
N THR A 104 -14.03 -15.44 -16.36
CA THR A 104 -14.76 -16.45 -17.12
C THR A 104 -14.56 -16.12 -18.59
N THR A 105 -15.65 -15.85 -19.32
CA THR A 105 -15.54 -15.36 -20.68
C THR A 105 -15.08 -13.91 -20.65
N ASP A 106 -14.55 -13.43 -21.75
CA ASP A 106 -14.29 -11.99 -21.89
C ASP A 106 -15.67 -11.32 -21.86
N ASN A 107 -15.82 -10.18 -21.19
CA ASN A 107 -17.17 -9.65 -21.05
C ASN A 107 -17.41 -8.62 -22.12
N LYS A 108 -18.09 -9.04 -23.16
CA LYS A 108 -18.34 -8.22 -24.33
C LYS A 108 -19.65 -8.72 -24.95
N LEU A 109 -20.46 -7.79 -25.44
CA LEU A 109 -21.74 -8.11 -26.04
C LEU A 109 -21.94 -7.40 -27.36
N LEU A 110 -22.09 -8.17 -28.43
CA LEU A 110 -22.26 -7.54 -29.73
C LEU A 110 -23.40 -8.16 -30.52
N ARG A 111 -24.15 -7.30 -31.22
CA ARG A 111 -25.25 -7.76 -32.04
C ARG A 111 -25.39 -6.89 -33.30
N ILE A 112 -25.69 -7.54 -34.42
CA ILE A 112 -25.86 -6.84 -35.69
C ILE A 112 -27.31 -6.87 -36.15
N SER A 113 -27.87 -5.69 -36.34
CA SER A 113 -29.20 -5.57 -36.92
C SER A 113 -29.13 -5.74 -38.44
N LYS A 114 -30.19 -6.30 -39.02
CA LYS A 114 -30.26 -6.49 -40.47
C LYS A 114 -30.10 -5.16 -41.20
N ASN A 115 -30.54 -4.08 -40.54
CA ASN A 115 -30.39 -2.72 -41.04
C ASN A 115 -28.91 -2.42 -41.22
N GLY A 116 -28.09 -3.05 -40.41
CA GLY A 116 -26.66 -2.79 -40.41
C GLY A 116 -26.23 -2.01 -39.19
N ASN A 117 -27.19 -1.73 -38.30
CA ASN A 117 -26.88 -1.10 -37.04
C ASN A 117 -26.13 -2.10 -36.17
N VAL A 118 -25.03 -1.67 -35.57
CA VAL A 118 -24.24 -2.55 -34.73
C VAL A 118 -24.31 -2.06 -33.29
N LEU A 119 -24.63 -2.98 -32.38
CA LEU A 119 -24.60 -2.65 -30.96
C LEU A 119 -23.42 -3.34 -30.32
N TYR A 120 -22.56 -2.55 -29.69
CA TYR A 120 -21.34 -3.06 -29.08
C TYR A 120 -21.18 -2.61 -27.64
N SER A 121 -21.05 -3.58 -26.74
CA SER A 121 -21.09 -3.31 -25.31
C SER A 121 -19.90 -3.95 -24.60
N ILE A 122 -19.20 -3.18 -23.79
CA ILE A 122 -18.08 -3.74 -23.04
C ILE A 122 -18.09 -3.29 -21.59
N ARG A 123 -17.60 -4.15 -20.71
CA ARG A 123 -17.52 -3.81 -19.30
C ARG A 123 -16.09 -3.45 -18.92
N ILE A 124 -15.91 -2.22 -18.44
CA ILE A 124 -14.59 -1.67 -18.19
C ILE A 124 -14.50 -1.19 -16.76
N THR A 125 -13.32 -1.32 -16.15
CA THR A 125 -13.05 -0.61 -14.91
C THR A 125 -12.11 0.55 -15.18
N LEU A 126 -12.54 1.72 -14.74
CA LEU A 126 -11.83 2.97 -14.94
C LEU A 126 -11.37 3.55 -13.63
N VAL A 127 -10.12 3.99 -13.60
CA VAL A 127 -9.69 4.93 -12.59
C VAL A 127 -9.72 6.27 -13.32
N LEU A 128 -10.29 7.30 -12.73
CA LEU A 128 -10.36 8.57 -13.44
C LEU A 128 -9.80 9.70 -12.62
N ALA A 129 -8.84 10.43 -13.17
CA ALA A 129 -8.29 11.55 -12.43
C ALA A 129 -9.09 12.78 -12.79
N CYS A 130 -9.91 13.21 -11.85
CA CYS A 130 -10.67 14.43 -11.99
C CYS A 130 -10.04 15.53 -11.16
N PRO A 131 -9.82 16.71 -11.76
CA PRO A 131 -9.38 17.83 -10.94
C PRO A 131 -10.53 18.27 -10.02
N MET A 132 -10.25 18.47 -8.74
CA MET A 132 -11.29 18.89 -7.82
C MET A 132 -10.87 20.08 -6.95
N ASP A 133 -11.71 21.12 -6.96
CA ASP A 133 -11.45 22.33 -6.20
C ASP A 133 -11.93 22.22 -4.76
N LEU A 134 -11.01 22.42 -3.82
CA LEU A 134 -11.29 22.30 -2.40
C LEU A 134 -11.57 23.64 -1.70
N LYS A 135 -11.75 24.70 -2.48
CA LYS A 135 -11.81 26.07 -1.95
C LYS A 135 -12.67 26.20 -0.69
N ASN A 136 -13.81 25.51 -0.66
CA ASN A 136 -14.47 25.22 0.61
C ASN A 136 -14.63 23.71 0.78
N PHE A 137 -13.81 23.10 1.63
CA PHE A 137 -13.71 21.64 1.65
C PHE A 137 -14.86 20.81 2.23
N PRO A 138 -15.28 21.07 3.49
CA PRO A 138 -16.13 20.05 4.11
C PRO A 138 -17.45 19.80 3.39
N MET A 139 -18.13 20.88 3.04
CA MET A 139 -19.46 20.84 2.42
C MET A 139 -19.53 21.02 0.90
N ASP A 140 -18.39 21.06 0.22
CA ASP A 140 -18.35 21.38 -1.22
C ASP A 140 -19.12 20.44 -2.15
N VAL A 141 -19.47 20.98 -3.31
CA VAL A 141 -19.96 20.19 -4.43
C VAL A 141 -18.81 19.97 -5.40
N GLN A 142 -18.54 18.71 -5.74
CA GLN A 142 -17.46 18.40 -6.67
C GLN A 142 -17.97 17.79 -7.97
N THR A 143 -17.42 18.27 -9.08
CA THR A 143 -17.79 17.78 -10.39
C THR A 143 -16.73 16.85 -10.95
N CYS A 144 -17.15 15.64 -11.29
CA CYS A 144 -16.24 14.62 -11.81
C CYS A 144 -16.58 14.36 -13.26
N ILE A 145 -15.58 14.47 -14.14
CA ILE A 145 -15.86 14.45 -15.55
C ILE A 145 -15.11 13.32 -16.24
N MET A 146 -15.77 12.70 -17.20
CA MET A 146 -15.12 11.70 -18.04
C MET A 146 -15.39 12.02 -19.51
N GLN A 147 -14.30 12.14 -20.26
CA GLN A 147 -14.35 12.50 -21.66
C GLN A 147 -13.80 11.40 -22.57
N LEU A 148 -14.65 10.97 -23.49
CA LEU A 148 -14.37 9.87 -24.41
C LEU A 148 -13.94 10.43 -25.75
N GLU A 149 -12.69 10.17 -26.13
CA GLU A 149 -12.15 10.72 -27.38
C GLU A 149 -11.61 9.65 -28.31
N SER A 150 -11.62 9.93 -29.60
CA SER A 150 -11.10 9.00 -30.60
C SER A 150 -9.67 9.36 -30.96
N PHE A 151 -8.74 8.51 -30.56
CA PHE A 151 -7.32 8.77 -30.78
C PHE A 151 -6.92 8.45 -32.21
N GLY A 152 -7.66 7.53 -32.82
CA GLY A 152 -7.36 7.09 -34.18
C GLY A 152 -7.62 8.05 -35.31
N TYR A 153 -8.83 8.60 -35.41
CA TYR A 153 -9.16 9.34 -36.63
C TYR A 153 -9.57 10.77 -36.30
N THR A 154 -9.49 11.65 -37.30
CA THR A 154 -9.88 13.05 -37.13
C THR A 154 -11.40 13.24 -37.14
N MET A 155 -11.82 14.50 -37.05
CA MET A 155 -13.23 14.87 -37.05
C MET A 155 -13.97 14.45 -38.32
N ASN A 156 -13.32 14.63 -39.47
CA ASN A 156 -13.93 14.29 -40.75
C ASN A 156 -14.17 12.78 -40.92
N ASP A 157 -13.37 11.96 -40.26
CA ASP A 157 -13.53 10.51 -40.30
C ASP A 157 -14.56 9.94 -39.33
N LEU A 158 -14.56 10.43 -38.08
CA LEU A 158 -15.39 9.85 -37.03
C LEU A 158 -16.00 10.91 -36.12
N ILE A 159 -17.17 10.61 -35.55
CA ILE A 159 -17.87 11.53 -34.65
C ILE A 159 -18.53 10.74 -33.51
N PHE A 160 -18.59 11.32 -32.31
CA PHE A 160 -19.33 10.72 -31.21
C PHE A 160 -20.54 11.57 -30.82
N GLU A 161 -21.66 10.90 -30.62
CA GLU A 161 -22.91 11.56 -30.24
C GLU A 161 -23.56 10.78 -29.11
N TRP A 162 -23.99 11.48 -28.06
CA TRP A 162 -24.72 10.80 -26.98
C TRP A 162 -26.08 10.38 -27.51
N ASP A 163 -26.64 9.32 -26.94
CA ASP A 163 -27.95 8.86 -27.35
C ASP A 163 -28.99 9.90 -26.92
N GLU A 164 -29.90 10.24 -27.82
CA GLU A 164 -30.88 11.31 -27.59
C GLU A 164 -31.68 11.13 -26.30
N LYS A 165 -32.00 9.88 -25.98
CA LYS A 165 -32.71 9.58 -24.73
C LYS A 165 -31.90 8.61 -23.87
N GLY A 166 -31.70 8.97 -22.61
CA GLY A 166 -31.02 8.11 -21.66
C GLY A 166 -29.58 7.76 -22.02
N ALA A 167 -28.76 8.78 -22.22
CA ALA A 167 -27.36 8.57 -22.59
C ALA A 167 -26.51 8.02 -21.45
N VAL A 168 -26.80 8.41 -20.21
CA VAL A 168 -26.10 7.82 -19.09
C VAL A 168 -27.10 7.25 -18.08
N GLN A 169 -26.94 5.97 -17.74
CA GLN A 169 -27.80 5.39 -16.70
C GLN A 169 -26.97 4.98 -15.51
N VAL A 170 -27.61 4.92 -14.36
CA VAL A 170 -26.94 4.59 -13.11
C VAL A 170 -27.61 3.33 -12.57
N ALA A 171 -26.89 2.58 -11.75
CA ALA A 171 -27.47 1.40 -11.11
C ALA A 171 -28.66 1.82 -10.27
N ASP A 172 -29.69 0.98 -10.25
CA ASP A 172 -30.94 1.30 -9.58
C ASP A 172 -30.70 1.47 -8.07
N GLY A 173 -29.81 0.64 -7.53
CA GLY A 173 -29.50 0.68 -6.11
C GLY A 173 -28.18 1.31 -5.70
N LEU A 174 -27.61 2.17 -6.56
CA LEU A 174 -26.26 2.68 -6.32
C LEU A 174 -26.24 3.82 -5.31
N THR A 175 -25.39 3.66 -4.30
CA THR A 175 -25.16 4.72 -3.32
C THR A 175 -23.66 4.87 -3.05
N LEU A 176 -23.25 6.10 -2.75
CA LEU A 176 -21.87 6.37 -2.36
C LEU A 176 -21.84 6.71 -0.87
N PRO A 177 -21.00 6.01 -0.10
CA PRO A 177 -20.93 6.25 1.34
C PRO A 177 -20.53 7.69 1.69
N GLN A 178 -19.55 8.23 0.98
CA GLN A 178 -19.09 9.60 1.24
C GLN A 178 -19.93 10.69 0.58
N PHE A 179 -20.34 10.54 -0.68
CA PHE A 179 -21.04 11.62 -1.36
C PHE A 179 -22.42 11.15 -1.82
N ILE A 180 -23.29 12.09 -2.18
CA ILE A 180 -24.49 11.74 -2.93
C ILE A 180 -24.44 12.30 -4.35
N LEU A 181 -24.77 11.43 -5.30
CA LEU A 181 -24.86 11.81 -6.71
C LEU A 181 -26.19 12.50 -6.98
N LYS A 182 -26.19 13.47 -7.89
CA LYS A 182 -27.39 14.22 -8.21
C LYS A 182 -28.05 13.69 -9.47
N GLU A 183 -29.38 13.60 -9.44
CA GLU A 183 -30.15 13.06 -10.55
C GLU A 183 -29.91 13.84 -11.84
N GLU A 184 -29.83 15.16 -11.73
CA GLU A 184 -29.55 15.99 -12.90
C GLU A 184 -28.10 15.78 -13.36
N LYS A 185 -27.95 15.39 -14.61
CA LYS A 185 -26.64 15.10 -15.17
C LYS A 185 -26.42 15.92 -16.42
N ASP A 186 -25.32 16.64 -16.49
CA ASP A 186 -25.04 17.47 -17.64
C ASP A 186 -24.19 16.69 -18.62
N LEU A 187 -24.48 16.83 -19.90
CA LEU A 187 -23.73 16.15 -20.95
C LEU A 187 -23.30 17.18 -21.96
N ARG A 188 -22.01 17.31 -22.25
CA ARG A 188 -21.68 18.33 -23.25
C ARG A 188 -20.54 17.96 -24.16
N TYR A 189 -20.67 18.37 -25.43
CA TYR A 189 -19.62 18.12 -26.40
C TYR A 189 -18.34 18.85 -26.05
N CYS A 190 -17.26 18.30 -26.60
CA CYS A 190 -15.97 18.95 -26.59
C CYS A 190 -15.31 18.60 -27.92
N THR A 191 -14.41 19.45 -28.39
CA THR A 191 -13.60 19.10 -29.54
C THR A 191 -12.15 19.31 -29.16
N LYS A 192 -11.31 18.31 -29.36
CA LYS A 192 -9.90 18.45 -29.01
C LYS A 192 -9.05 18.85 -30.20
N HIS A 193 -8.29 19.91 -30.04
CA HIS A 193 -7.30 20.30 -31.03
C HIS A 193 -5.90 19.93 -30.58
N TYR A 194 -5.27 19.06 -31.36
CA TYR A 194 -3.91 18.62 -31.13
C TYR A 194 -3.09 18.96 -32.37
N ASN A 195 -1.77 18.90 -32.23
CA ASN A 195 -0.88 19.19 -33.34
C ASN A 195 -1.15 18.27 -34.53
N THR A 196 -1.55 17.04 -34.26
CA THR A 196 -1.85 16.06 -35.32
C THR A 196 -3.12 16.42 -36.09
N GLY A 197 -4.15 16.85 -35.36
CA GLY A 197 -5.43 17.21 -35.97
C GLY A 197 -6.51 17.40 -34.92
N LYS A 198 -7.77 17.48 -35.36
CA LYS A 198 -8.86 17.64 -34.42
C LYS A 198 -9.59 16.32 -34.18
N PHE A 199 -9.69 15.93 -32.91
CA PHE A 199 -10.27 14.66 -32.52
C PHE A 199 -11.56 14.90 -31.75
N THR A 200 -12.57 14.09 -32.05
CA THR A 200 -13.87 14.21 -31.39
C THR A 200 -13.80 13.70 -29.97
N CYS A 201 -14.55 14.35 -29.09
CA CYS A 201 -14.71 13.84 -27.74
C CYS A 201 -16.09 14.19 -27.22
N ILE A 202 -16.62 13.33 -26.36
CA ILE A 202 -17.86 13.64 -25.68
C ILE A 202 -17.66 13.44 -24.19
N GLU A 203 -18.11 14.37 -23.38
CA GLU A 203 -17.92 14.21 -21.95
C GLU A 203 -19.20 14.29 -21.13
N ALA A 204 -19.31 13.34 -20.22
CA ALA A 204 -20.34 13.35 -19.20
C ALA A 204 -19.91 14.22 -18.02
N ARG A 205 -20.89 14.74 -17.29
CA ARG A 205 -20.64 15.38 -16.00
C ARG A 205 -21.29 14.57 -14.89
N PHE A 206 -20.60 14.46 -13.77
CA PHE A 206 -21.21 13.93 -12.56
C PHE A 206 -21.10 14.98 -11.46
N HIS A 207 -22.19 15.23 -10.76
CA HIS A 207 -22.16 16.15 -9.64
C HIS A 207 -22.33 15.40 -8.33
N LEU A 208 -21.39 15.62 -7.41
CA LEU A 208 -21.39 14.92 -6.14
C LEU A 208 -21.40 15.89 -4.97
N GLU A 209 -22.25 15.63 -3.99
CA GLU A 209 -22.29 16.50 -2.81
C GLU A 209 -21.85 15.76 -1.54
N ARG A 210 -20.91 16.37 -0.84
CA ARG A 210 -20.40 15.86 0.43
C ARG A 210 -21.43 15.67 1.54
N GLN A 211 -21.44 14.49 2.11
CA GLN A 211 -22.26 14.19 3.28
C GLN A 211 -21.75 14.92 4.51
N MET A 212 -22.63 15.67 5.16
CA MET A 212 -22.25 16.51 6.29
C MET A 212 -22.34 15.78 7.62
N GLY A 213 -22.87 14.57 7.61
CA GLY A 213 -23.04 13.81 8.84
C GLY A 213 -21.72 13.49 9.52
N TYR A 214 -20.83 12.83 8.77
CA TYR A 214 -19.54 12.42 9.30
C TYR A 214 -18.69 13.59 9.76
N TYR A 215 -18.57 14.62 8.94
CA TYR A 215 -17.77 15.77 9.31
C TYR A 215 -18.38 16.55 10.48
N LEU A 216 -19.70 16.56 10.59
CA LEU A 216 -20.33 17.22 11.72
C LEU A 216 -19.95 16.47 12.98
N ILE A 217 -20.14 15.15 12.96
CA ILE A 217 -19.91 14.30 14.13
C ILE A 217 -18.43 14.29 14.54
N GLN A 218 -17.54 14.27 13.54
CA GLN A 218 -16.11 14.11 13.77
C GLN A 218 -15.40 15.45 13.94
N MET A 219 -15.50 16.31 12.92
CA MET A 219 -14.76 17.57 12.91
C MET A 219 -15.28 18.66 13.86
N TYR A 220 -16.56 18.98 13.76
CA TYR A 220 -17.10 20.18 14.42
C TYR A 220 -17.46 20.01 15.91
N ILE A 221 -18.10 18.91 16.26
CA ILE A 221 -18.56 18.69 17.63
C ILE A 221 -17.42 18.71 18.66
N PRO A 222 -16.32 17.97 18.42
CA PRO A 222 -15.24 18.04 19.40
C PRO A 222 -14.69 19.45 19.57
N SER A 223 -14.68 20.22 18.49
CA SER A 223 -14.28 21.62 18.57
C SER A 223 -15.21 22.36 19.52
N LEU A 224 -16.51 22.19 19.32
CA LEU A 224 -17.51 22.82 20.20
C LEU A 224 -17.25 22.47 21.67
N LEU A 225 -17.01 21.19 21.92
CA LEU A 225 -16.76 20.67 23.27
C LEU A 225 -15.55 21.32 23.91
N ILE A 226 -14.43 21.31 23.19
CA ILE A 226 -13.19 21.90 23.66
C ILE A 226 -13.40 23.38 23.97
N VAL A 227 -14.17 24.07 23.13
CA VAL A 227 -14.46 25.48 23.38
C VAL A 227 -15.29 25.62 24.65
N ILE A 228 -16.16 24.65 24.92
CA ILE A 228 -16.90 24.64 26.19
C ILE A 228 -15.95 24.56 27.37
N LEU A 229 -14.88 23.76 27.24
CA LEU A 229 -13.91 23.60 28.33
C LEU A 229 -13.25 24.91 28.80
N SER A 230 -13.04 25.86 27.89
CA SER A 230 -12.51 27.16 28.30
C SER A 230 -13.54 27.86 29.18
N TRP A 231 -14.79 27.78 28.75
CA TRP A 231 -15.91 28.40 29.45
C TRP A 231 -16.01 27.87 30.86
N VAL A 232 -15.88 26.55 31.03
CA VAL A 232 -15.91 26.00 32.38
C VAL A 232 -14.63 26.38 33.12
N SER A 233 -13.55 26.63 32.37
CA SER A 233 -12.30 27.01 33.01
C SER A 233 -12.43 28.36 33.71
N PHE A 234 -13.15 29.31 33.10
CA PHE A 234 -13.24 30.66 33.67
C PHE A 234 -13.74 30.72 35.10
N TRP A 235 -14.63 29.79 35.48
CA TRP A 235 -15.30 29.89 36.77
C TRP A 235 -14.37 29.59 37.95
N ILE A 236 -13.43 28.67 37.76
CA ILE A 236 -12.42 28.38 38.77
C ILE A 236 -11.70 29.67 39.16
N ASN A 237 -11.46 29.85 40.45
CA ASN A 237 -10.82 31.06 40.97
C ASN A 237 -9.47 31.32 40.30
N MET A 238 -9.11 32.59 40.16
CA MET A 238 -7.82 32.91 39.54
C MET A 238 -6.67 32.55 40.48
N ASP A 239 -6.98 32.40 41.76
CA ASP A 239 -5.96 32.06 42.76
C ASP A 239 -5.23 30.78 42.39
N ALA A 240 -5.96 29.81 41.85
CA ALA A 240 -5.28 28.61 41.39
C ALA A 240 -4.91 28.82 39.94
N ALA A 241 -3.64 29.16 39.71
CA ALA A 241 -3.09 29.38 38.38
C ALA A 241 -2.97 28.10 37.56
N PRO A 242 -2.60 27.00 38.21
CA PRO A 242 -2.41 25.72 37.52
C PRO A 242 -3.66 25.17 36.84
N ALA A 243 -4.81 25.29 37.48
CA ALA A 243 -6.06 24.77 36.91
C ALA A 243 -6.41 25.54 35.63
N ARG A 244 -6.19 26.84 35.66
CA ARG A 244 -6.47 27.71 34.52
C ARG A 244 -5.45 27.56 33.40
N VAL A 245 -4.19 27.50 33.77
CA VAL A 245 -3.09 27.33 32.84
C VAL A 245 -3.17 25.92 32.27
N GLY A 246 -3.54 24.97 33.11
CA GLY A 246 -3.72 23.60 32.69
C GLY A 246 -4.83 23.43 31.67
N LEU A 247 -5.98 24.01 31.95
CA LEU A 247 -7.10 23.99 31.00
C LEU A 247 -6.76 24.73 29.70
N GLY A 248 -6.17 25.91 29.81
CA GLY A 248 -5.84 26.69 28.63
C GLY A 248 -4.85 25.98 27.72
N ILE A 249 -3.75 25.52 28.31
CA ILE A 249 -2.72 24.79 27.57
C ILE A 249 -3.29 23.52 26.97
N THR A 250 -3.91 22.69 27.81
CA THR A 250 -4.42 21.41 27.34
C THR A 250 -5.38 21.60 26.18
N THR A 251 -6.31 22.54 26.33
CA THR A 251 -7.27 22.82 25.27
C THR A 251 -6.61 23.34 23.99
N VAL A 252 -5.61 24.21 24.10
CA VAL A 252 -4.98 24.73 22.88
C VAL A 252 -4.21 23.61 22.17
N LEU A 253 -3.60 22.71 22.94
CA LEU A 253 -2.89 21.57 22.39
C LEU A 253 -3.85 20.65 21.64
N THR A 254 -4.94 20.30 22.31
CA THR A 254 -5.95 19.44 21.72
C THR A 254 -6.49 20.06 20.45
N MET A 255 -6.70 21.37 20.45
CA MET A 255 -7.14 22.05 19.23
C MET A 255 -6.12 21.91 18.11
N THR A 256 -4.84 22.01 18.46
CA THR A 256 -3.77 21.79 17.49
C THR A 256 -3.88 20.40 16.85
N THR A 257 -4.00 19.38 17.70
CA THR A 257 -4.12 18.00 17.24
C THR A 257 -5.34 17.78 16.35
N GLN A 258 -6.50 18.26 16.83
CA GLN A 258 -7.75 18.19 16.09
C GLN A 258 -7.57 18.82 14.70
N SER A 259 -6.85 19.93 14.66
CA SER A 259 -6.61 20.64 13.41
C SER A 259 -5.77 19.82 12.44
N SER A 260 -4.69 19.21 12.93
CA SER A 260 -3.84 18.37 12.06
C SER A 260 -4.62 17.16 11.50
N GLY A 261 -5.44 16.57 12.36
CA GLY A 261 -6.24 15.42 12.00
C GLY A 261 -7.05 15.61 10.73
N SER A 262 -7.56 16.82 10.53
CA SER A 262 -8.33 17.15 9.35
C SER A 262 -7.42 17.13 8.12
N ARG A 263 -6.22 17.65 8.31
CA ARG A 263 -5.19 17.76 7.29
C ARG A 263 -4.68 16.44 6.73
N ALA A 264 -4.57 15.43 7.59
CA ALA A 264 -4.06 14.13 7.18
C ALA A 264 -4.87 13.48 6.07
N SER A 265 -6.18 13.60 6.13
CA SER A 265 -7.01 12.98 5.08
C SER A 265 -6.86 13.64 3.71
N LEU A 266 -6.70 14.96 3.70
CA LEU A 266 -6.72 15.74 2.47
C LEU A 266 -5.39 15.80 1.72
N PRO A 267 -5.47 16.04 0.39
CA PRO A 267 -4.24 16.26 -0.36
C PRO A 267 -3.67 17.62 -0.02
N LYS A 268 -2.36 17.76 -0.13
CA LYS A 268 -1.70 19.01 0.21
C LYS A 268 -2.08 20.09 -0.79
N VAL A 269 -2.57 21.21 -0.27
CA VAL A 269 -3.18 22.26 -1.08
C VAL A 269 -2.76 23.66 -0.60
N SER A 270 -2.55 24.57 -1.54
CA SER A 270 -2.08 25.91 -1.23
C SER A 270 -3.16 26.82 -0.65
N TYR A 271 -4.33 26.86 -1.29
CA TYR A 271 -5.39 27.75 -0.84
C TYR A 271 -6.06 27.29 0.44
N VAL A 272 -6.51 28.27 1.23
CA VAL A 272 -7.08 28.01 2.55
C VAL A 272 -8.43 27.30 2.45
N LYS A 273 -8.54 26.18 3.15
CA LYS A 273 -9.77 25.40 3.20
C LYS A 273 -10.71 26.02 4.22
N ALA A 274 -12.03 25.83 4.04
CA ALA A 274 -13.01 26.35 4.98
C ALA A 274 -12.79 25.78 6.37
N ILE A 275 -12.43 24.50 6.40
CA ILE A 275 -12.13 23.81 7.65
C ILE A 275 -11.02 24.56 8.38
N ASP A 276 -10.10 25.14 7.62
CA ASP A 276 -9.00 25.89 8.21
C ASP A 276 -9.43 27.20 8.85
N ILE A 277 -10.41 27.90 8.28
CA ILE A 277 -10.85 29.15 8.89
C ILE A 277 -11.60 28.78 10.16
N TRP A 278 -12.34 27.68 10.11
CA TRP A 278 -13.02 27.18 11.32
C TRP A 278 -12.02 26.85 12.43
N MET A 279 -10.94 26.18 12.07
CA MET A 279 -9.95 25.80 13.06
C MET A 279 -9.23 27.03 13.60
N ALA A 280 -8.96 27.97 12.70
CA ALA A 280 -8.27 29.20 13.05
C ALA A 280 -9.08 30.00 14.05
N VAL A 281 -10.39 30.06 13.85
CA VAL A 281 -11.22 30.84 14.77
C VAL A 281 -11.39 30.11 16.11
N CYS A 282 -11.54 28.79 16.08
CA CYS A 282 -11.69 28.05 17.34
C CYS A 282 -10.42 28.21 18.19
N LEU A 283 -9.29 28.04 17.53
CA LEU A 283 -8.00 28.14 18.17
C LEU A 283 -7.77 29.57 18.64
N LEU A 284 -8.27 30.52 17.88
CA LEU A 284 -8.17 31.93 18.23
C LEU A 284 -8.95 32.21 19.51
N PHE A 285 -10.10 31.55 19.67
CA PHE A 285 -10.90 31.74 20.87
C PHE A 285 -10.29 31.09 22.10
N VAL A 286 -9.79 29.87 21.99
CA VAL A 286 -9.14 29.26 23.15
C VAL A 286 -7.89 30.06 23.55
N PHE A 287 -7.13 30.48 22.54
CA PHE A 287 -5.92 31.27 22.77
C PHE A 287 -6.27 32.61 23.41
N SER A 288 -7.38 33.21 22.98
CA SER A 288 -7.83 34.48 23.54
C SER A 288 -8.30 34.30 24.97
N ALA A 289 -8.86 33.13 25.28
CA ALA A 289 -9.28 32.81 26.64
C ALA A 289 -8.07 32.76 27.56
N LEU A 290 -7.06 32.00 27.15
CA LEU A 290 -5.83 31.91 27.93
C LEU A 290 -5.19 33.29 28.05
N LEU A 291 -5.30 34.08 26.98
CA LEU A 291 -4.74 35.43 26.93
C LEU A 291 -5.39 36.33 27.96
N GLU A 292 -6.73 36.26 28.04
CA GLU A 292 -7.48 36.99 29.05
C GLU A 292 -7.09 36.56 30.45
N TYR A 293 -6.90 35.26 30.66
CA TYR A 293 -6.45 34.83 31.98
C TYR A 293 -5.07 35.40 32.31
N ALA A 294 -4.22 35.48 31.31
CA ALA A 294 -2.88 36.05 31.47
C ALA A 294 -2.95 37.52 31.86
N ALA A 295 -3.85 38.27 31.23
CA ALA A 295 -4.01 39.69 31.55
C ALA A 295 -4.53 39.85 32.98
N VAL A 296 -5.53 39.03 33.33
CA VAL A 296 -6.09 39.00 34.67
C VAL A 296 -5.00 38.74 35.70
N ASN A 297 -4.06 37.86 35.37
CA ASN A 297 -2.93 37.61 36.25
C ASN A 297 -1.96 38.78 36.31
N PHE A 298 -1.76 39.45 35.19
CA PHE A 298 -0.87 40.60 35.16
C PHE A 298 -1.40 41.68 36.11
N ILE A 299 -2.73 41.80 36.17
CA ILE A 299 -3.34 42.72 37.12
C ILE A 299 -3.33 42.16 38.54
N ALA A 300 -3.52 40.86 38.66
CA ALA A 300 -3.68 40.19 39.96
C ALA A 300 -2.37 39.95 40.70
N ARG A 301 -1.36 39.47 39.98
CA ARG A 301 -0.05 39.20 40.59
C ARG A 301 0.68 40.51 40.87
N ALA A 302 0.10 41.61 40.40
CA ALA A 302 0.72 42.92 40.49
C ALA A 302 0.61 43.57 41.87
N GLY A 303 -0.55 43.44 42.53
CA GLY A 303 -0.88 44.42 43.56
C GLY A 303 -2.25 44.45 44.22
N THR A 304 -2.63 45.67 44.58
CA THR A 304 -3.76 46.01 45.45
C THR A 304 -5.11 45.36 45.10
N LYS A 305 -5.87 45.03 46.15
CA LYS A 305 -7.18 44.38 46.05
C LYS A 305 -8.24 45.11 45.21
N LEU A 306 -8.10 46.42 45.04
CA LEU A 306 -9.04 47.15 44.19
C LEU A 306 -8.93 46.60 42.76
N PHE A 307 -7.68 46.38 42.33
CA PHE A 307 -7.39 45.74 41.06
C PHE A 307 -7.94 44.31 41.00
N ILE A 308 -7.90 43.58 42.12
CA ILE A 308 -8.36 42.20 42.12
C ILE A 308 -9.89 42.19 41.95
N SER A 309 -10.55 43.21 42.49
CA SER A 309 -11.99 43.36 42.31
C SER A 309 -12.29 43.67 40.84
N ARG A 310 -11.46 44.54 40.26
CA ARG A 310 -11.56 44.88 38.84
C ARG A 310 -11.49 43.60 38.00
N ALA A 311 -10.55 42.72 38.37
CA ALA A 311 -10.35 41.46 37.68
C ALA A 311 -11.52 40.48 37.89
N LYS A 312 -12.10 40.47 39.08
CA LYS A 312 -13.27 39.63 39.30
C LYS A 312 -14.45 40.13 38.47
N ARG A 313 -14.46 41.42 38.16
CA ARG A 313 -15.42 41.96 37.20
C ARG A 313 -15.14 41.45 35.78
N ILE A 314 -13.88 41.55 35.34
CA ILE A 314 -13.55 41.13 33.98
C ILE A 314 -13.81 39.63 33.79
N ASP A 315 -13.73 38.84 34.87
CA ASP A 315 -14.04 37.42 34.78
C ASP A 315 -15.48 37.21 34.32
N THR A 316 -16.41 37.82 35.04
CA THR A 316 -17.84 37.66 34.74
C THR A 316 -18.16 38.20 33.35
N VAL A 317 -17.73 39.43 33.07
CA VAL A 317 -18.08 40.03 31.78
C VAL A 317 -17.47 39.21 30.63
N SER A 318 -16.30 38.62 30.85
CA SER A 318 -15.69 37.78 29.84
C SER A 318 -16.50 36.50 29.63
N ARG A 319 -16.85 35.82 30.72
CA ARG A 319 -17.57 34.56 30.64
C ARG A 319 -18.90 34.78 29.92
N VAL A 320 -19.44 35.99 30.04
CA VAL A 320 -20.65 36.33 29.30
C VAL A 320 -20.31 36.63 27.85
N ALA A 321 -19.12 37.18 27.62
CA ALA A 321 -18.71 37.60 26.27
C ALA A 321 -18.40 36.45 25.32
N PHE A 322 -17.61 35.47 25.78
CA PHE A 322 -17.14 34.39 24.92
C PHE A 322 -18.21 33.53 24.23
N PRO A 323 -19.26 33.11 24.97
CA PRO A 323 -20.29 32.36 24.25
C PRO A 323 -20.99 33.21 23.20
N LEU A 324 -21.09 34.52 23.44
CA LEU A 324 -21.72 35.40 22.47
C LEU A 324 -20.85 35.60 21.22
N VAL A 325 -19.56 35.85 21.40
CA VAL A 325 -18.67 36.04 20.26
C VAL A 325 -18.57 34.75 19.45
N PHE A 326 -18.51 33.62 20.14
CA PHE A 326 -18.41 32.34 19.45
C PHE A 326 -19.70 32.00 18.71
N LEU A 327 -20.84 32.29 19.35
CA LEU A 327 -22.13 32.00 18.78
C LEU A 327 -22.39 32.88 17.55
N ILE A 328 -22.08 34.16 17.67
CA ILE A 328 -22.27 35.09 16.55
C ILE A 328 -21.33 34.72 15.41
N PHE A 329 -20.10 34.30 15.74
CA PHE A 329 -19.23 33.85 14.67
C PHE A 329 -19.83 32.65 13.98
N ASN A 330 -20.31 31.69 14.76
CA ASN A 330 -20.85 30.45 14.23
C ASN A 330 -21.97 30.77 13.23
N ILE A 331 -22.91 31.60 13.69
CA ILE A 331 -24.02 32.04 12.86
C ILE A 331 -23.53 32.68 11.56
N PHE A 332 -22.53 33.54 11.68
CA PHE A 332 -22.07 34.32 10.54
C PHE A 332 -21.39 33.38 9.55
N TYR A 333 -20.76 32.35 10.11
CA TYR A 333 -20.01 31.32 9.37
C TYR A 333 -20.88 30.40 8.53
N TRP A 334 -21.91 29.81 9.14
CA TRP A 334 -22.68 28.78 8.44
C TRP A 334 -23.39 29.28 7.19
N ILE A 335 -23.84 30.54 7.22
CA ILE A 335 -24.63 31.12 6.15
C ILE A 335 -23.88 31.09 4.82
N THR A 336 -22.63 31.50 4.83
CA THR A 336 -21.86 31.59 3.60
C THR A 336 -21.67 30.23 2.93
N TYR A 337 -21.22 29.24 3.70
CA TYR A 337 -20.89 27.94 3.13
C TYR A 337 -22.07 27.00 2.90
N LYS A 338 -22.95 26.82 3.89
CA LYS A 338 -24.00 25.82 3.74
C LYS A 338 -25.32 26.44 3.28
N LEU A 339 -25.36 27.76 3.17
CA LEU A 339 -26.55 28.46 2.71
C LEU A 339 -26.22 29.34 1.51
N VAL A 340 -27.22 29.61 0.68
CA VAL A 340 -27.03 30.33 -0.59
C VAL A 340 -25.85 29.77 -1.37
N PRO A 341 -25.80 28.44 -1.58
CA PRO A 341 -24.62 27.85 -2.21
C PRO A 341 -24.51 28.15 -3.70
N ARG A 342 -23.29 28.40 -4.17
CA ARG A 342 -23.03 28.70 -5.58
C ARG A 342 -23.93 29.84 -6.09
N ALA B 1 -10.20 -2.83 -53.40
CA ALA B 1 -9.27 -1.81 -53.84
C ALA B 1 -8.59 -1.08 -52.68
N PRO B 2 -9.37 -0.53 -51.71
CA PRO B 2 -8.65 0.12 -50.61
C PRO B 2 -7.85 -0.86 -49.74
N SER B 3 -8.39 -2.07 -49.57
CA SER B 3 -7.67 -3.13 -48.88
C SER B 3 -6.47 -3.58 -49.72
N GLU B 4 -6.67 -3.59 -51.03
CA GLU B 4 -5.65 -4.01 -51.98
C GLU B 4 -4.41 -3.12 -51.93
N PHE B 5 -4.61 -1.87 -51.53
CA PHE B 5 -3.50 -0.92 -51.38
C PHE B 5 -2.72 -1.12 -50.07
N LEU B 6 -3.41 -1.42 -48.98
CA LEU B 6 -2.74 -1.86 -47.77
C LEU B 6 -1.95 -3.14 -48.04
N ASP B 7 -2.52 -4.00 -48.88
CA ASP B 7 -1.87 -5.26 -49.26
C ASP B 7 -0.71 -5.06 -50.23
N LYS B 8 -0.77 -4.01 -51.04
CA LYS B 8 0.27 -3.75 -52.03
C LYS B 8 1.47 -3.04 -51.42
N LEU B 9 1.19 -2.04 -50.59
CA LEU B 9 2.25 -1.26 -49.97
C LEU B 9 2.97 -2.09 -48.90
N MET B 10 2.20 -2.69 -48.01
CA MET B 10 2.74 -3.44 -46.90
C MET B 10 2.85 -4.96 -47.10
N GLY B 11 2.36 -5.45 -48.23
CA GLY B 11 2.43 -6.88 -48.50
C GLY B 11 3.83 -7.44 -48.59
N LYS B 12 3.93 -8.76 -48.54
CA LYS B 12 5.20 -9.44 -48.81
C LYS B 12 5.72 -8.99 -50.17
N VAL B 13 4.78 -8.76 -51.09
CA VAL B 13 5.09 -8.22 -52.41
C VAL B 13 5.83 -6.90 -52.24
N SER B 14 6.75 -6.62 -53.16
CA SER B 14 7.70 -5.50 -53.12
C SER B 14 8.85 -5.80 -52.14
N GLY B 15 8.77 -6.95 -51.49
CA GLY B 15 9.80 -7.42 -50.58
C GLY B 15 10.12 -6.50 -49.43
N TYR B 16 9.08 -5.91 -48.84
CA TYR B 16 9.26 -5.07 -47.66
C TYR B 16 9.64 -5.92 -46.45
N ASP B 17 10.68 -5.51 -45.73
CA ASP B 17 11.11 -6.23 -44.55
C ASP B 17 11.01 -5.34 -43.31
N ALA B 18 10.28 -5.83 -42.31
CA ALA B 18 10.08 -5.10 -41.06
C ALA B 18 11.39 -4.90 -40.31
N ARG B 19 12.19 -5.95 -40.28
CA ARG B 19 13.38 -6.04 -39.45
C ARG B 19 14.48 -5.06 -39.87
N ILE B 20 14.60 -4.81 -41.17
CA ILE B 20 15.65 -3.96 -41.70
C ILE B 20 15.37 -2.48 -41.44
N ARG B 21 16.40 -1.75 -41.01
CA ARG B 21 16.33 -0.32 -40.84
C ARG B 21 16.16 0.40 -42.18
N PRO B 22 15.33 1.45 -42.20
CA PRO B 22 15.16 2.32 -43.36
C PRO B 22 16.47 2.93 -43.85
N ASN B 23 16.69 2.96 -45.16
CA ASN B 23 17.90 3.53 -45.75
C ASN B 23 19.11 2.85 -45.11
N PHE B 24 19.08 1.52 -45.11
CA PHE B 24 20.08 0.70 -44.43
C PHE B 24 21.46 0.80 -45.08
N LYS B 25 22.51 0.71 -44.26
CA LYS B 25 23.90 0.86 -44.71
C LYS B 25 24.14 2.26 -45.28
N GLY B 26 23.68 3.28 -44.56
CA GLY B 26 23.74 4.64 -45.05
C GLY B 26 23.53 5.64 -43.94
N PRO B 27 23.24 6.90 -44.30
CA PRO B 27 22.99 7.98 -43.34
C PRO B 27 21.98 7.57 -42.28
N PRO B 28 22.27 7.88 -41.00
CA PRO B 28 21.41 7.50 -39.88
C PRO B 28 20.00 8.04 -40.01
N VAL B 29 19.01 7.21 -39.69
CA VAL B 29 17.62 7.63 -39.73
C VAL B 29 17.43 8.74 -38.72
N ASN B 30 16.72 9.79 -39.12
CA ASN B 30 16.48 10.92 -38.25
C ASN B 30 15.04 10.94 -37.77
N VAL B 31 14.89 10.87 -36.45
CA VAL B 31 13.58 10.82 -35.84
C VAL B 31 13.31 12.12 -35.11
N THR B 32 12.26 12.82 -35.54
CA THR B 32 11.85 14.03 -34.88
C THR B 32 10.66 13.71 -34.00
N CYS B 33 10.87 13.77 -32.69
CA CYS B 33 9.80 13.38 -31.78
C CYS B 33 9.47 14.46 -30.76
N ASN B 34 8.19 14.77 -30.71
CA ASN B 34 7.66 15.76 -29.79
C ASN B 34 6.63 15.10 -28.88
N ILE B 35 6.59 15.52 -27.62
CA ILE B 35 5.72 14.90 -26.64
C ILE B 35 4.66 15.86 -26.12
N PHE B 36 3.43 15.37 -26.01
CA PHE B 36 2.35 16.15 -25.39
C PHE B 36 1.95 15.52 -24.07
N ILE B 37 2.23 16.21 -22.97
CA ILE B 37 2.11 15.61 -21.65
C ILE B 37 0.72 15.89 -21.07
N ASN B 38 -0.04 14.83 -20.80
CA ASN B 38 -1.40 15.02 -20.28
C ASN B 38 -1.41 15.51 -18.84
N SER B 39 -0.65 14.86 -17.97
CA SER B 39 -0.63 15.26 -16.56
C SER B 39 0.62 14.84 -15.81
N PHE B 40 0.95 15.60 -14.77
CA PHE B 40 1.83 15.10 -13.72
C PHE B 40 0.93 14.68 -12.58
N GLY B 41 1.28 13.57 -11.93
CA GLY B 41 0.51 13.11 -10.80
C GLY B 41 1.38 12.33 -9.82
N SER B 42 0.90 12.23 -8.59
CA SER B 42 1.56 11.45 -7.55
C SER B 42 3.05 11.74 -7.44
N ILE B 43 3.39 13.03 -7.40
CA ILE B 43 4.79 13.39 -7.17
C ILE B 43 5.04 13.23 -5.69
N ALA B 44 5.95 12.33 -5.34
CA ALA B 44 6.21 12.02 -3.94
C ALA B 44 7.70 12.14 -3.65
N GLU B 45 8.03 12.90 -2.63
CA GLU B 45 9.42 13.08 -2.23
C GLU B 45 9.99 11.75 -1.71
N THR B 46 9.19 11.03 -0.95
CA THR B 46 9.64 9.77 -0.34
C THR B 46 9.89 8.68 -1.38
N THR B 47 8.95 8.51 -2.31
CA THR B 47 9.08 7.51 -3.36
C THR B 47 10.16 7.94 -4.36
N MET B 48 10.36 9.26 -4.43
CA MET B 48 11.44 9.92 -5.18
C MET B 48 11.13 10.00 -6.69
N ASP B 49 9.98 9.46 -7.10
CA ASP B 49 9.60 9.44 -8.51
C ASP B 49 8.32 10.23 -8.79
N TYR B 50 8.11 10.62 -10.04
CA TYR B 50 6.90 11.33 -10.42
C TYR B 50 6.24 10.68 -11.64
N ARG B 51 4.91 10.58 -11.60
CA ARG B 51 4.16 10.00 -12.71
C ARG B 51 3.77 11.04 -13.76
N VAL B 52 4.02 10.71 -15.02
CA VAL B 52 3.51 11.50 -16.12
C VAL B 52 3.06 10.60 -17.25
N ASN B 53 1.86 10.83 -17.78
CA ASN B 53 1.43 10.10 -18.96
C ASN B 53 1.45 11.02 -20.18
N ILE B 54 2.09 10.56 -21.23
CA ILE B 54 2.41 11.41 -22.37
C ILE B 54 2.00 10.77 -23.69
N PHE B 55 1.59 11.61 -24.63
CA PHE B 55 1.56 11.21 -26.03
C PHE B 55 2.96 11.42 -26.60
N LEU B 56 3.47 10.38 -27.26
CA LEU B 56 4.76 10.45 -27.91
C LEU B 56 4.55 10.44 -29.41
N ARG B 57 4.97 11.52 -30.06
CA ARG B 57 4.85 11.63 -31.50
C ARG B 57 6.22 11.62 -32.15
N GLN B 58 6.56 10.53 -32.81
CA GLN B 58 7.85 10.44 -33.47
C GLN B 58 7.68 10.25 -34.98
N GLN B 59 8.47 11.03 -35.70
CA GLN B 59 8.40 11.14 -37.15
C GLN B 59 9.73 10.78 -37.81
N TRP B 60 9.71 9.73 -38.62
CA TRP B 60 10.88 9.33 -39.40
C TRP B 60 10.36 9.02 -40.79
N ASN B 61 11.11 9.38 -41.82
CA ASN B 61 10.69 8.99 -43.15
C ASN B 61 11.54 7.84 -43.66
N ASP B 62 10.89 6.90 -44.34
CA ASP B 62 11.61 5.90 -45.10
C ASP B 62 11.12 5.90 -46.55
N PRO B 63 12.05 5.77 -47.50
CA PRO B 63 11.75 5.86 -48.94
C PRO B 63 10.78 4.79 -49.41
N ARG B 64 10.94 3.59 -48.88
CA ARG B 64 10.21 2.41 -49.33
C ARG B 64 8.71 2.43 -49.05
N LEU B 65 8.29 3.07 -47.95
CA LEU B 65 6.86 3.19 -47.67
C LEU B 65 6.15 4.17 -48.59
N ALA B 66 6.91 5.12 -49.15
CA ALA B 66 6.33 6.16 -50.01
C ALA B 66 5.57 5.55 -51.18
N TYR B 67 4.38 6.11 -51.45
CA TYR B 67 3.50 5.59 -52.49
C TYR B 67 3.02 6.71 -53.41
N SER B 68 2.85 6.37 -54.68
CA SER B 68 2.32 7.32 -55.66
C SER B 68 0.82 7.12 -55.93
N GLU B 69 0.21 6.15 -55.25
CA GLU B 69 -1.13 5.68 -55.61
C GLU B 69 -2.28 6.66 -55.31
N TYR B 70 -2.39 7.11 -54.06
CA TYR B 70 -3.50 8.00 -53.69
C TYR B 70 -3.30 9.50 -53.95
N PRO B 71 -4.42 10.23 -54.10
CA PRO B 71 -4.45 11.70 -54.13
C PRO B 71 -4.07 12.33 -52.79
N ASP B 72 -4.51 11.75 -51.68
CA ASP B 72 -4.33 12.33 -50.36
C ASP B 72 -2.85 12.37 -49.96
N ASP B 73 -2.43 13.50 -49.37
CA ASP B 73 -1.05 13.68 -48.95
C ASP B 73 -0.68 12.69 -47.85
N SER B 74 -1.53 12.60 -46.84
CA SER B 74 -1.31 11.67 -45.74
C SER B 74 -2.46 10.67 -45.65
N LEU B 75 -2.13 9.39 -45.58
CA LEU B 75 -3.16 8.37 -45.40
C LEU B 75 -3.03 7.75 -44.01
N ASP B 76 -4.16 7.56 -43.34
CA ASP B 76 -4.15 7.00 -42.01
C ASP B 76 -4.25 5.47 -42.08
N LEU B 77 -3.17 4.80 -41.71
CA LEU B 77 -3.14 3.35 -41.67
C LEU B 77 -3.83 2.83 -40.41
N ASP B 78 -4.27 1.58 -40.46
CA ASP B 78 -4.86 0.91 -39.32
C ASP B 78 -3.84 0.76 -38.20
N PRO B 79 -4.28 0.89 -36.93
CA PRO B 79 -3.41 0.70 -35.77
C PRO B 79 -2.66 -0.64 -35.74
N SER B 80 -3.26 -1.71 -36.24
CA SER B 80 -2.59 -3.01 -36.28
C SER B 80 -1.47 -3.05 -37.32
N MET B 81 -1.68 -2.39 -38.45
CA MET B 81 -0.69 -2.30 -39.53
C MET B 81 0.67 -1.88 -39.00
N LEU B 82 0.61 -1.03 -37.98
CA LEU B 82 1.77 -0.52 -37.27
C LEU B 82 2.74 -1.58 -36.78
N ASP B 83 2.22 -2.72 -36.34
CA ASP B 83 3.07 -3.81 -35.88
C ASP B 83 3.95 -4.35 -37.01
N SER B 84 3.49 -4.20 -38.25
CA SER B 84 4.20 -4.70 -39.40
C SER B 84 5.37 -3.82 -39.85
N ILE B 85 5.17 -2.50 -39.85
CA ILE B 85 6.23 -1.61 -40.31
C ILE B 85 7.36 -1.53 -39.28
N TRP B 86 8.56 -1.21 -39.75
CA TRP B 86 9.67 -0.91 -38.87
C TRP B 86 9.35 0.29 -37.99
N LYS B 87 9.65 0.17 -36.71
CA LYS B 87 9.47 1.28 -35.79
C LYS B 87 10.80 1.70 -35.18
N PRO B 88 10.98 3.01 -34.95
CA PRO B 88 12.16 3.43 -34.21
C PRO B 88 12.05 2.94 -32.78
N ASP B 89 13.12 2.33 -32.28
CA ASP B 89 13.06 1.72 -30.96
C ASP B 89 13.57 2.67 -29.88
N LEU B 90 12.64 3.13 -29.05
CA LEU B 90 12.94 4.21 -28.12
C LEU B 90 12.47 3.93 -26.71
N PHE B 91 13.41 3.79 -25.77
CA PHE B 91 13.04 3.48 -24.40
C PHE B 91 13.43 4.64 -23.49
N PHE B 92 12.57 4.96 -22.54
CA PHE B 92 12.91 5.93 -21.52
C PHE B 92 13.95 5.30 -20.60
N ALA B 93 15.09 5.99 -20.44
CA ALA B 93 16.24 5.41 -19.74
C ALA B 93 16.01 5.25 -18.24
N ASN B 94 15.42 6.27 -17.63
CA ASN B 94 15.15 6.31 -16.20
C ASN B 94 13.74 5.81 -15.86
N GLU B 95 13.08 5.23 -16.87
CA GLU B 95 11.65 4.91 -16.82
C GLU B 95 11.12 4.15 -15.59
N LYS B 96 11.96 3.37 -14.91
CA LYS B 96 11.57 2.73 -13.64
C LYS B 96 10.26 1.93 -13.81
N GLY B 97 9.99 1.51 -15.04
CA GLY B 97 8.78 0.84 -15.42
C GLY B 97 7.73 1.77 -16.01
N ALA B 98 7.03 1.30 -17.03
CA ALA B 98 6.05 2.12 -17.75
C ALA B 98 5.06 1.22 -18.45
N ASN B 99 3.86 1.71 -18.72
CA ASN B 99 2.89 0.85 -19.41
C ASN B 99 2.09 1.58 -20.49
N PHE B 100 1.77 0.86 -21.56
CA PHE B 100 0.81 1.31 -22.55
C PHE B 100 -0.60 1.31 -21.96
N HIS B 101 -1.50 2.06 -22.59
CA HIS B 101 -2.92 1.94 -22.28
C HIS B 101 -3.63 1.27 -23.45
N GLU B 102 -4.05 0.03 -23.24
CA GLU B 102 -4.66 -0.77 -24.27
C GLU B 102 -6.20 -0.76 -24.15
N VAL B 103 -6.73 0.03 -23.22
CA VAL B 103 -8.18 0.08 -22.97
C VAL B 103 -8.97 0.36 -24.24
N THR B 104 -10.04 -0.40 -24.41
CA THR B 104 -10.80 -0.48 -25.67
C THR B 104 -9.80 -0.94 -26.74
N THR B 105 -9.61 -0.13 -27.76
CA THR B 105 -8.56 -0.40 -28.74
C THR B 105 -7.21 -0.09 -28.10
N ASP B 106 -6.15 -0.63 -28.67
CA ASP B 106 -4.80 -0.22 -28.27
C ASP B 106 -4.67 1.25 -28.69
N ASN B 107 -4.06 2.10 -27.87
CA ASN B 107 -4.10 3.51 -28.23
C ASN B 107 -2.84 3.88 -28.96
N LYS B 108 -2.94 3.94 -30.28
CA LYS B 108 -1.81 4.19 -31.15
C LYS B 108 -2.36 4.85 -32.41
N LEU B 109 -1.63 5.82 -32.93
CA LEU B 109 -2.04 6.57 -34.12
C LEU B 109 -0.92 6.66 -35.13
N LEU B 110 -1.13 6.10 -36.31
CA LEU B 110 -0.09 6.16 -37.32
C LEU B 110 -0.62 6.59 -38.68
N ARG B 111 0.18 7.40 -39.37
CA ARG B 111 -0.19 7.87 -40.70
C ARG B 111 1.05 8.01 -41.59
N ILE B 112 0.89 7.62 -42.86
CA ILE B 112 2.00 7.71 -43.81
C ILE B 112 1.71 8.77 -44.87
N SER B 113 2.62 9.74 -44.97
CA SER B 113 2.56 10.73 -46.03
C SER B 113 3.11 10.14 -47.33
N LYS B 114 2.57 10.59 -48.46
CA LYS B 114 3.01 10.13 -49.78
C LYS B 114 4.51 10.40 -49.96
N ASN B 115 4.99 11.45 -49.30
CA ASN B 115 6.40 11.82 -49.29
C ASN B 115 7.20 10.67 -48.69
N GLY B 116 6.56 9.93 -47.79
CA GLY B 116 7.23 8.87 -47.08
C GLY B 116 7.48 9.24 -45.63
N ASN B 117 7.03 10.43 -45.24
CA ASN B 117 7.10 10.84 -43.85
C ASN B 117 6.11 10.00 -43.05
N VAL B 118 6.56 9.47 -41.92
CA VAL B 118 5.69 8.65 -41.09
C VAL B 118 5.44 9.36 -39.78
N LEU B 119 4.18 9.47 -39.39
CA LEU B 119 3.83 10.02 -38.09
C LEU B 119 3.34 8.90 -37.20
N TYR B 120 4.00 8.74 -36.06
CA TYR B 120 3.68 7.67 -35.13
C TYR B 120 3.47 8.17 -33.71
N SER B 121 2.30 7.89 -33.16
CA SER B 121 1.89 8.47 -31.89
C SER B 121 1.40 7.39 -30.92
N ILE B 122 1.92 7.41 -29.71
CA ILE B 122 1.47 6.43 -28.71
C ILE B 122 1.21 7.07 -27.36
N ARG B 123 0.25 6.53 -26.63
CA ARG B 123 -0.05 7.05 -25.30
C ARG B 123 0.53 6.13 -24.23
N ILE B 124 1.41 6.71 -23.42
CA ILE B 124 2.17 5.93 -22.45
C ILE B 124 1.98 6.50 -21.06
N THR B 125 1.96 5.63 -20.04
CA THR B 125 2.10 6.12 -18.68
C THR B 125 3.48 5.78 -18.16
N LEU B 126 4.15 6.83 -17.67
CA LEU B 126 5.51 6.75 -17.17
C LEU B 126 5.56 7.02 -15.69
N VAL B 127 6.32 6.21 -14.98
CA VAL B 127 6.81 6.58 -13.66
C VAL B 127 8.23 7.00 -13.93
N LEU B 128 8.67 8.14 -13.40
CA LEU B 128 10.03 8.57 -13.70
C LEU B 128 10.78 8.88 -12.42
N ALA B 129 11.94 8.26 -12.26
CA ALA B 129 12.74 8.53 -11.08
C ALA B 129 13.67 9.66 -11.42
N CYS B 130 13.37 10.84 -10.87
CA CYS B 130 14.23 12.00 -11.00
C CYS B 130 14.98 12.22 -9.71
N PRO B 131 16.30 12.41 -9.80
CA PRO B 131 17.02 12.81 -8.59
C PRO B 131 16.63 14.23 -8.22
N MET B 132 16.33 14.48 -6.95
CA MET B 132 15.95 15.83 -6.53
C MET B 132 16.70 16.29 -5.28
N ASP B 133 17.31 17.46 -5.38
CA ASP B 133 18.09 18.03 -4.28
C ASP B 133 17.20 18.82 -3.32
N LEU B 134 17.25 18.42 -2.05
CA LEU B 134 16.43 19.02 -0.99
C LEU B 134 17.16 20.08 -0.17
N LYS B 135 18.35 20.49 -0.61
CA LYS B 135 19.25 21.34 0.18
C LYS B 135 18.53 22.50 0.89
N ASN B 136 17.58 23.13 0.21
CA ASN B 136 16.57 23.93 0.90
C ASN B 136 15.17 23.39 0.56
N PHE B 137 14.55 22.69 1.49
CA PHE B 137 13.34 21.94 1.15
C PHE B 137 12.02 22.68 0.88
N PRO B 138 11.56 23.52 1.84
CA PRO B 138 10.16 23.94 1.70
C PRO B 138 9.86 24.71 0.42
N MET B 139 10.70 25.68 0.11
CA MET B 139 10.52 26.58 -1.03
C MET B 139 11.34 26.28 -2.30
N ASP B 140 12.01 25.14 -2.35
CA ASP B 140 12.93 24.82 -3.46
C ASP B 140 12.31 24.76 -4.86
N VAL B 141 13.17 24.95 -5.85
CA VAL B 141 12.84 24.67 -7.24
C VAL B 141 13.44 23.30 -7.60
N GLN B 142 12.61 22.40 -8.11
CA GLN B 142 13.10 21.08 -8.49
C GLN B 142 13.00 20.84 -9.99
N THR B 143 14.06 20.27 -10.55
CA THR B 143 14.11 19.97 -11.97
C THR B 143 13.90 18.48 -12.21
N CYS B 144 12.91 18.15 -13.03
CA CYS B 144 12.57 16.78 -13.33
C CYS B 144 12.87 16.50 -14.78
N ILE B 145 13.67 15.47 -15.04
CA ILE B 145 14.19 15.26 -16.38
C ILE B 145 13.78 13.91 -16.93
N MET B 146 13.46 13.89 -18.22
CA MET B 146 13.20 12.64 -18.91
C MET B 146 14.03 12.58 -20.18
N GLN B 147 14.79 11.50 -20.29
CA GLN B 147 15.70 11.29 -21.40
C GLN B 147 15.35 10.04 -22.22
N LEU B 148 15.13 10.27 -23.50
CA LEU B 148 14.69 9.27 -24.45
C LEU B 148 15.89 8.77 -25.24
N GLU B 149 16.23 7.49 -25.08
CA GLU B 149 17.41 6.93 -25.72
C GLU B 149 17.08 5.71 -26.56
N SER B 150 17.88 5.45 -27.59
CA SER B 150 17.70 4.29 -28.44
C SER B 150 18.62 3.16 -28.01
N PHE B 151 18.02 2.10 -27.48
CA PHE B 151 18.77 0.97 -26.95
C PHE B 151 19.26 0.07 -28.06
N GLY B 152 18.52 0.07 -29.17
CA GLY B 152 18.84 -0.77 -30.30
C GLY B 152 20.07 -0.46 -31.12
N TYR B 153 20.19 0.78 -31.60
CA TYR B 153 21.25 1.04 -32.58
C TYR B 153 22.18 2.15 -32.10
N THR B 154 23.38 2.19 -32.66
CA THR B 154 24.37 3.21 -32.33
C THR B 154 24.06 4.57 -32.97
N MET B 155 24.94 5.53 -32.74
CA MET B 155 24.82 6.89 -33.28
C MET B 155 24.80 6.92 -34.80
N ASN B 156 25.65 6.12 -35.43
CA ASN B 156 25.74 6.10 -36.89
C ASN B 156 24.47 5.54 -37.56
N ASP B 157 23.74 4.69 -36.86
CA ASP B 157 22.48 4.14 -37.37
C ASP B 157 21.25 5.02 -37.16
N LEU B 158 21.12 5.61 -35.98
CA LEU B 158 19.91 6.35 -35.63
C LEU B 158 20.22 7.63 -34.84
N ILE B 159 19.35 8.63 -34.96
CA ILE B 159 19.50 9.91 -34.26
C ILE B 159 18.13 10.42 -33.82
N PHE B 160 18.08 11.10 -32.68
CA PHE B 160 16.85 11.77 -32.24
C PHE B 160 17.02 13.28 -32.22
N GLU B 161 16.01 13.98 -32.75
CA GLU B 161 16.01 15.43 -32.81
C GLU B 161 14.66 15.96 -32.36
N TRP B 162 14.64 16.94 -31.48
CA TRP B 162 13.37 17.56 -31.08
C TRP B 162 12.83 18.34 -32.27
N ASP B 163 11.50 18.49 -32.33
CA ASP B 163 10.89 19.25 -33.41
C ASP B 163 11.24 20.72 -33.23
N GLU B 164 11.65 21.38 -34.31
CA GLU B 164 12.15 22.75 -34.27
C GLU B 164 11.18 23.72 -33.59
N LYS B 165 9.87 23.51 -33.80
CA LYS B 165 8.86 24.32 -33.15
C LYS B 165 7.91 23.47 -32.32
N GLY B 166 7.72 23.84 -31.06
CA GLY B 166 6.79 23.15 -30.19
C GLY B 166 7.10 21.68 -29.93
N ALA B 167 8.31 21.41 -29.45
CA ALA B 167 8.74 20.03 -29.19
C ALA B 167 8.03 19.41 -27.98
N VAL B 168 7.73 20.19 -26.95
CA VAL B 168 6.95 19.67 -25.85
C VAL B 168 5.72 20.54 -25.60
N GLN B 169 4.54 19.92 -25.60
CA GLN B 169 3.34 20.67 -25.27
C GLN B 169 2.73 20.13 -23.98
N VAL B 170 1.96 20.99 -23.32
CA VAL B 170 1.35 20.65 -22.04
C VAL B 170 -0.16 20.78 -22.24
N ALA B 171 -0.94 20.07 -21.42
CA ALA B 171 -2.39 20.20 -21.46
C ALA B 171 -2.77 21.64 -21.19
N ASP B 172 -3.81 22.11 -21.87
CA ASP B 172 -4.23 23.50 -21.77
C ASP B 172 -4.67 23.83 -20.34
N GLY B 173 -5.34 22.87 -19.71
CA GLY B 173 -5.82 23.05 -18.35
C GLY B 173 -5.06 22.36 -17.23
N LEU B 174 -3.79 22.03 -17.47
CA LEU B 174 -3.04 21.21 -16.51
C LEU B 174 -2.52 22.03 -15.33
N THR B 175 -2.83 21.55 -14.13
CA THR B 175 -2.30 22.13 -12.91
C THR B 175 -1.82 21.04 -11.95
N LEU B 176 -0.80 21.35 -11.17
CA LEU B 176 -0.32 20.45 -10.14
C LEU B 176 -0.66 21.02 -8.78
N PRO B 177 -1.33 20.22 -7.93
CA PRO B 177 -1.74 20.71 -6.61
C PRO B 177 -0.56 21.14 -5.74
N GLN B 178 0.52 20.37 -5.75
CA GLN B 178 1.70 20.70 -4.94
C GLN B 178 2.65 21.72 -5.58
N PHE B 179 2.94 21.60 -6.88
CA PHE B 179 3.94 22.49 -7.48
C PHE B 179 3.30 23.28 -8.62
N ILE B 180 3.98 24.34 -9.07
CA ILE B 180 3.64 24.96 -10.35
C ILE B 180 4.75 24.76 -11.37
N LEU B 181 4.35 24.34 -12.57
CA LEU B 181 5.25 24.17 -13.69
C LEU B 181 5.54 25.52 -14.34
N LYS B 182 6.76 25.70 -14.85
CA LYS B 182 7.15 26.97 -15.45
C LYS B 182 7.06 26.89 -16.97
N GLU B 183 6.54 27.96 -17.58
CA GLU B 183 6.35 28.03 -19.02
C GLU B 183 7.64 27.79 -19.79
N GLU B 184 8.74 28.38 -19.30
CA GLU B 184 10.04 28.19 -19.92
C GLU B 184 10.51 26.76 -19.73
N LYS B 185 10.78 26.07 -20.83
CA LYS B 185 11.19 24.67 -20.77
C LYS B 185 12.50 24.49 -21.52
N ASP B 186 13.48 23.89 -20.86
CA ASP B 186 14.77 23.71 -21.49
C ASP B 186 14.80 22.34 -22.15
N LEU B 187 15.41 22.26 -23.33
CA LEU B 187 15.53 21.02 -24.06
C LEU B 187 16.98 20.83 -24.44
N ARG B 188 17.62 19.73 -24.07
CA ARG B 188 19.01 19.65 -24.47
C ARG B 188 19.47 18.24 -24.84
N TYR B 189 20.32 18.17 -25.86
CA TYR B 189 20.88 16.89 -26.27
C TYR B 189 21.73 16.25 -25.20
N CYS B 190 21.85 14.94 -25.31
CA CYS B 190 22.80 14.16 -24.55
C CYS B 190 23.29 13.07 -25.47
N THR B 191 24.50 12.57 -25.22
CA THR B 191 24.96 11.39 -25.92
C THR B 191 25.44 10.39 -24.88
N LYS B 192 24.93 9.16 -24.96
CA LYS B 192 25.33 8.16 -23.97
C LYS B 192 26.46 7.27 -24.48
N HIS B 193 27.53 7.20 -23.71
CA HIS B 193 28.60 6.26 -23.99
C HIS B 193 28.52 5.04 -23.07
N TYR B 194 28.33 3.88 -23.69
CA TYR B 194 28.29 2.62 -23.00
C TYR B 194 29.36 1.72 -23.57
N ASN B 195 29.67 0.64 -22.88
CA ASN B 195 30.68 -0.31 -23.33
C ASN B 195 30.36 -0.86 -24.72
N THR B 196 29.07 -1.02 -25.01
CA THR B 196 28.62 -1.54 -26.30
C THR B 196 28.86 -0.54 -27.44
N GLY B 197 28.58 0.74 -27.18
CA GLY B 197 28.75 1.78 -28.17
C GLY B 197 28.11 3.08 -27.73
N LYS B 198 27.98 4.04 -28.64
CA LYS B 198 27.36 5.31 -28.30
C LYS B 198 25.91 5.37 -28.80
N PHE B 199 25.00 5.65 -27.87
CA PHE B 199 23.58 5.66 -28.16
C PHE B 199 23.03 7.08 -28.01
N THR B 200 22.17 7.46 -28.95
CA THR B 200 21.58 8.78 -28.96
C THR B 200 20.55 8.92 -27.86
N CYS B 201 20.47 10.10 -27.28
CA CYS B 201 19.40 10.40 -26.33
C CYS B 201 19.03 11.87 -26.43
N ILE B 202 17.76 12.16 -26.17
CA ILE B 202 17.34 13.55 -26.09
C ILE B 202 16.57 13.72 -24.79
N GLU B 203 16.86 14.79 -24.05
CA GLU B 203 16.15 14.97 -22.79
C GLU B 203 15.47 16.32 -22.67
N ALA B 204 14.22 16.24 -22.20
CA ALA B 204 13.46 17.40 -21.79
C ALA B 204 13.81 17.80 -20.37
N ARG B 205 13.62 19.08 -20.06
CA ARG B 205 13.67 19.56 -18.69
C ARG B 205 12.29 20.05 -18.26
N PHE B 206 11.93 19.75 -17.02
CA PHE B 206 10.76 20.38 -16.42
C PHE B 206 11.19 21.10 -15.15
N HIS B 207 10.75 22.33 -14.98
CA HIS B 207 11.04 23.07 -13.76
C HIS B 207 9.78 23.24 -12.93
N LEU B 208 9.86 22.85 -11.67
CA LEU B 208 8.71 22.89 -10.79
C LEU B 208 9.01 23.70 -9.54
N GLU B 209 8.09 24.58 -9.16
CA GLU B 209 8.29 25.37 -7.95
C GLU B 209 7.25 25.04 -6.87
N ARG B 210 7.74 24.75 -5.68
CA ARG B 210 6.91 24.46 -4.52
C ARG B 210 5.96 25.57 -4.10
N GLN B 211 4.69 25.19 -3.93
CA GLN B 211 3.68 26.08 -3.40
C GLN B 211 3.91 26.36 -1.92
N MET B 212 3.99 27.64 -1.57
CA MET B 212 4.31 28.05 -0.21
C MET B 212 3.08 28.18 0.68
N GLY B 213 1.89 28.06 0.09
CA GLY B 213 0.67 28.21 0.86
C GLY B 213 0.52 27.15 1.95
N TYR B 214 0.56 25.90 1.53
CA TYR B 214 0.38 24.78 2.45
C TYR B 214 1.43 24.75 3.55
N TYR B 215 2.70 24.91 3.19
CA TYR B 215 3.76 24.88 4.19
C TYR B 215 3.71 26.08 5.11
N LEU B 216 3.25 27.22 4.60
CA LEU B 216 3.12 28.39 5.46
C LEU B 216 2.05 28.09 6.50
N ILE B 217 0.89 27.65 6.03
CA ILE B 217 -0.26 27.39 6.90
C ILE B 217 0.00 26.28 7.92
N GLN B 218 0.70 25.24 7.47
CA GLN B 218 0.91 24.04 8.26
C GLN B 218 2.20 24.12 9.10
N MET B 219 3.33 24.29 8.42
CA MET B 219 4.63 24.26 9.10
C MET B 219 4.97 25.48 9.96
N TYR B 220 4.89 26.68 9.38
CA TYR B 220 5.42 27.88 10.02
C TYR B 220 4.53 28.53 11.08
N ILE B 221 3.23 28.66 10.78
CA ILE B 221 2.31 29.36 11.67
C ILE B 221 2.22 28.73 13.06
N PRO B 222 2.05 27.39 13.17
CA PRO B 222 2.03 26.81 14.51
C PRO B 222 3.31 27.06 15.29
N SER B 223 4.43 27.09 14.60
CA SER B 223 5.70 27.43 15.23
C SER B 223 5.61 28.83 15.81
N LEU B 224 5.15 29.78 15.00
CA LEU B 224 4.98 31.16 15.47
C LEU B 224 4.13 31.22 16.73
N LEU B 225 3.02 30.49 16.70
CA LEU B 225 2.06 30.46 17.81
C LEU B 225 2.70 29.94 19.09
N ILE B 226 3.35 28.79 18.98
CA ILE B 226 4.03 28.17 20.10
C ILE B 226 5.09 29.12 20.68
N VAL B 227 5.79 29.83 19.80
CA VAL B 227 6.77 30.80 20.27
C VAL B 227 6.08 31.95 21.01
N ILE B 228 4.87 32.30 20.59
CA ILE B 228 4.07 33.28 21.31
C ILE B 228 3.77 32.80 22.74
N LEU B 229 3.50 31.50 22.88
CA LEU B 229 3.19 30.95 24.20
C LEU B 229 4.29 31.15 25.26
N SER B 230 5.55 31.14 24.85
CA SER B 230 6.64 31.43 25.79
C SER B 230 6.52 32.86 26.26
N TRP B 231 6.25 33.74 25.31
CA TRP B 231 6.11 35.17 25.55
C TRP B 231 5.00 35.43 26.56
N VAL B 232 3.87 34.77 26.40
CA VAL B 232 2.80 34.94 27.38
C VAL B 232 3.20 34.26 28.70
N SER B 233 4.07 33.25 28.63
CA SER B 233 4.50 32.58 29.84
C SER B 233 5.30 33.52 30.74
N PHE B 234 6.13 34.38 30.16
CA PHE B 234 7.00 35.26 30.97
C PHE B 234 6.25 36.13 31.98
N TRP B 235 5.03 36.54 31.63
CA TRP B 235 4.33 37.53 32.45
C TRP B 235 3.86 36.98 33.78
N ILE B 236 3.47 35.70 33.80
CA ILE B 236 3.08 35.03 35.04
C ILE B 236 4.22 35.14 36.05
N ASN B 237 3.88 35.41 37.30
CA ASN B 237 4.88 35.59 38.36
C ASN B 237 5.81 34.39 38.48
N MET B 238 7.05 34.64 38.87
CA MET B 238 7.99 33.53 39.02
C MET B 238 7.64 32.68 40.24
N ASP B 239 6.86 33.25 41.16
CA ASP B 239 6.45 32.54 42.36
C ASP B 239 5.75 31.23 42.04
N ALA B 240 4.96 31.21 40.98
CA ALA B 240 4.35 29.96 40.57
C ALA B 240 5.29 29.32 39.56
N ALA B 241 6.07 28.36 40.04
CA ALA B 241 7.01 27.60 39.23
C ALA B 241 6.32 26.67 38.23
N PRO B 242 5.24 26.04 38.66
CA PRO B 242 4.53 25.08 37.80
C PRO B 242 3.97 25.66 36.50
N ALA B 243 3.42 26.86 36.56
CA ALA B 243 2.86 27.49 35.37
C ALA B 243 3.95 27.76 34.34
N ARG B 244 5.10 28.19 34.82
CA ARG B 244 6.25 28.49 33.96
C ARG B 244 6.93 27.24 33.43
N VAL B 245 7.12 26.27 34.31
CA VAL B 245 7.73 25.00 33.97
C VAL B 245 6.77 24.23 33.06
N GLY B 246 5.48 24.36 33.35
CA GLY B 246 4.45 23.74 32.53
C GLY B 246 4.42 24.28 31.12
N LEU B 247 4.42 25.60 30.99
CA LEU B 247 4.47 26.23 29.67
C LEU B 247 5.77 25.93 28.93
N GLY B 248 6.90 26.01 29.61
CA GLY B 248 8.18 25.74 28.97
C GLY B 248 8.29 24.32 28.46
N ILE B 249 7.99 23.36 29.34
CA ILE B 249 8.02 21.95 28.97
C ILE B 249 7.03 21.66 27.86
N THR B 250 5.78 22.04 28.06
CA THR B 250 4.75 21.72 27.09
C THR B 250 5.11 22.26 25.71
N THR B 251 5.54 23.52 25.68
CA THR B 251 5.96 24.14 24.42
C THR B 251 7.16 23.44 23.77
N VAL B 252 8.16 23.05 24.56
CA VAL B 252 9.33 22.41 23.96
C VAL B 252 8.93 21.03 23.39
N LEU B 253 8.03 20.34 24.09
CA LEU B 253 7.54 19.05 23.62
C LEU B 253 6.80 19.20 22.30
N THR B 254 5.86 20.15 22.29
CA THR B 254 5.08 20.40 21.08
C THR B 254 6.00 20.77 19.92
N MET B 255 7.04 21.55 20.20
CA MET B 255 8.00 21.88 19.14
C MET B 255 8.70 20.63 18.62
N THR B 256 9.02 19.71 19.53
CA THR B 256 9.60 18.43 19.13
C THR B 256 8.68 17.67 18.16
N THR B 257 7.41 17.56 18.55
CA THR B 257 6.41 16.87 17.73
C THR B 257 6.24 17.53 16.35
N GLN B 258 6.07 18.85 16.37
CA GLN B 258 5.94 19.65 15.15
C GLN B 258 7.13 19.38 14.23
N SER B 259 8.32 19.28 14.83
CA SER B 259 9.54 19.04 14.07
C SER B 259 9.55 17.67 13.40
N SER B 260 9.16 16.63 14.14
CA SER B 260 9.10 15.29 13.57
C SER B 260 8.08 15.19 12.41
N GLY B 261 6.95 15.86 12.61
CA GLY B 261 5.88 15.89 11.61
C GLY B 261 6.35 16.28 10.22
N SER B 262 7.29 17.21 10.15
CA SER B 262 7.86 17.65 8.89
C SER B 262 8.66 16.51 8.26
N ARG B 263 9.40 15.81 9.12
CA ARG B 263 10.26 14.69 8.74
C ARG B 263 9.55 13.49 8.14
N ALA B 264 8.36 13.20 8.64
CA ALA B 264 7.60 12.03 8.17
C ALA B 264 7.29 12.08 6.69
N SER B 265 6.96 13.25 6.16
CA SER B 265 6.63 13.34 4.73
C SER B 265 7.84 13.12 3.83
N LEU B 266 9.00 13.60 4.26
CA LEU B 266 10.20 13.60 3.41
C LEU B 266 10.99 12.30 3.39
N PRO B 267 11.76 12.09 2.30
CA PRO B 267 12.66 10.94 2.28
C PRO B 267 13.83 11.20 3.20
N LYS B 268 14.40 10.13 3.74
CA LYS B 268 15.51 10.27 4.67
C LYS B 268 16.74 10.79 3.94
N VAL B 269 17.30 11.88 4.48
CA VAL B 269 18.35 12.63 3.79
C VAL B 269 19.45 13.08 4.77
N SER B 270 20.69 13.04 4.32
CA SER B 270 21.84 13.35 5.17
C SER B 270 22.01 14.86 5.42
N TYR B 271 21.95 15.65 4.36
CA TYR B 271 22.18 17.10 4.49
C TYR B 271 21.02 17.83 5.16
N VAL B 272 21.36 18.89 5.90
CA VAL B 272 20.37 19.64 6.68
C VAL B 272 19.40 20.40 5.77
N LYS B 273 18.12 20.17 6.01
CA LYS B 273 17.05 20.86 5.29
C LYS B 273 16.83 22.24 5.89
N ALA B 274 16.34 23.19 5.09
CA ALA B 274 16.06 24.53 5.57
C ALA B 274 15.04 24.49 6.71
N ILE B 275 14.06 23.61 6.54
CA ILE B 275 13.03 23.41 7.54
C ILE B 275 13.68 23.05 8.87
N ASP B 276 14.80 22.33 8.81
CA ASP B 276 15.51 21.93 10.01
C ASP B 276 16.19 23.10 10.73
N ILE B 277 16.72 24.06 9.98
CA ILE B 277 17.38 25.19 10.64
C ILE B 277 16.27 26.02 11.27
N TRP B 278 15.12 26.12 10.59
CA TRP B 278 13.97 26.81 11.17
C TRP B 278 13.51 26.15 12.49
N MET B 279 13.43 24.83 12.48
CA MET B 279 12.99 24.12 13.67
C MET B 279 14.02 24.26 14.78
N ALA B 280 15.29 24.21 14.41
CA ALA B 280 16.38 24.30 15.35
C ALA B 280 16.37 25.65 16.06
N VAL B 281 16.10 26.72 15.31
CA VAL B 281 16.08 28.04 15.92
C VAL B 281 14.83 28.23 16.78
N CYS B 282 13.69 27.74 16.32
CA CYS B 282 12.47 27.90 17.12
C CYS B 282 12.62 27.17 18.46
N LEU B 283 13.11 25.94 18.37
CA LEU B 283 13.32 25.10 19.53
C LEU B 283 14.39 25.72 20.43
N LEU B 284 15.38 26.36 19.80
CA LEU B 284 16.44 27.04 20.54
C LEU B 284 15.87 28.19 21.34
N PHE B 285 14.88 28.88 20.78
CA PHE B 285 14.26 30.00 21.48
C PHE B 285 13.37 29.56 22.63
N VAL B 286 12.54 28.54 22.42
CA VAL B 286 11.72 28.06 23.54
C VAL B 286 12.61 27.50 24.66
N PHE B 287 13.65 26.77 24.26
CA PHE B 287 14.59 26.21 25.23
C PHE B 287 15.33 27.31 25.98
N SER B 288 15.67 28.38 25.27
CA SER B 288 16.35 29.51 25.89
C SER B 288 15.43 30.25 26.85
N ALA B 289 14.13 30.25 26.53
CA ALA B 289 13.14 30.87 27.40
C ALA B 289 13.06 30.11 28.71
N LEU B 290 12.92 28.78 28.62
CA LEU B 290 12.89 27.94 29.82
C LEU B 290 14.20 28.10 30.59
N LEU B 291 15.29 28.24 29.85
CA LEU B 291 16.63 28.38 30.43
C LEU B 291 16.72 29.66 31.26
N GLU B 292 16.22 30.75 30.71
CA GLU B 292 16.16 32.03 31.41
C GLU B 292 15.30 31.92 32.65
N TYR B 293 14.17 31.21 32.56
CA TYR B 293 13.36 31.03 33.76
C TYR B 293 14.13 30.25 34.82
N ALA B 294 14.91 29.27 34.39
CA ALA B 294 15.73 28.48 35.28
C ALA B 294 16.78 29.32 36.00
N ALA B 295 17.41 30.23 35.25
CA ALA B 295 18.40 31.14 35.84
C ALA B 295 17.75 32.07 36.86
N VAL B 296 16.60 32.61 36.48
CA VAL B 296 15.81 33.47 37.36
C VAL B 296 15.48 32.75 38.64
N ASN B 297 15.18 31.46 38.55
CA ASN B 297 14.93 30.65 39.76
C ASN B 297 16.18 30.41 40.57
N PHE B 298 17.31 30.22 39.88
CA PHE B 298 18.57 30.01 40.58
C PHE B 298 18.90 31.23 41.44
N ILE B 299 18.56 32.41 40.92
CA ILE B 299 18.73 33.64 41.69
C ILE B 299 17.63 33.79 42.76
N ALA B 300 16.41 33.37 42.41
CA ALA B 300 15.23 33.58 43.26
C ALA B 300 15.12 32.60 44.41
N ARG B 301 15.34 31.33 44.14
CA ARG B 301 15.26 30.29 45.16
C ARG B 301 16.46 30.37 46.10
N ALA B 302 17.42 31.22 45.73
CA ALA B 302 18.67 31.35 46.46
C ALA B 302 18.58 32.16 47.76
N GLY B 303 17.81 33.25 47.76
CA GLY B 303 18.09 34.29 48.74
C GLY B 303 17.39 35.65 48.68
N THR B 304 18.14 36.64 49.14
CA THR B 304 17.70 37.99 49.46
C THR B 304 16.87 38.71 48.38
N LYS B 305 15.90 39.50 48.83
CA LYS B 305 14.99 40.27 47.97
C LYS B 305 15.65 41.23 46.98
N LEU B 306 16.86 41.69 47.26
CA LEU B 306 17.56 42.54 46.31
C LEU B 306 17.76 41.77 44.99
N PHE B 307 18.15 40.51 45.15
CA PHE B 307 18.26 39.60 44.02
C PHE B 307 16.91 39.37 43.33
N ILE B 308 15.83 39.33 44.09
CA ILE B 308 14.51 39.07 43.50
C ILE B 308 14.10 40.28 42.67
N SER B 309 14.52 41.48 43.10
CA SER B 309 14.27 42.68 42.33
C SER B 309 15.09 42.64 41.04
N ARG B 310 16.33 42.19 41.16
CA ARG B 310 17.21 42.01 40.01
C ARG B 310 16.52 41.11 38.97
N ALA B 311 15.92 40.02 39.47
CA ALA B 311 15.21 39.06 38.63
C ALA B 311 13.94 39.64 38.01
N LYS B 312 13.23 40.49 38.76
CA LYS B 312 12.05 41.13 38.18
C LYS B 312 12.47 42.09 37.07
N ARG B 313 13.69 42.62 37.16
CA ARG B 313 14.27 43.37 36.06
C ARG B 313 14.55 42.49 34.84
N ILE B 314 15.22 41.35 35.07
CA ILE B 314 15.57 40.47 33.95
C ILE B 314 14.31 39.94 33.27
N ASP B 315 13.21 39.83 34.00
CA ASP B 315 11.94 39.39 33.40
C ASP B 315 11.51 40.36 32.30
N THR B 316 11.42 41.64 32.65
CA THR B 316 10.98 42.66 31.70
C THR B 316 11.94 42.77 30.52
N VAL B 317 13.23 42.90 30.81
CA VAL B 317 14.19 43.09 29.74
C VAL B 317 14.21 41.86 28.81
N SER B 318 13.98 40.68 29.37
CA SER B 318 13.91 39.47 28.56
C SER B 318 12.67 39.49 27.66
N ARG B 319 11.50 39.79 28.25
CA ARG B 319 10.25 39.78 27.50
C ARG B 319 10.34 40.78 26.35
N VAL B 320 11.13 41.83 26.53
CA VAL B 320 11.37 42.78 25.45
C VAL B 320 12.37 42.20 24.45
N ALA B 321 13.31 41.39 24.94
CA ALA B 321 14.38 40.85 24.12
C ALA B 321 13.92 39.76 23.13
N PHE B 322 13.14 38.80 23.61
CA PHE B 322 12.77 37.63 22.80
C PHE B 322 12.00 37.94 21.49
N PRO B 323 11.00 38.83 21.53
CA PRO B 323 10.36 39.13 20.24
C PRO B 323 11.32 39.78 19.27
N LEU B 324 12.28 40.55 19.78
CA LEU B 324 13.26 41.20 18.92
C LEU B 324 14.25 40.20 18.31
N VAL B 325 14.77 39.29 19.12
CA VAL B 325 15.73 38.31 18.60
C VAL B 325 15.02 37.37 17.61
N PHE B 326 13.77 37.01 17.91
CA PHE B 326 13.04 36.12 17.02
C PHE B 326 12.68 36.83 15.72
N LEU B 327 12.29 38.09 15.83
CA LEU B 327 11.89 38.87 14.67
C LEU B 327 13.09 39.13 13.75
N ILE B 328 14.23 39.50 14.34
CA ILE B 328 15.43 39.76 13.57
C ILE B 328 15.91 38.46 12.92
N PHE B 329 15.81 37.35 13.64
CA PHE B 329 16.17 36.08 13.01
C PHE B 329 15.27 35.83 11.82
N ASN B 330 13.97 36.02 12.01
CA ASN B 330 12.99 35.73 10.97
C ASN B 330 13.35 36.51 9.71
N ILE B 331 13.55 37.82 9.89
CA ILE B 331 13.94 38.70 8.80
C ILE B 331 15.20 38.21 8.10
N PHE B 332 16.19 37.81 8.90
CA PHE B 332 17.49 37.46 8.36
C PHE B 332 17.35 36.14 7.57
N TYR B 333 16.42 35.30 8.04
CA TYR B 333 16.13 33.99 7.49
C TYR B 333 15.44 34.03 6.12
N TRP B 334 14.36 34.80 6.00
CA TRP B 334 13.56 34.75 4.78
C TRP B 334 14.32 35.22 3.53
N ILE B 335 15.21 36.18 3.71
CA ILE B 335 15.92 36.78 2.58
C ILE B 335 16.72 35.76 1.79
N THR B 336 17.45 34.90 2.49
CA THR B 336 18.31 33.93 1.82
C THR B 336 17.51 32.95 0.96
N TYR B 337 16.49 32.35 1.54
CA TYR B 337 15.76 31.30 0.86
C TYR B 337 14.68 31.77 -0.13
N LYS B 338 13.84 32.71 0.26
CA LYS B 338 12.72 33.08 -0.62
C LYS B 338 13.04 34.33 -1.44
N LEU B 339 14.19 34.95 -1.18
CA LEU B 339 14.59 36.13 -1.94
C LEU B 339 15.97 35.91 -2.54
N VAL B 340 16.25 36.62 -3.64
CA VAL B 340 17.47 36.42 -4.42
C VAL B 340 17.72 34.94 -4.71
N PRO B 341 16.71 34.23 -5.23
CA PRO B 341 16.86 32.77 -5.38
C PRO B 341 17.79 32.38 -6.52
N ARG B 342 18.59 31.34 -6.29
CA ARG B 342 19.55 30.85 -7.28
C ARG B 342 20.45 31.96 -7.82
N ALA C 1 17.95 -8.69 -50.66
CA ALA C 1 19.30 -9.13 -50.33
C ALA C 1 19.61 -9.02 -48.83
N PRO C 2 19.40 -7.83 -48.22
CA PRO C 2 19.68 -7.79 -46.78
C PRO C 2 18.72 -8.66 -45.96
N SER C 3 17.47 -8.71 -46.39
CA SER C 3 16.49 -9.60 -45.77
C SER C 3 16.84 -11.05 -46.06
N GLU C 4 17.35 -11.29 -47.27
CA GLU C 4 17.73 -12.62 -47.73
C GLU C 4 18.84 -13.22 -46.86
N PHE C 5 19.66 -12.37 -46.26
CA PHE C 5 20.73 -12.81 -45.37
C PHE C 5 20.23 -13.16 -43.97
N LEU C 6 19.27 -12.39 -43.45
CA LEU C 6 18.58 -12.80 -42.23
C LEU C 6 17.85 -14.13 -42.45
N ASP C 7 17.33 -14.30 -43.66
CA ASP C 7 16.63 -15.53 -44.03
C ASP C 7 17.59 -16.71 -44.27
N LYS C 8 18.80 -16.42 -44.70
CA LYS C 8 19.79 -17.45 -44.99
C LYS C 8 20.49 -17.95 -43.73
N LEU C 9 20.88 -17.01 -42.88
CA LEU C 9 21.59 -17.35 -41.65
C LEU C 9 20.64 -18.01 -40.65
N MET C 10 19.50 -17.38 -40.43
CA MET C 10 18.54 -17.85 -39.44
C MET C 10 17.39 -18.69 -39.97
N GLY C 11 17.32 -18.85 -41.29
CA GLY C 11 16.26 -19.64 -41.89
C GLY C 11 16.25 -21.10 -41.47
N LYS C 12 15.15 -21.78 -41.74
CA LYS C 12 15.08 -23.23 -41.59
C LYS C 12 16.22 -23.87 -42.38
N VAL C 13 16.54 -23.25 -43.52
CA VAL C 13 17.66 -23.66 -44.35
C VAL C 13 18.92 -23.62 -43.50
N SER C 14 19.85 -24.54 -43.79
CA SER C 14 21.07 -24.79 -43.01
C SER C 14 20.74 -25.60 -41.75
N GLY C 15 19.45 -25.87 -41.55
CA GLY C 15 18.98 -26.68 -40.44
C GLY C 15 19.34 -26.17 -39.05
N TYR C 16 19.25 -24.86 -38.86
CA TYR C 16 19.50 -24.26 -37.56
C TYR C 16 18.37 -24.62 -36.60
N ASP C 17 18.72 -25.08 -35.40
CA ASP C 17 17.71 -25.41 -34.40
C ASP C 17 17.89 -24.56 -33.16
N ALA C 18 16.82 -23.86 -32.78
CA ALA C 18 16.82 -22.99 -31.61
C ALA C 18 17.06 -23.76 -30.32
N ARG C 19 16.40 -24.91 -30.23
CA ARG C 19 16.34 -25.70 -29.00
C ARG C 19 17.68 -26.30 -28.59
N ILE C 20 18.49 -26.66 -29.57
CA ILE C 20 19.78 -27.30 -29.30
C ILE C 20 20.83 -26.31 -28.79
N ARG C 21 21.55 -26.72 -27.77
CA ARG C 21 22.68 -25.95 -27.24
C ARG C 21 23.82 -25.87 -28.26
N PRO C 22 24.46 -24.70 -28.37
CA PRO C 22 25.65 -24.51 -29.19
C PRO C 22 26.78 -25.47 -28.83
N ASN C 23 27.45 -26.03 -29.83
CA ASN C 23 28.56 -26.96 -29.62
C ASN C 23 28.08 -28.09 -28.72
N PHE C 24 26.95 -28.69 -29.11
CA PHE C 24 26.27 -29.68 -28.29
C PHE C 24 27.06 -30.99 -28.20
N LYS C 25 26.94 -31.66 -27.05
CA LYS C 25 27.70 -32.88 -26.75
C LYS C 25 29.20 -32.62 -26.73
N GLY C 26 29.61 -31.55 -26.06
CA GLY C 26 30.99 -31.11 -26.07
C GLY C 26 31.28 -30.14 -24.95
N PRO C 27 32.41 -29.43 -25.03
CA PRO C 27 32.83 -28.44 -24.04
C PRO C 27 31.70 -27.46 -23.72
N PRO C 28 31.49 -27.18 -22.43
CA PRO C 28 30.41 -26.30 -21.96
C PRO C 28 30.49 -24.91 -22.57
N VAL C 29 29.34 -24.38 -22.97
CA VAL C 29 29.28 -23.03 -23.53
C VAL C 29 29.71 -22.05 -22.45
N ASN C 30 30.56 -21.11 -22.82
CA ASN C 30 31.05 -20.12 -21.88
C ASN C 30 30.42 -18.76 -22.13
N VAL C 31 29.73 -18.27 -21.10
CA VAL C 31 29.01 -17.02 -21.19
C VAL C 31 29.71 -15.98 -20.34
N THR C 32 30.16 -14.91 -20.99
CA THR C 32 30.78 -13.81 -20.28
C THR C 32 29.76 -12.70 -20.17
N CYS C 33 29.28 -12.45 -18.95
CA CYS C 33 28.23 -11.47 -18.77
C CYS C 33 28.59 -10.39 -17.76
N ASN C 34 28.44 -9.15 -18.22
CA ASN C 34 28.70 -7.99 -17.41
C ASN C 34 27.43 -7.16 -17.29
N ILE C 35 27.22 -6.55 -16.12
CA ILE C 35 25.99 -5.82 -15.87
C ILE C 35 26.26 -4.33 -15.64
N PHE C 36 25.42 -3.50 -16.24
CA PHE C 36 25.46 -2.05 -16.00
C PHE C 36 24.23 -1.62 -15.24
N ILE C 37 24.41 -1.19 -13.99
CA ILE C 37 23.29 -0.97 -13.09
C ILE C 37 22.84 0.49 -13.16
N ASN C 38 21.59 0.72 -13.57
CA ASN C 38 21.11 2.09 -13.69
C ASN C 38 20.89 2.75 -12.34
N SER C 39 20.19 2.07 -11.44
CA SER C 39 19.91 2.68 -10.13
C SER C 39 19.62 1.66 -9.04
N PHE C 40 19.89 2.05 -7.80
CA PHE C 40 19.28 1.41 -6.66
C PHE C 40 18.14 2.30 -6.21
N GLY C 41 17.02 1.69 -5.81
CA GLY C 41 15.90 2.46 -5.34
C GLY C 41 15.09 1.67 -4.33
N SER C 42 14.30 2.39 -3.53
CA SER C 42 13.38 1.80 -2.56
C SER C 42 14.05 0.72 -1.71
N ILE C 43 15.22 1.02 -1.16
CA ILE C 43 15.85 0.10 -0.23
C ILE C 43 15.14 0.27 1.10
N ALA C 44 14.50 -0.81 1.55
CA ALA C 44 13.71 -0.75 2.77
C ALA C 44 14.14 -1.86 3.72
N GLU C 45 14.43 -1.47 4.96
CA GLU C 45 14.83 -2.43 5.97
C GLU C 45 13.66 -3.37 6.30
N THR C 46 12.46 -2.80 6.39
CA THR C 46 11.27 -3.58 6.75
C THR C 46 10.90 -4.60 5.68
N THR C 47 10.87 -4.16 4.43
CA THR C 47 10.52 -5.05 3.32
C THR C 47 11.66 -6.05 3.09
N MET C 48 12.87 -5.63 3.47
CA MET C 48 14.08 -6.47 3.52
C MET C 48 14.73 -6.60 2.13
N ASP C 49 14.10 -6.02 1.11
CA ASP C 49 14.59 -6.14 -0.26
C ASP C 49 14.98 -4.79 -0.86
N TYR C 50 15.80 -4.82 -1.91
CA TYR C 50 16.19 -3.58 -2.59
C TYR C 50 15.98 -3.69 -4.10
N ARG C 51 15.47 -2.63 -4.70
CA ARG C 51 15.24 -2.59 -6.14
C ARG C 51 16.46 -2.11 -6.92
N VAL C 52 16.81 -2.84 -7.96
CA VAL C 52 17.82 -2.38 -8.91
C VAL C 52 17.41 -2.77 -10.33
N ASN C 53 17.47 -1.81 -11.25
CA ASN C 53 17.25 -2.14 -12.65
C ASN C 53 18.57 -2.10 -13.42
N ILE C 54 18.84 -3.17 -14.15
CA ILE C 54 20.15 -3.38 -14.73
C ILE C 54 20.07 -3.73 -16.20
N PHE C 55 21.07 -3.28 -16.96
CA PHE C 55 21.34 -3.85 -18.26
C PHE C 55 22.19 -5.10 -18.05
N LEU C 56 21.77 -6.20 -18.66
CA LEU C 56 22.51 -7.45 -18.61
C LEU C 56 23.09 -7.72 -19.98
N ARG C 57 24.43 -7.77 -20.03
CA ARG C 57 25.13 -8.05 -21.28
C ARG C 57 25.82 -9.39 -21.21
N GLN C 58 25.29 -10.38 -21.91
CA GLN C 58 25.89 -11.69 -21.91
C GLN C 58 26.35 -12.09 -23.31
N GLN C 59 27.57 -12.61 -23.35
CA GLN C 59 28.28 -12.93 -24.58
C GLN C 59 28.68 -14.40 -24.63
N TRP C 60 28.15 -15.12 -25.61
CA TRP C 60 28.51 -16.51 -25.85
C TRP C 60 28.70 -16.64 -27.34
N ASN C 61 29.69 -17.42 -27.78
CA ASN C 61 29.82 -17.63 -29.21
C ASN C 61 29.33 -19.03 -29.57
N ASP C 62 28.64 -19.12 -30.70
CA ASP C 62 28.35 -20.42 -31.30
C ASP C 62 28.85 -20.43 -32.74
N PRO C 63 29.43 -21.55 -33.15
CA PRO C 63 30.06 -21.70 -34.48
C PRO C 63 29.07 -21.53 -35.62
N ARG C 64 27.86 -22.06 -35.43
CA ARG C 64 26.84 -22.12 -36.47
C ARG C 64 26.28 -20.76 -36.91
N LEU C 65 26.20 -19.80 -36.00
CA LEU C 65 25.74 -18.46 -36.38
C LEU C 65 26.76 -17.70 -37.21
N ALA C 66 28.03 -18.06 -37.07
CA ALA C 66 29.11 -17.36 -37.77
C ALA C 66 28.88 -17.34 -39.28
N TYR C 67 29.11 -16.18 -39.89
CA TYR C 67 28.86 -15.99 -41.32
C TYR C 67 30.06 -15.35 -42.02
N SER C 68 30.29 -15.75 -43.26
CA SER C 68 31.35 -15.16 -44.07
C SER C 68 30.84 -14.08 -45.03
N GLU C 69 29.54 -13.82 -45.00
CA GLU C 69 28.89 -13.02 -46.05
C GLU C 69 29.23 -11.52 -46.05
N TYR C 70 29.02 -10.84 -44.92
CA TYR C 70 29.27 -9.40 -44.86
C TYR C 70 30.72 -8.96 -44.58
N PRO C 71 31.06 -7.73 -45.00
CA PRO C 71 32.29 -7.03 -44.64
C PRO C 71 32.36 -6.65 -43.16
N ASP C 72 31.23 -6.22 -42.59
CA ASP C 72 31.21 -5.72 -41.23
C ASP C 72 31.52 -6.80 -40.20
N ASP C 73 32.33 -6.46 -39.20
CA ASP C 73 32.73 -7.41 -38.17
C ASP C 73 31.53 -7.84 -37.34
N SER C 74 30.74 -6.87 -36.90
CA SER C 74 29.54 -7.16 -36.13
C SER C 74 28.31 -6.63 -36.84
N LEU C 75 27.29 -7.48 -36.99
CA LEU C 75 26.04 -7.02 -37.59
C LEU C 75 24.94 -7.00 -36.53
N ASP C 76 24.14 -5.95 -36.53
CA ASP C 76 23.07 -5.82 -35.55
C ASP C 76 21.79 -6.45 -36.08
N LEU C 77 21.40 -7.56 -35.46
CA LEU C 77 20.16 -8.23 -35.82
C LEU C 77 18.96 -7.52 -35.21
N ASP C 78 17.79 -7.74 -35.80
CA ASP C 78 16.54 -7.21 -35.28
C ASP C 78 16.23 -7.81 -33.90
N PRO C 79 15.65 -6.99 -33.00
CA PRO C 79 15.25 -7.47 -31.68
C PRO C 79 14.33 -8.70 -31.67
N SER C 80 13.47 -8.84 -32.68
CA SER C 80 12.59 -10.01 -32.76
C SER C 80 13.35 -11.28 -33.13
N MET C 81 14.35 -11.13 -34.00
CA MET C 81 15.20 -12.25 -34.44
C MET C 81 15.74 -13.02 -33.27
N LEU C 82 15.99 -12.28 -32.19
CA LEU C 82 16.47 -12.81 -30.93
C LEU C 82 15.65 -13.96 -30.35
N ASP C 83 14.34 -13.92 -30.55
CA ASP C 83 13.47 -14.99 -30.06
C ASP C 83 13.79 -16.31 -30.77
N SER C 84 14.32 -16.21 -31.98
CA SER C 84 14.62 -17.39 -32.79
C SER C 84 15.92 -18.09 -32.37
N ILE C 85 16.98 -17.33 -32.09
CA ILE C 85 18.26 -17.95 -31.76
C ILE C 85 18.21 -18.54 -30.36
N TRP C 86 19.05 -19.53 -30.12
CA TRP C 86 19.26 -20.08 -28.78
C TRP C 86 19.79 -18.99 -27.86
N LYS C 87 19.22 -18.90 -26.66
CA LYS C 87 19.69 -17.96 -25.66
C LYS C 87 20.19 -18.70 -24.43
N PRO C 88 21.23 -18.18 -23.80
CA PRO C 88 21.63 -18.74 -22.51
C PRO C 88 20.56 -18.45 -21.48
N ASP C 89 20.15 -19.48 -20.75
CA ASP C 89 19.03 -19.32 -19.81
C ASP C 89 19.52 -18.98 -18.41
N LEU C 90 19.25 -17.75 -17.99
CA LEU C 90 19.85 -17.21 -16.78
C LEU C 90 18.84 -16.53 -15.87
N PHE C 91 18.61 -17.10 -14.69
CA PHE C 91 17.62 -16.51 -13.79
C PHE C 91 18.32 -16.04 -12.53
N PHE C 92 17.90 -14.89 -12.03
CA PHE C 92 18.38 -14.42 -10.73
C PHE C 92 17.77 -15.30 -9.65
N ALA C 93 18.62 -15.89 -8.82
CA ALA C 93 18.18 -16.91 -7.86
C ALA C 93 17.32 -16.34 -6.73
N ASN C 94 17.72 -15.19 -6.21
CA ASN C 94 17.04 -14.52 -5.11
C ASN C 94 16.04 -13.47 -5.61
N GLU C 95 15.79 -13.49 -6.91
CA GLU C 95 15.05 -12.44 -7.62
C GLU C 95 13.72 -11.98 -7.03
N LYS C 96 13.02 -12.84 -6.29
CA LYS C 96 11.79 -12.42 -5.56
C LYS C 96 10.79 -11.73 -6.53
N GLY C 97 10.91 -12.08 -7.80
CA GLY C 97 10.12 -11.48 -8.88
C GLY C 97 10.86 -10.36 -9.58
N ALA C 98 10.70 -10.29 -10.89
CA ALA C 98 11.40 -9.32 -11.72
C ALA C 98 10.65 -9.12 -13.02
N ASN C 99 10.81 -7.97 -13.66
CA ASN C 99 10.10 -7.75 -14.93
C ASN C 99 10.93 -7.06 -16.00
N PHE C 100 10.70 -7.46 -17.24
CA PHE C 100 11.22 -6.74 -18.40
C PHE C 100 10.54 -5.39 -18.54
N HIS C 101 11.17 -4.48 -19.27
CA HIS C 101 10.49 -3.26 -19.70
C HIS C 101 10.23 -3.33 -21.19
N GLU C 102 8.96 -3.49 -21.54
CA GLU C 102 8.56 -3.65 -22.93
C GLU C 102 8.03 -2.33 -23.53
N VAL C 103 8.12 -1.24 -22.76
CA VAL C 103 7.62 0.07 -23.18
C VAL C 103 8.17 0.49 -24.54
N THR C 104 7.27 0.97 -25.40
CA THR C 104 7.53 1.19 -26.83
C THR C 104 7.92 -0.17 -27.40
N THR C 105 9.12 -0.27 -27.95
CA THR C 105 9.64 -1.56 -28.37
C THR C 105 10.04 -2.36 -27.14
N ASP C 106 10.15 -3.66 -27.28
CA ASP C 106 10.74 -4.48 -26.23
C ASP C 106 12.20 -4.04 -26.11
N ASN C 107 12.75 -3.91 -24.91
CA ASN C 107 14.08 -3.33 -24.84
C ASN C 107 15.10 -4.43 -24.77
N LYS C 108 15.70 -4.71 -25.92
CA LYS C 108 16.64 -5.81 -26.08
C LYS C 108 17.59 -5.41 -27.21
N LEU C 109 18.86 -5.75 -27.05
CA LEU C 109 19.89 -5.41 -28.03
C LEU C 109 20.75 -6.61 -28.35
N LEU C 110 20.74 -7.04 -29.60
CA LEU C 110 21.55 -8.18 -29.97
C LEU C 110 22.36 -7.95 -31.24
N ARG C 111 23.58 -8.46 -31.23
CA ARG C 111 24.45 -8.34 -32.40
C ARG C 111 25.34 -9.56 -32.55
N ILE C 112 25.53 -9.99 -33.80
CA ILE C 112 26.36 -11.16 -34.08
C ILE C 112 27.64 -10.76 -34.81
N SER C 113 28.78 -11.09 -34.22
CA SER C 113 30.06 -10.90 -34.87
C SER C 113 30.30 -12.03 -35.88
N LYS C 114 31.01 -11.71 -36.96
CA LYS C 114 31.34 -12.69 -37.99
C LYS C 114 32.11 -13.87 -37.39
N ASN C 115 32.85 -13.58 -36.33
CA ASN C 115 33.59 -14.59 -35.57
C ASN C 115 32.61 -15.60 -35.02
N GLY C 116 31.39 -15.14 -34.76
CA GLY C 116 30.38 -15.98 -34.13
C GLY C 116 30.13 -15.59 -32.70
N ASN C 117 30.83 -14.54 -32.25
CA ASN C 117 30.58 -14.00 -30.92
C ASN C 117 29.22 -13.32 -30.93
N VAL C 118 28.40 -13.60 -29.92
CA VAL C 118 27.08 -13.00 -29.83
C VAL C 118 27.03 -12.07 -28.64
N LEU C 119 26.57 -10.84 -28.87
CA LEU C 119 26.35 -9.91 -27.76
C LEU C 119 24.86 -9.75 -27.55
N TYR C 120 24.43 -10.04 -26.32
CA TYR C 120 23.02 -9.98 -25.98
C TYR C 120 22.75 -9.17 -24.73
N SER C 121 21.92 -8.14 -24.87
CA SER C 121 21.71 -7.16 -23.83
C SER C 121 20.23 -6.95 -23.53
N ILE C 122 19.86 -7.01 -22.26
CA ILE C 122 18.46 -6.79 -21.90
C ILE C 122 18.34 -5.87 -20.70
N ARG C 123 17.26 -5.09 -20.66
CA ARG C 123 17.01 -4.21 -19.53
C ARG C 123 15.95 -4.78 -18.62
N ILE C 124 16.34 -5.03 -17.37
CA ILE C 124 15.49 -5.72 -16.41
C ILE C 124 15.29 -4.88 -15.17
N THR C 125 14.12 -4.96 -14.56
CA THR C 125 13.96 -4.44 -13.21
C THR C 125 13.88 -5.61 -12.22
N LEU C 126 14.75 -5.53 -11.23
CA LEU C 126 14.87 -6.56 -10.21
C LEU C 126 14.47 -6.02 -8.85
N VAL C 127 13.70 -6.82 -8.12
CA VAL C 127 13.59 -6.67 -6.69
C VAL C 127 14.51 -7.74 -6.15
N LEU C 128 15.37 -7.43 -5.20
CA LEU C 128 16.27 -8.45 -4.70
C LEU C 128 16.20 -8.56 -3.20
N ALA C 129 15.96 -9.76 -2.70
CA ALA C 129 15.92 -9.95 -1.26
C ALA C 129 17.31 -10.31 -0.80
N CYS C 130 17.96 -9.36 -0.16
CA CYS C 130 19.26 -9.58 0.44
C CYS C 130 19.12 -9.71 1.94
N PRO C 131 19.72 -10.76 2.52
CA PRO C 131 19.74 -10.82 3.98
C PRO C 131 20.66 -9.72 4.51
N MET C 132 20.22 -8.97 5.51
CA MET C 132 21.05 -7.91 6.07
C MET C 132 21.11 -7.96 7.60
N ASP C 133 22.34 -7.96 8.12
CA ASP C 133 22.58 -8.01 9.56
C ASP C 133 22.53 -6.61 10.19
N LEU C 134 21.66 -6.45 11.17
CA LEU C 134 21.46 -5.19 11.85
C LEU C 134 22.21 -5.06 13.18
N LYS C 135 23.12 -6.00 13.45
CA LYS C 135 23.77 -6.12 14.78
C LYS C 135 24.20 -4.78 15.36
N ASN C 136 24.74 -3.89 14.53
CA ASN C 136 24.80 -2.48 14.88
C ASN C 136 24.07 -1.66 13.81
N PHE C 137 22.87 -1.17 14.11
CA PHE C 137 22.01 -0.61 13.06
C PHE C 137 22.36 0.74 12.45
N PRO C 138 22.51 1.81 13.27
CA PRO C 138 22.50 3.13 12.64
C PRO C 138 23.62 3.36 11.63
N MET C 139 24.83 2.99 12.02
CA MET C 139 26.03 3.22 11.22
C MET C 139 26.58 2.02 10.44
N ASP C 140 25.86 0.91 10.39
CA ASP C 140 26.37 -0.33 9.77
C ASP C 140 26.73 -0.26 8.30
N VAL C 141 27.60 -1.18 7.90
CA VAL C 141 27.87 -1.46 6.49
C VAL C 141 27.07 -2.68 6.08
N GLN C 142 26.27 -2.57 5.03
CA GLN C 142 25.48 -3.70 4.56
C GLN C 142 25.91 -4.18 3.18
N THR C 143 25.99 -5.50 3.03
CA THR C 143 26.38 -6.10 1.78
C THR C 143 25.17 -6.69 1.06
N CYS C 144 24.95 -6.24 -0.17
CA CYS C 144 23.81 -6.68 -0.96
C CYS C 144 24.31 -7.50 -2.13
N ILE C 145 23.80 -8.72 -2.28
CA ILE C 145 24.38 -9.65 -3.22
C ILE C 145 23.35 -10.09 -4.25
N MET C 146 23.81 -10.22 -5.49
CA MET C 146 22.98 -10.78 -6.54
C MET C 146 23.74 -11.89 -7.26
N GLN C 147 23.11 -13.07 -7.29
CA GLN C 147 23.71 -14.25 -7.88
C GLN C 147 22.90 -14.78 -9.07
N LEU C 148 23.60 -14.86 -10.21
CA LEU C 148 23.04 -15.26 -11.49
C LEU C 148 23.32 -16.71 -11.74
N GLU C 149 22.28 -17.54 -11.80
CA GLU C 149 22.46 -18.98 -11.97
C GLU C 149 21.69 -19.52 -13.17
N SER C 150 22.18 -20.61 -13.74
CA SER C 150 21.52 -21.25 -14.87
C SER C 150 20.66 -22.41 -14.39
N PHE C 151 19.35 -22.23 -14.51
CA PHE C 151 18.39 -23.22 -14.03
C PHE C 151 18.28 -24.38 -15.00
N GLY C 152 18.54 -24.09 -16.27
CA GLY C 152 18.42 -25.09 -17.33
C GLY C 152 19.42 -26.22 -17.36
N TYR C 153 20.71 -25.90 -17.37
CA TYR C 153 21.70 -26.95 -17.65
C TYR C 153 22.70 -27.08 -16.50
N THR C 154 23.35 -28.24 -16.43
CA THR C 154 24.37 -28.48 -15.41
C THR C 154 25.70 -27.79 -15.72
N MET C 155 26.68 -28.02 -14.86
CA MET C 155 28.02 -27.46 -14.99
C MET C 155 28.72 -27.88 -16.29
N ASN C 156 28.58 -29.15 -16.65
CA ASN C 156 29.23 -29.67 -17.86
C ASN C 156 28.68 -29.07 -19.15
N ASP C 157 27.42 -28.63 -19.12
CA ASP C 157 26.79 -28.00 -20.28
C ASP C 157 27.06 -26.50 -20.43
N LEU C 158 27.01 -25.76 -19.31
CA LEU C 158 27.10 -24.30 -19.37
C LEU C 158 27.92 -23.73 -18.21
N ILE C 159 28.55 -22.57 -18.43
CA ILE C 159 29.37 -21.91 -17.41
C ILE C 159 29.20 -20.40 -17.52
N PHE C 160 29.24 -19.69 -16.39
CA PHE C 160 29.24 -18.23 -16.40
C PHE C 160 30.56 -17.68 -15.89
N GLU C 161 31.07 -16.67 -16.60
CA GLU C 161 32.32 -16.03 -16.25
C GLU C 161 32.15 -14.51 -16.34
N TRP C 162 32.59 -13.78 -15.33
CA TRP C 162 32.55 -12.33 -15.41
C TRP C 162 33.56 -11.86 -16.44
N ASP C 163 33.30 -10.70 -17.05
CA ASP C 163 34.24 -10.16 -18.04
C ASP C 163 35.51 -9.73 -17.31
N GLU C 164 36.66 -10.09 -17.86
CA GLU C 164 37.96 -9.85 -17.22
C GLU C 164 38.18 -8.40 -16.82
N LYS C 165 37.69 -7.47 -17.65
CA LYS C 165 37.78 -6.06 -17.34
C LYS C 165 36.40 -5.41 -17.31
N GLY C 166 36.10 -4.70 -16.23
CA GLY C 166 34.85 -3.98 -16.10
C GLY C 166 33.59 -4.84 -16.14
N ALA C 167 33.52 -5.82 -15.26
CA ALA C 167 32.38 -6.74 -15.22
C ALA C 167 31.10 -6.08 -14.70
N VAL C 168 31.23 -5.15 -13.75
CA VAL C 168 30.05 -4.41 -13.32
C VAL C 168 30.29 -2.91 -13.43
N GLN C 169 29.41 -2.21 -14.13
CA GLN C 169 29.52 -0.76 -14.19
C GLN C 169 28.32 -0.10 -13.54
N VAL C 170 28.51 1.12 -13.08
CA VAL C 170 27.48 1.87 -12.38
C VAL C 170 27.21 3.13 -13.20
N ALA C 171 26.03 3.69 -13.05
CA ALA C 171 25.70 4.95 -13.72
C ALA C 171 26.67 6.03 -13.26
N ASP C 172 27.04 6.90 -14.18
CA ASP C 172 28.05 7.92 -13.91
C ASP C 172 27.56 8.87 -12.81
N GLY C 173 26.26 9.16 -12.83
CA GLY C 173 25.68 10.07 -11.86
C GLY C 173 24.84 9.44 -10.75
N LEU C 174 25.05 8.16 -10.47
CA LEU C 174 24.17 7.45 -9.54
C LEU C 174 24.49 7.74 -8.08
N THR C 175 23.47 8.13 -7.34
CA THR C 175 23.59 8.33 -5.90
C THR C 175 22.38 7.71 -5.18
N LEU C 176 22.62 7.24 -3.97
CA LEU C 176 21.55 6.72 -3.12
C LEU C 176 21.33 7.68 -1.97
N PRO C 177 20.07 8.13 -1.78
CA PRO C 177 19.77 9.10 -0.71
C PRO C 177 20.13 8.57 0.69
N GLN C 178 19.80 7.31 0.95
CA GLN C 178 20.09 6.73 2.26
C GLN C 178 21.52 6.19 2.43
N PHE C 179 22.09 5.51 1.44
CA PHE C 179 23.41 4.91 1.63
C PHE C 179 24.39 5.46 0.60
N ILE C 180 25.68 5.24 0.82
CA ILE C 180 26.66 5.43 -0.25
C ILE C 180 27.28 4.10 -0.67
N LEU C 181 27.34 3.89 -1.97
CA LEU C 181 27.97 2.72 -2.56
C LEU C 181 29.49 2.91 -2.61
N LYS C 182 30.23 1.82 -2.43
CA LYS C 182 31.69 1.89 -2.41
C LYS C 182 32.26 1.48 -3.76
N GLU C 183 33.27 2.22 -4.22
CA GLU C 183 33.91 1.99 -5.51
C GLU C 183 34.45 0.57 -5.63
N GLU C 184 35.05 0.07 -4.55
CA GLU C 184 35.57 -1.29 -4.54
C GLU C 184 34.41 -2.28 -4.56
N LYS C 185 34.41 -3.16 -5.55
CA LYS C 185 33.33 -4.13 -5.70
C LYS C 185 33.91 -5.53 -5.79
N ASP C 186 33.42 -6.43 -4.95
CA ASP C 186 33.94 -7.78 -4.95
C ASP C 186 33.07 -8.64 -5.86
N LEU C 187 33.72 -9.53 -6.61
CA LEU C 187 33.02 -10.42 -7.52
C LEU C 187 33.49 -11.84 -7.23
N ARG C 188 32.59 -12.76 -6.94
CA ARG C 188 33.12 -14.09 -6.66
C ARG C 188 32.25 -15.23 -7.15
N TYR C 189 32.88 -16.28 -7.64
CA TYR C 189 32.17 -17.46 -8.10
C TYR C 189 31.41 -18.13 -6.97
N CYS C 190 30.39 -18.88 -7.38
CA CYS C 190 29.69 -19.80 -6.51
C CYS C 190 29.32 -21.00 -7.38
N THR C 191 29.16 -22.15 -6.76
CA THR C 191 28.62 -23.29 -7.46
C THR C 191 27.46 -23.84 -6.64
N LYS C 192 26.31 -24.01 -7.27
CA LYS C 192 25.16 -24.51 -6.53
C LYS C 192 24.97 -26.01 -6.70
N HIS C 193 24.89 -26.71 -5.58
CA HIS C 193 24.55 -28.13 -5.59
C HIS C 193 23.11 -28.34 -5.18
N TYR C 194 22.34 -28.90 -6.11
CA TYR C 194 20.94 -29.24 -5.90
C TYR C 194 20.78 -30.72 -6.15
N ASN C 195 19.66 -31.27 -5.71
CA ASN C 195 19.36 -32.68 -5.90
C ASN C 195 19.41 -33.09 -7.37
N THR C 196 19.01 -32.17 -8.25
CA THR C 196 19.01 -32.42 -9.69
C THR C 196 20.43 -32.50 -10.26
N GLY C 197 21.30 -31.60 -9.82
CA GLY C 197 22.68 -31.56 -10.29
C GLY C 197 23.37 -30.29 -9.85
N LYS C 198 24.54 -30.02 -10.41
CA LYS C 198 25.28 -28.80 -10.06
C LYS C 198 25.10 -27.72 -11.12
N PHE C 199 24.65 -26.56 -10.68
CA PHE C 199 24.35 -25.44 -11.57
C PHE C 199 25.32 -24.30 -11.30
N THR C 200 25.79 -23.68 -12.39
CA THR C 200 26.72 -22.57 -12.29
C THR C 200 26.04 -21.33 -11.79
N CYS C 201 26.75 -20.54 -11.01
CA CYS C 201 26.27 -19.23 -10.62
C CYS C 201 27.43 -18.27 -10.47
N ILE C 202 27.18 -17.00 -10.75
CA ILE C 202 28.18 -15.98 -10.48
C ILE C 202 27.52 -14.86 -9.68
N GLU C 203 28.18 -14.40 -8.64
CA GLU C 203 27.56 -13.35 -7.84
C GLU C 203 28.43 -12.12 -7.67
N ALA C 204 27.78 -10.98 -7.86
CA ALA C 204 28.35 -9.69 -7.55
C ALA C 204 28.16 -9.36 -6.07
N ARG C 205 29.04 -8.52 -5.54
CA ARG C 205 28.86 -7.93 -4.22
C ARG C 205 28.65 -6.43 -4.35
N PHE C 206 27.75 -5.88 -3.55
CA PHE C 206 27.66 -4.44 -3.40
C PHE C 206 27.84 -4.09 -1.94
N HIS C 207 28.67 -3.10 -1.65
CA HIS C 207 28.85 -2.65 -0.28
C HIS C 207 28.25 -1.26 -0.11
N LEU C 208 27.38 -1.13 0.89
CA LEU C 208 26.67 0.12 1.12
C LEU C 208 26.89 0.61 2.54
N GLU C 209 27.18 1.90 2.68
CA GLU C 209 27.38 2.46 4.01
C GLU C 209 26.31 3.50 4.36
N ARG C 210 25.68 3.31 5.51
CA ARG C 210 24.67 4.22 6.04
C ARG C 210 25.12 5.65 6.27
N GLN C 211 24.35 6.58 5.72
CA GLN C 211 24.56 8.00 5.96
C GLN C 211 24.21 8.38 7.40
N MET C 212 25.16 9.01 8.08
CA MET C 212 25.00 9.34 9.49
C MET C 212 24.35 10.69 9.72
N GLY C 213 24.14 11.45 8.65
CA GLY C 213 23.55 12.77 8.78
C GLY C 213 22.14 12.74 9.34
N TYR C 214 21.27 12.00 8.66
CA TYR C 214 19.86 11.91 9.05
C TYR C 214 19.68 11.35 10.45
N TYR C 215 20.35 10.25 10.76
CA TYR C 215 20.22 9.65 12.08
C TYR C 215 20.81 10.52 13.18
N LEU C 216 21.86 11.28 12.85
CA LEU C 216 22.43 12.18 13.85
C LEU C 216 21.39 13.26 14.15
N ILE C 217 20.87 13.88 13.10
CA ILE C 217 19.92 14.99 13.23
C ILE C 217 18.62 14.56 13.91
N GLN C 218 18.15 13.36 13.56
CA GLN C 218 16.85 12.86 14.01
C GLN C 218 16.94 12.08 15.30
N MET C 219 17.73 11.01 15.31
CA MET C 219 17.80 10.12 16.45
C MET C 219 18.56 10.65 17.68
N TYR C 220 19.80 11.10 17.49
CA TYR C 220 20.69 11.39 18.61
C TYR C 220 20.50 12.76 19.28
N ILE C 221 20.35 13.81 18.47
CA ILE C 221 20.25 15.17 18.99
C ILE C 221 19.08 15.36 19.96
N PRO C 222 17.86 14.92 19.59
CA PRO C 222 16.77 15.08 20.56
C PRO C 222 17.02 14.37 21.87
N SER C 223 17.71 13.22 21.80
CA SER C 223 18.10 12.52 23.01
C SER C 223 19.01 13.41 23.85
N LEU C 224 20.02 13.98 23.22
CA LEU C 224 20.93 14.91 23.91
C LEU C 224 20.16 16.03 24.61
N LEU C 225 19.21 16.61 23.88
CA LEU C 225 18.40 17.73 24.37
C LEU C 225 17.59 17.33 25.61
N ILE C 226 16.88 16.21 25.49
CA ILE C 226 16.06 15.71 26.59
C ILE C 226 16.93 15.44 27.81
N VAL C 227 18.13 14.92 27.59
CA VAL C 227 19.06 14.67 28.70
C VAL C 227 19.48 16.01 29.33
N ILE C 228 19.59 17.06 28.50
CA ILE C 228 19.86 18.39 29.03
C ILE C 228 18.73 18.84 29.97
N LEU C 229 17.50 18.52 29.60
CA LEU C 229 16.35 18.92 30.42
C LEU C 229 16.39 18.41 31.88
N SER C 230 16.94 17.23 32.10
CA SER C 230 17.10 16.73 33.47
C SER C 230 18.07 17.64 34.22
N TRP C 231 19.15 17.98 33.53
CA TRP C 231 20.20 18.83 34.08
C TRP C 231 19.64 20.17 34.51
N VAL C 232 18.80 20.77 33.66
CA VAL C 232 18.19 22.04 34.05
C VAL C 232 17.16 21.79 35.16
N SER C 233 16.61 20.57 35.22
CA SER C 233 15.64 20.26 36.26
C SER C 233 16.27 20.31 37.64
N PHE C 234 17.52 19.83 37.76
CA PHE C 234 18.16 19.75 39.08
C PHE C 234 18.23 21.08 39.83
N TRP C 235 18.35 22.18 39.11
CA TRP C 235 18.62 23.47 39.75
C TRP C 235 17.41 24.01 40.51
N ILE C 236 16.21 23.76 39.99
CA ILE C 236 14.98 24.14 40.68
C ILE C 236 14.98 23.54 42.08
N ASN C 237 14.55 24.33 43.07
CA ASN C 237 14.55 23.90 44.47
C ASN C 237 13.76 22.60 44.66
N MET C 238 14.17 21.79 45.62
CA MET C 238 13.46 20.54 45.88
C MET C 238 12.10 20.81 46.50
N ASP C 239 11.94 22.00 47.08
CA ASP C 239 10.68 22.37 47.73
C ASP C 239 9.51 22.25 46.77
N ALA C 240 9.72 22.60 45.50
CA ALA C 240 8.65 22.40 44.55
C ALA C 240 8.84 21.01 43.93
N ALA C 241 8.06 20.07 44.44
CA ALA C 241 8.08 18.68 43.96
C ALA C 241 7.51 18.53 42.55
N PRO C 242 6.46 19.28 42.24
CA PRO C 242 5.81 19.18 40.93
C PRO C 242 6.70 19.52 39.74
N ALA C 243 7.53 20.55 39.86
CA ALA C 243 8.41 20.95 38.77
C ALA C 243 9.42 19.86 38.48
N ARG C 244 9.92 19.23 39.53
CA ARG C 244 10.91 18.16 39.41
C ARG C 244 10.30 16.85 38.93
N VAL C 245 9.15 16.51 39.49
CA VAL C 245 8.41 15.32 39.13
C VAL C 245 7.88 15.49 37.71
N GLY C 246 7.46 16.71 37.40
CA GLY C 246 6.98 17.04 36.07
C GLY C 246 8.05 16.90 35.00
N LEU C 247 9.23 17.47 35.26
CA LEU C 247 10.36 17.32 34.34
C LEU C 247 10.81 15.87 34.22
N GLY C 248 10.93 15.17 35.34
CA GLY C 248 11.38 13.79 35.31
C GLY C 248 10.44 12.87 34.53
N ILE C 249 9.15 12.95 34.87
CA ILE C 249 8.13 12.17 34.19
C ILE C 249 8.07 12.52 32.71
N THR C 250 7.92 13.81 32.42
CA THR C 250 7.77 14.24 31.04
C THR C 250 8.95 13.78 30.19
N THR C 251 10.16 13.97 30.70
CA THR C 251 11.36 13.55 30.00
C THR C 251 11.42 12.03 29.81
N VAL C 252 11.05 11.24 30.82
CA VAL C 252 11.12 9.79 30.66
C VAL C 252 10.09 9.31 29.63
N LEU C 253 8.93 9.96 29.61
CA LEU C 253 7.89 9.63 28.63
C LEU C 253 8.37 9.93 27.22
N THR C 254 8.90 11.14 27.04
CA THR C 254 9.41 11.55 25.75
C THR C 254 10.51 10.62 25.28
N MET C 255 11.36 10.17 26.20
CA MET C 255 12.39 9.21 25.85
C MET C 255 11.79 7.89 25.37
N THR C 256 10.72 7.47 26.03
CA THR C 256 9.98 6.28 25.61
C THR C 256 9.49 6.42 24.16
N THR C 257 8.83 7.53 23.87
CA THR C 257 8.32 7.80 22.53
C THR C 257 9.43 7.84 21.48
N GLN C 258 10.48 8.60 21.77
CA GLN C 258 11.65 8.70 20.90
C GLN C 258 12.20 7.32 20.60
N SER C 259 12.22 6.46 21.62
CA SER C 259 12.71 5.09 21.46
C SER C 259 11.85 4.26 20.52
N SER C 260 10.54 4.33 20.69
CA SER C 260 9.64 3.59 19.79
C SER C 260 9.75 4.05 18.33
N GLY C 261 9.88 5.37 18.16
CA GLY C 261 10.02 5.97 16.85
C GLY C 261 11.10 5.34 15.99
N SER C 262 12.21 4.96 16.62
CA SER C 262 13.30 4.30 15.93
C SER C 262 12.88 2.92 15.46
N ARG C 263 12.13 2.25 16.31
CA ARG C 263 11.62 0.89 16.09
C ARG C 263 10.65 0.75 14.92
N ALA C 264 9.82 1.76 14.72
CA ALA C 264 8.81 1.72 13.66
C ALA C 264 9.41 1.56 12.26
N SER C 265 10.53 2.23 12.00
CA SER C 265 11.13 2.10 10.67
C SER C 265 11.71 0.72 10.38
N LEU C 266 12.28 0.10 11.41
CA LEU C 266 13.03 -1.15 11.25
C LEU C 266 12.18 -2.42 11.22
N PRO C 267 12.71 -3.49 10.59
CA PRO C 267 12.04 -4.78 10.67
C PRO C 267 12.21 -5.36 12.05
N LYS C 268 11.25 -6.16 12.48
CA LYS C 268 11.29 -6.74 13.81
C LYS C 268 12.43 -7.75 13.91
N VAL C 269 13.29 -7.56 14.90
CA VAL C 269 14.54 -8.30 15.02
C VAL C 269 14.82 -8.72 16.46
N SER C 270 15.38 -9.91 16.64
CA SER C 270 15.62 -10.46 17.97
C SER C 270 16.83 -9.84 18.68
N TYR C 271 17.95 -9.75 17.98
CA TYR C 271 19.18 -9.23 18.59
C TYR C 271 19.15 -7.73 18.82
N VAL C 272 19.81 -7.29 19.88
CA VAL C 272 19.80 -5.90 20.31
C VAL C 272 20.55 -5.00 19.32
N LYS C 273 19.86 -3.96 18.87
CA LYS C 273 20.42 -2.98 17.96
C LYS C 273 21.26 -1.97 18.75
N ALA C 274 22.26 -1.37 18.12
CA ALA C 274 23.09 -0.37 18.77
C ALA C 274 22.25 0.81 19.24
N ILE C 275 21.27 1.17 18.42
CA ILE C 275 20.35 2.24 18.73
C ILE C 275 19.66 1.93 20.06
N ASP C 276 19.42 0.65 20.32
CA ASP C 276 18.77 0.22 21.55
C ASP C 276 19.65 0.40 22.78
N ILE C 277 20.96 0.18 22.67
CA ILE C 277 21.81 0.36 23.83
C ILE C 277 21.90 1.86 24.09
N TRP C 278 21.94 2.65 23.02
CA TRP C 278 21.91 4.11 23.17
C TRP C 278 20.63 4.58 23.90
N MET C 279 19.50 4.03 23.50
CA MET C 279 18.23 4.44 24.10
C MET C 279 18.18 3.97 25.56
N ALA C 280 18.68 2.77 25.79
CA ALA C 280 18.68 2.18 27.13
C ALA C 280 19.52 3.02 28.09
N VAL C 281 20.66 3.52 27.62
CA VAL C 281 21.50 4.32 28.50
C VAL C 281 20.90 5.72 28.71
N CYS C 282 20.34 6.32 27.66
CA CYS C 282 19.73 7.64 27.83
C CYS C 282 18.58 7.59 28.83
N LEU C 283 17.74 6.57 28.64
CA LEU C 283 16.58 6.36 29.49
C LEU C 283 17.03 6.02 30.90
N LEU C 284 18.15 5.31 31.00
CA LEU C 284 18.72 4.95 32.29
C LEU C 284 19.17 6.20 33.04
N PHE C 285 19.71 7.17 32.30
CA PHE C 285 20.15 8.42 32.92
C PHE C 285 18.98 9.31 33.35
N VAL C 286 17.96 9.46 32.52
CA VAL C 286 16.82 10.27 32.96
C VAL C 286 16.14 9.60 34.17
N PHE C 287 16.00 8.28 34.10
CA PHE C 287 15.38 7.52 35.19
C PHE C 287 16.21 7.64 36.46
N SER C 288 17.53 7.63 36.32
CA SER C 288 18.43 7.76 37.46
C SER C 288 18.34 9.17 38.05
N ALA C 289 18.09 10.16 37.19
CA ALA C 289 17.91 11.53 37.65
C ALA C 289 16.67 11.64 38.52
N LEU C 290 15.56 11.12 38.01
CA LEU C 290 14.32 11.12 38.77
C LEU C 290 14.50 10.32 40.06
N LEU C 291 15.29 9.26 39.97
CA LEU C 291 15.56 8.38 41.12
C LEU C 291 16.30 9.13 42.21
N GLU C 292 17.31 9.90 41.81
CA GLU C 292 18.06 10.74 42.74
C GLU C 292 17.15 11.78 43.37
N TYR C 293 16.25 12.38 42.59
CA TYR C 293 15.32 13.33 43.19
C TYR C 293 14.43 12.64 44.22
N ALA C 294 14.04 11.41 43.93
CA ALA C 294 13.21 10.63 44.85
C ALA C 294 13.94 10.35 46.16
N ALA C 295 15.23 10.02 46.07
CA ALA C 295 16.03 9.78 47.27
C ALA C 295 16.17 11.07 48.09
N VAL C 296 16.45 12.16 47.40
CA VAL C 296 16.55 13.48 48.01
C VAL C 296 15.27 13.81 48.76
N ASN C 297 14.12 13.43 48.19
CA ASN C 297 12.84 13.64 48.86
C ASN C 297 12.66 12.72 50.05
N PHE C 298 13.15 11.49 49.95
CA PHE C 298 13.05 10.55 51.05
C PHE C 298 13.80 11.09 52.26
N ILE C 299 14.92 11.77 51.99
CA ILE C 299 15.67 12.42 53.06
C ILE C 299 14.99 13.73 53.50
N ALA C 300 14.42 14.44 52.54
CA ALA C 300 13.87 15.78 52.77
C ALA C 300 12.49 15.77 53.43
N ARG C 301 11.60 14.91 52.95
CA ARG C 301 10.26 14.82 53.49
C ARG C 301 10.28 14.12 54.85
N ALA C 302 11.45 13.61 55.21
CA ALA C 302 11.62 12.84 56.43
C ALA C 302 11.70 13.68 57.71
N GLY C 303 12.39 14.82 57.67
CA GLY C 303 12.92 15.37 58.91
C GLY C 303 13.88 16.54 58.91
N THR C 304 14.74 16.52 59.92
CA THR C 304 15.61 17.61 60.37
C THR C 304 16.43 18.31 59.27
N LYS C 305 16.60 19.62 59.42
CA LYS C 305 17.35 20.48 58.50
C LYS C 305 18.80 20.07 58.23
N LEU C 306 19.43 19.35 59.14
CA LEU C 306 20.79 18.88 58.89
C LEU C 306 20.78 17.96 57.66
N PHE C 307 19.77 17.10 57.61
CA PHE C 307 19.52 16.25 56.46
C PHE C 307 19.22 17.06 55.19
N ILE C 308 18.52 18.19 55.34
CA ILE C 308 18.16 18.99 54.16
C ILE C 308 19.44 19.63 53.61
N SER C 309 20.37 19.97 54.50
CA SER C 309 21.66 20.50 54.07
C SER C 309 22.44 19.41 53.34
N ARG C 310 22.38 18.20 53.88
CA ARG C 310 23.01 17.04 53.25
C ARG C 310 22.50 16.88 51.82
N ALA C 311 21.18 17.03 51.67
CA ALA C 311 20.52 16.94 50.37
C ALA C 311 20.88 18.09 49.42
N LYS C 312 21.05 19.28 49.96
CA LYS C 312 21.49 20.40 49.12
C LYS C 312 22.92 20.16 48.64
N ARG C 313 23.69 19.41 49.41
CA ARG C 313 25.00 18.94 48.95
C ARG C 313 24.87 17.93 47.80
N ILE C 314 24.02 16.92 47.99
CA ILE C 314 23.89 15.89 46.96
C ILE C 314 23.35 16.49 45.66
N ASP C 315 22.58 17.58 45.74
CA ASP C 315 22.10 18.25 44.54
C ASP C 315 23.27 18.73 43.68
N THR C 316 24.18 19.50 44.29
CA THR C 316 25.31 20.05 43.57
C THR C 316 26.22 18.95 43.04
N VAL C 317 26.59 18.01 43.91
CA VAL C 317 27.52 16.97 43.48
C VAL C 317 26.91 16.12 42.37
N SER C 318 25.59 15.94 42.41
CA SER C 318 24.90 15.20 41.36
C SER C 318 24.93 15.97 40.04
N ARG C 319 24.57 17.25 40.09
CA ARG C 319 24.51 18.08 38.89
C ARG C 319 25.88 18.11 38.23
N VAL C 320 26.93 17.99 39.03
CA VAL C 320 28.28 17.91 38.49
C VAL C 320 28.54 16.50 37.94
N ALA C 321 27.93 15.50 38.56
CA ALA C 321 28.17 14.10 38.20
C ALA C 321 27.55 13.69 36.86
N PHE C 322 26.28 14.04 36.64
CA PHE C 322 25.54 13.58 35.46
C PHE C 322 26.14 13.96 34.09
N PRO C 323 26.57 15.23 33.91
CA PRO C 323 27.19 15.51 32.61
C PRO C 323 28.47 14.72 32.41
N LEU C 324 29.19 14.42 33.49
CA LEU C 324 30.41 13.65 33.39
C LEU C 324 30.14 12.18 33.04
N VAL C 325 29.17 11.56 33.72
CA VAL C 325 28.86 10.15 33.44
C VAL C 325 28.29 10.01 32.03
N PHE C 326 27.48 10.98 31.61
CA PHE C 326 26.89 10.92 30.28
C PHE C 326 27.96 11.16 29.21
N LEU C 327 28.85 12.09 29.47
CA LEU C 327 29.90 12.45 28.52
C LEU C 327 30.89 11.29 28.37
N ILE C 328 31.28 10.69 29.48
CA ILE C 328 32.21 9.56 29.45
C ILE C 328 31.56 8.37 28.77
N PHE C 329 30.26 8.16 29.02
CA PHE C 329 29.59 7.09 28.30
C PHE C 329 29.62 7.36 26.82
N ASN C 330 29.31 8.59 26.44
CA ASN C 330 29.22 8.96 25.03
C ASN C 330 30.55 8.65 24.34
N ILE C 331 31.63 9.13 24.95
CA ILE C 331 32.98 8.89 24.44
C ILE C 331 33.25 7.41 24.29
N PHE C 332 32.87 6.63 25.31
CA PHE C 332 33.20 5.22 25.35
C PHE C 332 32.40 4.50 24.25
N TYR C 333 31.21 5.02 24.00
CA TYR C 333 30.26 4.50 23.02
C TYR C 333 30.68 4.68 21.57
N TRP C 334 31.04 5.90 21.19
CA TRP C 334 31.30 6.19 19.78
C TRP C 334 32.46 5.40 19.19
N ILE C 335 33.48 5.15 20.02
CA ILE C 335 34.70 4.50 19.56
C ILE C 335 34.43 3.12 18.97
N THR C 336 33.63 2.32 19.66
CA THR C 336 33.37 0.95 19.21
C THR C 336 32.67 0.91 17.85
N TYR C 337 31.59 1.66 17.71
CA TYR C 337 30.78 1.59 16.51
C TYR C 337 31.29 2.41 15.31
N LYS C 338 31.65 3.67 15.52
CA LYS C 338 32.01 4.50 14.37
C LYS C 338 33.53 4.57 14.16
N LEU C 339 34.28 3.97 15.07
CA LEU C 339 35.74 3.94 14.95
C LEU C 339 36.24 2.51 15.01
N VAL C 340 37.41 2.28 14.40
CA VAL C 340 37.96 0.93 14.24
C VAL C 340 36.91 -0.04 13.70
N PRO C 341 36.23 0.31 12.60
CA PRO C 341 35.11 -0.52 12.14
C PRO C 341 35.57 -1.83 11.49
N ARG C 342 34.84 -2.90 11.76
CA ARG C 342 35.15 -4.23 11.23
C ARG C 342 36.61 -4.62 11.49
N ALA D 1 20.54 -34.16 -37.13
CA ALA D 1 20.44 -35.39 -36.35
C ALA D 1 19.98 -35.16 -34.91
N PRO D 2 20.64 -34.24 -34.16
CA PRO D 2 20.13 -34.03 -32.80
C PRO D 2 18.74 -33.38 -32.78
N SER D 3 18.49 -32.49 -33.72
CA SER D 3 17.17 -31.89 -33.89
C SER D 3 16.18 -32.95 -34.38
N GLU D 4 16.67 -33.84 -35.24
CA GLU D 4 15.86 -34.91 -35.81
C GLU D 4 15.32 -35.86 -34.75
N PHE D 5 16.03 -35.98 -33.63
CA PHE D 5 15.60 -36.81 -32.51
C PHE D 5 14.53 -36.13 -31.65
N LEU D 6 14.66 -34.83 -31.43
CA LEU D 6 13.57 -34.07 -30.83
C LEU D 6 12.32 -34.16 -31.71
N ASP D 7 12.53 -34.14 -33.02
CA ASP D 7 11.45 -34.25 -33.99
C ASP D 7 10.86 -35.66 -34.08
N LYS D 8 11.67 -36.67 -33.80
CA LYS D 8 11.22 -38.06 -33.89
C LYS D 8 10.47 -38.49 -32.63
N LEU D 9 11.01 -38.14 -31.48
CA LEU D 9 10.40 -38.51 -30.22
C LEU D 9 9.12 -37.73 -29.98
N MET D 10 9.20 -36.41 -30.13
CA MET D 10 8.07 -35.54 -29.87
C MET D 10 7.24 -35.13 -31.07
N GLY D 11 7.65 -35.54 -32.26
CA GLY D 11 6.93 -35.19 -33.47
C GLY D 11 5.52 -35.74 -33.52
N LYS D 12 4.71 -35.22 -34.45
CA LYS D 12 3.40 -35.79 -34.74
C LYS D 12 3.57 -37.27 -35.07
N VAL D 13 4.68 -37.59 -35.72
CA VAL D 13 5.06 -38.96 -36.02
C VAL D 13 5.11 -39.75 -34.72
N SER D 14 4.74 -41.03 -34.79
CA SER D 14 4.57 -41.94 -33.65
C SER D 14 3.24 -41.65 -32.95
N GLY D 15 2.52 -40.65 -33.44
CA GLY D 15 1.20 -40.30 -32.93
C GLY D 15 1.13 -39.95 -31.46
N TYR D 16 2.13 -39.22 -30.98
CA TYR D 16 2.13 -38.75 -29.60
C TYR D 16 1.05 -37.69 -29.40
N ASP D 17 0.25 -37.84 -28.35
CA ASP D 17 -0.79 -36.85 -28.05
C ASP D 17 -0.55 -36.23 -26.68
N ALA D 18 -0.46 -34.91 -26.65
CA ALA D 18 -0.24 -34.16 -25.42
C ALA D 18 -1.39 -34.33 -24.44
N ARG D 19 -2.61 -34.28 -24.97
CA ARG D 19 -3.82 -34.22 -24.19
C ARG D 19 -4.10 -35.49 -23.38
N ILE D 20 -3.72 -36.64 -23.95
CA ILE D 20 -3.98 -37.93 -23.31
C ILE D 20 -3.04 -38.20 -22.13
N ARG D 21 -3.61 -38.69 -21.04
CA ARG D 21 -2.84 -39.11 -19.88
C ARG D 21 -1.98 -40.33 -20.20
N PRO D 22 -0.75 -40.36 -19.68
CA PRO D 22 0.15 -41.51 -19.78
C PRO D 22 -0.47 -42.78 -19.22
N ASN D 23 -0.29 -43.91 -19.92
CA ASN D 23 -0.81 -45.19 -19.49
C ASN D 23 -2.32 -45.04 -19.26
N PHE D 24 -3.00 -44.50 -20.26
CA PHE D 24 -4.41 -44.15 -20.16
C PHE D 24 -5.30 -45.38 -20.07
N LYS D 25 -6.41 -45.26 -19.34
CA LYS D 25 -7.34 -46.37 -19.07
C LYS D 25 -6.66 -47.49 -18.30
N GLY D 26 -5.94 -47.12 -17.26
CA GLY D 26 -5.13 -48.09 -16.52
C GLY D 26 -4.72 -47.54 -15.16
N PRO D 27 -3.72 -48.18 -14.54
CA PRO D 27 -3.20 -47.77 -13.23
C PRO D 27 -2.87 -46.28 -13.19
N PRO D 28 -3.27 -45.59 -12.12
CA PRO D 28 -3.06 -44.15 -11.99
C PRO D 28 -1.60 -43.75 -12.09
N VAL D 29 -1.32 -42.67 -12.80
CA VAL D 29 0.03 -42.17 -12.92
C VAL D 29 0.52 -41.75 -11.55
N ASN D 30 1.75 -42.12 -11.22
CA ASN D 30 2.31 -41.79 -9.93
C ASN D 30 3.37 -40.72 -10.05
N VAL D 31 3.12 -39.61 -9.36
CA VAL D 31 3.99 -38.46 -9.42
C VAL D 31 4.71 -38.31 -8.09
N THR D 32 6.04 -38.38 -8.14
CA THR D 32 6.84 -38.17 -6.96
C THR D 32 7.40 -36.78 -7.02
N CYS D 33 6.93 -35.90 -6.14
CA CYS D 33 7.36 -34.52 -6.20
C CYS D 33 7.93 -34.02 -4.89
N ASN D 34 9.13 -33.45 -5.00
CA ASN D 34 9.84 -32.89 -3.87
C ASN D 34 10.08 -31.40 -4.12
N ILE D 35 10.02 -30.60 -3.07
CA ILE D 35 10.15 -29.16 -3.20
C ILE D 35 11.38 -28.63 -2.48
N PHE D 36 12.08 -27.71 -3.14
CA PHE D 36 13.21 -27.02 -2.52
C PHE D 36 12.86 -25.55 -2.32
N ILE D 37 12.73 -25.14 -1.07
CA ILE D 37 12.16 -23.83 -0.76
C ILE D 37 13.28 -22.80 -0.61
N ASN D 38 13.28 -21.78 -1.46
CA ASN D 38 14.34 -20.78 -1.41
C ASN D 38 14.24 -19.88 -0.18
N SER D 39 13.05 -19.33 0.07
CA SER D 39 12.90 -18.44 1.22
C SER D 39 11.47 -18.34 1.73
N PHE D 40 11.34 -18.02 3.01
CA PHE D 40 10.09 -17.46 3.52
C PHE D 40 10.30 -15.97 3.63
N GLY D 41 9.27 -15.20 3.29
CA GLY D 41 9.35 -13.77 3.40
C GLY D 41 8.00 -13.15 3.66
N SER D 42 8.01 -11.92 4.18
CA SER D 42 6.79 -11.15 4.42
C SER D 42 5.72 -11.95 5.15
N ILE D 43 6.10 -12.62 6.23
CA ILE D 43 5.11 -13.29 7.05
C ILE D 43 4.44 -12.24 7.90
N ALA D 44 3.14 -12.06 7.70
CA ALA D 44 2.40 -11.01 8.38
C ALA D 44 1.18 -11.59 9.08
N GLU D 45 1.05 -11.29 10.36
CA GLU D 45 -0.07 -11.76 11.14
C GLU D 45 -1.37 -11.13 10.64
N THR D 46 -1.30 -9.83 10.31
CA THR D 46 -2.48 -9.09 9.88
C THR D 46 -3.00 -9.56 8.51
N THR D 47 -2.07 -9.72 7.56
CA THR D 47 -2.45 -10.17 6.22
C THR D 47 -2.83 -11.65 6.27
N MET D 48 -2.27 -12.36 7.25
CA MET D 48 -2.62 -13.74 7.62
C MET D 48 -1.93 -14.76 6.69
N ASP D 49 -1.18 -14.26 5.70
CA ASP D 49 -0.54 -15.14 4.73
C ASP D 49 1.00 -15.02 4.77
N TYR D 50 1.69 -16.03 4.26
CA TYR D 50 3.14 -15.98 4.19
C TYR D 50 3.65 -16.32 2.79
N ARG D 51 4.66 -15.57 2.34
CA ARG D 51 5.26 -15.80 1.02
C ARG D 51 6.38 -16.81 1.05
N VAL D 52 6.33 -17.76 0.13
CA VAL D 52 7.44 -18.67 -0.09
C VAL D 52 7.62 -18.93 -1.57
N ASN D 53 8.85 -18.81 -2.08
CA ASN D 53 9.12 -19.20 -3.45
C ASN D 53 9.90 -20.51 -3.49
N ILE D 54 9.41 -21.45 -4.27
CA ILE D 54 9.89 -22.81 -4.23
C ILE D 54 10.22 -23.35 -5.61
N PHE D 55 11.23 -24.20 -5.67
CA PHE D 55 11.41 -25.08 -6.81
C PHE D 55 10.53 -26.31 -6.59
N LEU D 56 9.74 -26.65 -7.60
CA LEU D 56 8.90 -27.83 -7.56
C LEU D 56 9.45 -28.85 -8.52
N ARG D 57 9.84 -30.00 -7.99
CA ARG D 57 10.38 -31.08 -8.80
C ARG D 57 9.43 -32.26 -8.79
N GLN D 58 8.74 -32.48 -9.90
CA GLN D 58 7.82 -33.60 -9.98
C GLN D 58 8.24 -34.59 -11.07
N GLN D 59 8.20 -35.86 -10.69
CA GLN D 59 8.69 -36.97 -11.49
C GLN D 59 7.59 -37.99 -11.76
N TRP D 60 7.27 -38.17 -13.03
CA TRP D 60 6.31 -39.19 -13.45
C TRP D 60 6.91 -39.85 -14.67
N ASN D 61 6.77 -41.17 -14.79
CA ASN D 61 7.25 -41.80 -16.01
C ASN D 61 6.08 -42.15 -16.92
N ASP D 62 6.28 -41.97 -18.21
CA ASP D 62 5.36 -42.50 -19.21
C ASP D 62 6.13 -43.34 -20.21
N PRO D 63 5.56 -44.47 -20.61
CA PRO D 63 6.21 -45.46 -21.48
C PRO D 63 6.55 -44.89 -22.86
N ARG D 64 5.65 -44.07 -23.38
CA ARG D 64 5.73 -43.56 -24.75
C ARG D 64 6.90 -42.59 -25.01
N LEU D 65 7.29 -41.81 -24.00
CA LEU D 65 8.43 -40.92 -24.16
C LEU D 65 9.76 -41.66 -24.18
N ALA D 66 9.79 -42.86 -23.60
CA ALA D 66 11.02 -43.64 -23.51
C ALA D 66 11.63 -43.90 -24.89
N TYR D 67 12.95 -43.73 -24.98
CA TYR D 67 13.65 -43.86 -26.25
C TYR D 67 14.87 -44.77 -26.12
N SER D 68 15.16 -45.51 -27.18
CA SER D 68 16.35 -46.36 -27.22
C SER D 68 17.52 -45.73 -27.97
N GLU D 69 17.32 -44.51 -28.47
CA GLU D 69 18.26 -43.91 -29.43
C GLU D 69 19.62 -43.51 -28.86
N TYR D 70 19.64 -42.68 -27.81
CA TYR D 70 20.91 -42.20 -27.25
C TYR D 70 21.60 -43.12 -26.24
N PRO D 71 22.93 -42.96 -26.10
CA PRO D 71 23.74 -43.56 -25.04
C PRO D 71 23.42 -43.01 -23.65
N ASP D 72 23.19 -41.69 -23.56
CA ASP D 72 23.01 -41.04 -22.28
C ASP D 72 21.74 -41.48 -21.57
N ASP D 73 21.84 -41.71 -20.26
CA ASP D 73 20.71 -42.16 -19.47
C ASP D 73 19.60 -41.12 -19.43
N SER D 74 19.98 -39.88 -19.14
CA SER D 74 19.02 -38.78 -19.12
C SER D 74 19.41 -37.72 -20.14
N LEU D 75 18.45 -37.31 -20.96
CA LEU D 75 18.71 -36.24 -21.91
C LEU D 75 17.91 -35.00 -21.51
N ASP D 76 18.55 -33.83 -21.59
CA ASP D 76 17.91 -32.59 -21.20
C ASP D 76 17.20 -31.98 -22.41
N LEU D 77 15.87 -31.97 -22.37
CA LEU D 77 15.07 -31.36 -23.42
C LEU D 77 15.03 -29.84 -23.25
N ASP D 78 14.74 -29.15 -24.34
CA ASP D 78 14.59 -27.71 -24.33
C ASP D 78 13.38 -27.31 -23.47
N PRO D 79 13.48 -26.18 -22.75
CA PRO D 79 12.37 -25.67 -21.93
C PRO D 79 11.06 -25.48 -22.70
N SER D 80 11.11 -25.12 -23.97
CA SER D 80 9.89 -24.95 -24.76
C SER D 80 9.22 -26.29 -25.08
N MET D 81 10.04 -27.31 -25.33
CA MET D 81 9.55 -28.67 -25.62
C MET D 81 8.55 -29.13 -24.59
N LEU D 82 8.78 -28.67 -23.36
CA LEU D 82 7.92 -28.94 -22.21
C LEU D 82 6.45 -28.62 -22.41
N ASP D 83 6.16 -27.56 -23.16
CA ASP D 83 4.78 -27.19 -23.45
C ASP D 83 4.08 -28.28 -24.26
N SER D 84 4.86 -29.04 -25.03
CA SER D 84 4.30 -30.08 -25.89
C SER D 84 3.94 -31.36 -25.15
N ILE D 85 4.79 -31.81 -24.22
CA ILE D 85 4.51 -33.06 -23.52
C ILE D 85 3.39 -32.89 -22.51
N TRP D 86 2.70 -33.98 -22.20
CA TRP D 86 1.73 -34.00 -21.12
C TRP D 86 2.40 -33.65 -19.80
N LYS D 87 1.77 -32.78 -19.03
CA LYS D 87 2.28 -32.45 -17.70
C LYS D 87 1.25 -32.83 -16.64
N PRO D 88 1.74 -33.28 -15.48
CA PRO D 88 0.82 -33.49 -14.36
C PRO D 88 0.28 -32.15 -13.90
N ASP D 89 -1.03 -32.06 -13.74
CA ASP D 89 -1.65 -30.78 -13.43
C ASP D 89 -1.84 -30.61 -11.92
N LEU D 90 -1.06 -29.70 -11.35
CA LEU D 90 -0.96 -29.58 -9.91
C LEU D 90 -1.10 -28.15 -9.40
N PHE D 91 -2.17 -27.86 -8.68
CA PHE D 91 -2.38 -26.50 -8.20
C PHE D 91 -2.32 -26.49 -6.67
N PHE D 92 -1.70 -25.46 -6.12
CA PHE D 92 -1.72 -25.26 -4.69
C PHE D 92 -3.14 -24.84 -4.29
N ALA D 93 -3.74 -25.56 -3.35
CA ALA D 93 -5.15 -25.39 -3.02
C ALA D 93 -5.43 -24.06 -2.32
N ASN D 94 -4.57 -23.72 -1.37
CA ASN D 94 -4.70 -22.50 -0.56
C ASN D 94 -3.91 -21.33 -1.14
N GLU D 95 -3.43 -21.53 -2.37
CA GLU D 95 -2.46 -20.63 -3.01
C GLU D 95 -2.74 -19.13 -2.99
N LYS D 96 -4.01 -18.71 -2.92
CA LYS D 96 -4.35 -17.29 -2.75
C LYS D 96 -3.66 -16.43 -3.83
N GLY D 97 -3.36 -17.06 -4.96
CA GLY D 97 -2.63 -16.45 -6.05
C GLY D 97 -1.13 -16.75 -6.01
N ALA D 98 -0.55 -16.98 -7.18
CA ALA D 98 0.84 -17.36 -7.29
C ALA D 98 1.35 -17.04 -8.69
N ASN D 99 2.65 -16.82 -8.83
CA ASN D 99 3.17 -16.51 -10.16
C ASN D 99 4.48 -17.21 -10.51
N PHE D 100 4.62 -17.56 -11.79
CA PHE D 100 5.90 -18.02 -12.32
C PHE D 100 6.88 -16.86 -12.39
N HIS D 101 8.17 -17.19 -12.47
CA HIS D 101 9.18 -16.19 -12.80
C HIS D 101 9.70 -16.44 -14.20
N GLU D 102 9.33 -15.56 -15.12
CA GLU D 102 9.67 -15.70 -16.52
C GLU D 102 10.88 -14.83 -16.92
N VAL D 103 11.49 -14.17 -15.92
CA VAL D 103 12.63 -13.28 -16.15
C VAL D 103 13.75 -13.96 -16.94
N THR D 104 14.25 -13.23 -17.93
CA THR D 104 15.15 -13.77 -18.97
C THR D 104 14.37 -14.90 -19.65
N THR D 105 14.90 -16.11 -19.60
CA THR D 105 14.17 -17.27 -20.07
C THR D 105 13.07 -17.59 -19.07
N ASP D 106 12.06 -18.34 -19.49
CA ASP D 106 11.10 -18.89 -18.55
C ASP D 106 11.87 -19.88 -17.67
N ASN D 107 11.62 -19.91 -16.37
CA ASN D 107 12.48 -20.74 -15.54
C ASN D 107 11.84 -22.09 -15.32
N LYS D 108 12.30 -23.06 -16.10
CA LYS D 108 11.75 -24.40 -16.11
C LYS D 108 12.86 -25.35 -16.52
N LEU D 109 12.91 -26.51 -15.90
CA LEU D 109 13.95 -27.50 -16.18
C LEU D 109 13.34 -28.87 -16.38
N LEU D 110 13.53 -29.44 -17.57
CA LEU D 110 12.98 -30.76 -17.82
C LEU D 110 13.98 -31.70 -18.46
N ARG D 111 13.94 -32.96 -18.04
CA ARG D 111 14.82 -33.97 -18.60
C ARG D 111 14.14 -35.33 -18.66
N ILE D 112 14.38 -36.06 -19.75
CA ILE D 112 13.77 -37.37 -19.93
C ILE D 112 14.83 -38.47 -19.86
N SER D 113 14.64 -39.40 -18.93
CA SER D 113 15.48 -40.59 -18.84
C SER D 113 15.05 -41.61 -19.90
N LYS D 114 16.02 -42.37 -20.40
CA LYS D 114 15.76 -43.41 -21.40
C LYS D 114 14.74 -44.41 -20.87
N ASN D 115 14.73 -44.59 -19.54
CA ASN D 115 13.79 -45.44 -18.84
C ASN D 115 12.37 -44.93 -19.10
N GLY D 116 12.27 -43.62 -19.31
CA GLY D 116 10.98 -42.98 -19.48
C GLY D 116 10.60 -42.16 -18.26
N ASN D 117 11.50 -42.12 -17.28
CA ASN D 117 11.30 -41.26 -16.12
C ASN D 117 11.46 -39.82 -16.55
N VAL D 118 10.52 -38.97 -16.14
CA VAL D 118 10.58 -37.56 -16.51
C VAL D 118 10.81 -36.73 -15.27
N LEU D 119 11.81 -35.84 -15.33
CA LEU D 119 12.04 -34.90 -14.24
C LEU D 119 11.61 -33.52 -14.69
N TYR D 120 10.71 -32.93 -13.93
CA TYR D 120 10.16 -31.62 -14.27
C TYR D 120 10.22 -30.64 -13.10
N SER D 121 10.88 -29.52 -13.33
CA SER D 121 11.20 -28.58 -12.27
C SER D 121 10.78 -27.16 -12.63
N ILE D 122 10.05 -26.50 -11.74
CA ILE D 122 9.65 -25.12 -12.00
C ILE D 122 9.86 -24.23 -10.79
N ARG D 123 10.15 -22.97 -11.04
CA ARG D 123 10.33 -22.02 -9.95
C ARG D 123 9.11 -21.13 -9.82
N ILE D 124 8.48 -21.18 -8.65
CA ILE D 124 7.20 -20.52 -8.42
C ILE D 124 7.32 -19.59 -7.23
N THR D 125 6.61 -18.47 -7.26
CA THR D 125 6.40 -17.70 -6.05
C THR D 125 4.96 -17.87 -5.58
N LEU D 126 4.86 -18.26 -4.31
CA LEU D 126 3.58 -18.54 -3.67
C LEU D 126 3.30 -17.55 -2.56
N VAL D 127 2.08 -17.05 -2.52
CA VAL D 127 1.54 -16.46 -1.31
C VAL D 127 0.68 -17.58 -0.73
N LEU D 128 0.80 -17.85 0.56
CA LEU D 128 0.00 -18.94 1.11
C LEU D 128 -0.78 -18.48 2.33
N ALA D 129 -2.09 -18.69 2.30
CA ALA D 129 -2.89 -18.31 3.44
C ALA D 129 -2.97 -19.50 4.36
N CYS D 130 -2.24 -19.41 5.47
CA CYS D 130 -2.28 -20.42 6.51
C CYS D 130 -3.11 -19.91 7.68
N PRO D 131 -4.06 -20.73 8.15
CA PRO D 131 -4.74 -20.34 9.39
C PRO D 131 -3.76 -20.44 10.56
N MET D 132 -3.71 -19.42 11.41
CA MET D 132 -2.80 -19.46 12.55
C MET D 132 -3.49 -19.08 13.86
N ASP D 133 -3.35 -19.95 14.86
CA ASP D 133 -3.95 -19.74 16.17
C ASP D 133 -3.05 -18.87 17.07
N LEU D 134 -3.64 -17.78 17.55
CA LEU D 134 -2.93 -16.81 18.39
C LEU D 134 -3.17 -16.99 19.88
N LYS D 135 -3.80 -18.10 20.28
CA LYS D 135 -4.29 -18.30 21.65
C LYS D 135 -3.27 -17.86 22.72
N ASN D 136 -1.99 -18.16 22.50
CA ASN D 136 -0.93 -17.44 23.21
C ASN D 136 0.00 -16.78 22.20
N PHE D 137 -0.10 -15.46 22.05
CA PHE D 137 0.56 -14.80 20.92
C PHE D 137 2.09 -14.64 20.94
N PRO D 138 2.67 -14.03 21.99
CA PRO D 138 4.07 -13.59 21.81
C PRO D 138 5.04 -14.73 21.52
N MET D 139 4.94 -15.79 22.31
CA MET D 139 5.85 -16.92 22.24
C MET D 139 5.37 -18.18 21.50
N ASP D 140 4.23 -18.10 20.82
CA ASP D 140 3.61 -19.27 20.19
C ASP D 140 4.43 -20.00 19.13
N VAL D 141 4.10 -21.27 18.93
CA VAL D 141 4.56 -22.04 17.79
C VAL D 141 3.46 -22.06 16.74
N GLN D 142 3.78 -21.66 15.51
CA GLN D 142 2.78 -21.66 14.45
C GLN D 142 3.12 -22.64 13.34
N THR D 143 2.10 -23.37 12.89
CA THR D 143 2.27 -24.35 11.83
C THR D 143 1.71 -23.82 10.52
N CYS D 144 2.55 -23.81 9.50
CA CYS D 144 2.18 -23.29 8.19
C CYS D 144 2.16 -24.45 7.20
N ILE D 145 1.04 -24.61 6.51
CA ILE D 145 0.85 -25.82 5.72
C ILE D 145 0.61 -25.47 4.26
N MET D 146 1.19 -26.28 3.38
CA MET D 146 0.92 -26.16 1.96
C MET D 146 0.53 -27.52 1.40
N GLN D 147 -0.63 -27.55 0.75
CA GLN D 147 -1.19 -28.78 0.20
C GLN D 147 -1.35 -28.70 -1.32
N LEU D 148 -0.72 -29.66 -1.98
CA LEU D 148 -0.65 -29.75 -3.43
C LEU D 148 -1.68 -30.75 -3.92
N GLU D 149 -2.67 -30.28 -4.67
CA GLU D 149 -3.76 -31.14 -5.12
C GLU D 149 -3.92 -31.11 -6.63
N SER D 150 -4.45 -32.20 -7.20
CA SER D 150 -4.69 -32.28 -8.63
C SER D 150 -6.14 -31.95 -8.94
N PHE D 151 -6.35 -30.80 -9.60
CA PHE D 151 -7.69 -30.32 -9.88
C PHE D 151 -8.27 -31.06 -11.08
N GLY D 152 -7.40 -31.52 -11.96
CA GLY D 152 -7.80 -32.19 -13.18
C GLY D 152 -8.42 -33.57 -13.07
N TYR D 153 -7.75 -34.50 -12.40
CA TYR D 153 -8.21 -35.88 -12.47
C TYR D 153 -8.51 -36.44 -11.08
N THR D 154 -9.31 -37.50 -11.04
CA THR D 154 -9.66 -38.16 -9.78
C THR D 154 -8.53 -39.05 -9.25
N MET D 155 -8.79 -39.71 -8.13
CA MET D 155 -7.84 -40.61 -7.48
C MET D 155 -7.42 -41.78 -8.37
N ASN D 156 -8.37 -42.36 -9.09
CA ASN D 156 -8.08 -43.49 -9.96
C ASN D 156 -7.16 -43.14 -11.14
N ASP D 157 -7.21 -41.89 -11.58
CA ASP D 157 -6.35 -41.42 -12.67
C ASP D 157 -4.94 -40.98 -12.25
N LEU D 158 -4.83 -40.27 -11.14
CA LEU D 158 -3.55 -39.69 -10.74
C LEU D 158 -3.33 -39.77 -9.23
N ILE D 159 -2.06 -39.83 -8.81
CA ILE D 159 -1.69 -39.89 -7.40
C ILE D 159 -0.42 -39.08 -7.15
N PHE D 160 -0.31 -38.46 -5.98
CA PHE D 160 0.92 -37.78 -5.59
C PHE D 160 1.58 -38.47 -4.41
N GLU D 161 2.90 -38.64 -4.50
CA GLU D 161 3.68 -39.29 -3.45
C GLU D 161 4.95 -38.47 -3.19
N TRP D 162 5.25 -38.19 -1.93
CA TRP D 162 6.50 -37.50 -1.61
C TRP D 162 7.65 -38.44 -1.91
N ASP D 163 8.81 -37.88 -2.22
CA ASP D 163 9.99 -38.70 -2.48
C ASP D 163 10.43 -39.34 -1.16
N GLU D 164 10.74 -40.64 -1.21
CA GLU D 164 11.05 -41.42 -0.01
C GLU D 164 12.18 -40.81 0.82
N LYS D 165 13.16 -40.22 0.16
CA LYS D 165 14.26 -39.55 0.85
C LYS D 165 14.35 -38.08 0.42
N GLY D 166 14.38 -37.18 1.41
CA GLY D 166 14.54 -35.76 1.13
C GLY D 166 13.45 -35.13 0.29
N ALA D 167 12.21 -35.27 0.73
CA ALA D 167 11.07 -34.73 0.00
C ALA D 167 11.01 -33.19 0.04
N VAL D 168 11.39 -32.59 1.15
CA VAL D 168 11.47 -31.13 1.19
C VAL D 168 12.86 -30.68 1.62
N GLN D 169 13.49 -29.82 0.81
CA GLN D 169 14.77 -29.26 1.21
C GLN D 169 14.65 -27.77 1.40
N VAL D 170 15.55 -27.22 2.21
CA VAL D 170 15.55 -25.81 2.54
C VAL D 170 16.88 -25.24 2.07
N ALA D 171 16.93 -23.94 1.81
CA ALA D 171 18.18 -23.28 1.44
C ALA D 171 19.19 -23.47 2.56
N ASP D 172 20.45 -23.65 2.19
CA ASP D 172 21.50 -23.94 3.17
C ASP D 172 21.66 -22.76 4.12
N GLY D 173 21.52 -21.54 3.60
CA GLY D 173 21.67 -20.34 4.41
C GLY D 173 20.40 -19.60 4.79
N LEU D 174 19.26 -20.30 4.77
CA LEU D 174 17.97 -19.61 4.97
C LEU D 174 17.68 -19.31 6.43
N THR D 175 17.36 -18.05 6.70
CA THR D 175 16.93 -17.63 8.03
C THR D 175 15.73 -16.70 7.92
N LEU D 176 14.86 -16.75 8.93
CA LEU D 176 13.73 -15.85 9.01
C LEU D 176 13.96 -14.86 10.16
N PRO D 177 13.86 -13.56 9.87
CA PRO D 177 14.12 -12.55 10.91
C PRO D 177 13.17 -12.66 12.10
N GLN D 178 11.88 -12.90 11.83
CA GLN D 178 10.91 -13.02 12.91
C GLN D 178 10.83 -14.40 13.57
N PHE D 179 10.87 -15.49 12.79
CA PHE D 179 10.69 -16.82 13.39
C PHE D 179 11.90 -17.68 13.10
N ILE D 180 12.03 -18.80 13.83
CA ILE D 180 12.96 -19.85 13.42
C ILE D 180 12.21 -21.10 12.99
N LEU D 181 12.63 -21.64 11.84
CA LEU D 181 12.10 -22.88 11.32
C LEU D 181 12.76 -24.08 12.02
N LYS D 182 11.99 -25.14 12.21
CA LYS D 182 12.49 -26.33 12.91
C LYS D 182 12.92 -27.40 11.91
N GLU D 183 14.05 -28.04 12.19
CA GLU D 183 14.62 -29.05 11.31
C GLU D 183 13.65 -30.21 11.07
N GLU D 184 12.94 -30.62 12.12
CA GLU D 184 11.94 -31.68 11.99
C GLU D 184 10.76 -31.17 11.19
N LYS D 185 10.46 -31.87 10.09
CA LYS D 185 9.38 -31.47 9.21
C LYS D 185 8.42 -32.63 9.01
N ASP D 186 7.13 -32.38 9.25
CA ASP D 186 6.15 -33.45 9.12
C ASP D 186 5.57 -33.39 7.72
N LEU D 187 5.34 -34.57 7.13
CA LEU D 187 4.78 -34.67 5.80
C LEU D 187 3.61 -35.63 5.87
N ARG D 188 2.41 -35.22 5.46
CA ARG D 188 1.33 -36.20 5.57
C ARG D 188 0.32 -36.13 4.43
N TYR D 189 -0.15 -37.30 4.02
CA TYR D 189 -1.16 -37.38 2.99
C TYR D 189 -2.47 -36.73 3.41
N CYS D 190 -3.23 -36.35 2.40
CA CYS D 190 -4.60 -35.93 2.56
C CYS D 190 -5.35 -36.43 1.34
N THR D 191 -6.64 -36.65 1.48
CA THR D 191 -7.46 -36.93 0.31
C THR D 191 -8.64 -35.98 0.33
N LYS D 192 -8.87 -35.28 -0.78
CA LYS D 192 -9.98 -34.33 -0.82
C LYS D 192 -11.22 -34.93 -1.44
N HIS D 193 -12.33 -34.84 -0.73
CA HIS D 193 -13.62 -35.22 -1.28
C HIS D 193 -14.43 -33.98 -1.65
N TYR D 194 -14.73 -33.89 -2.94
CA TYR D 194 -15.54 -32.82 -3.48
C TYR D 194 -16.74 -33.44 -4.18
N ASN D 195 -17.74 -32.63 -4.47
CA ASN D 195 -18.94 -33.09 -5.15
C ASN D 195 -18.61 -33.76 -6.49
N THR D 196 -17.57 -33.26 -7.16
CA THR D 196 -17.15 -33.81 -8.45
C THR D 196 -16.54 -35.20 -8.32
N GLY D 197 -15.71 -35.38 -7.30
CA GLY D 197 -15.03 -36.65 -7.06
C GLY D 197 -13.94 -36.51 -6.02
N LYS D 198 -13.10 -37.53 -5.89
CA LYS D 198 -12.01 -37.47 -4.93
C LYS D 198 -10.68 -37.15 -5.61
N PHE D 199 -10.03 -36.09 -5.11
CA PHE D 199 -8.80 -35.59 -5.70
C PHE D 199 -7.64 -35.79 -4.72
N THR D 200 -6.50 -36.22 -5.25
CA THR D 200 -5.32 -36.46 -4.45
C THR D 200 -4.70 -35.16 -3.99
N CYS D 201 -4.16 -35.16 -2.78
CA CYS D 201 -3.38 -34.03 -2.32
C CYS D 201 -2.28 -34.51 -1.39
N ILE D 202 -1.16 -33.80 -1.39
CA ILE D 202 -0.11 -34.08 -0.44
C ILE D 202 0.28 -32.78 0.24
N GLU D 203 0.41 -32.80 1.57
CA GLU D 203 0.75 -31.56 2.25
C GLU D 203 1.99 -31.67 3.12
N ALA D 204 2.84 -30.65 2.97
CA ALA D 204 3.96 -30.43 3.86
C ALA D 204 3.53 -29.69 5.11
N ARG D 205 4.27 -29.88 6.19
CA ARG D 205 4.13 -29.06 7.38
C ARG D 205 5.40 -28.23 7.59
N PHE D 206 5.22 -26.99 8.01
CA PHE D 206 6.34 -26.20 8.49
C PHE D 206 6.05 -25.75 9.91
N HIS D 207 7.01 -25.89 10.80
CA HIS D 207 6.84 -25.42 12.17
C HIS D 207 7.75 -24.23 12.42
N LEU D 208 7.15 -23.14 12.90
CA LEU D 208 7.89 -21.91 13.12
C LEU D 208 7.74 -21.45 14.56
N GLU D 209 8.85 -21.05 15.17
CA GLU D 209 8.81 -20.55 16.54
C GLU D 209 9.19 -19.08 16.63
N ARG D 210 8.33 -18.30 17.27
CA ARG D 210 8.56 -16.87 17.51
C ARG D 210 9.80 -16.53 18.30
N GLN D 211 10.58 -15.60 17.75
CA GLN D 211 11.74 -15.05 18.43
C GLN D 211 11.32 -14.16 19.58
N MET D 212 11.85 -14.45 20.77
CA MET D 212 11.45 -13.75 21.99
C MET D 212 12.29 -12.51 22.25
N GLY D 213 13.33 -12.30 21.46
CA GLY D 213 14.21 -11.16 21.66
C GLY D 213 13.50 -9.83 21.49
N TYR D 214 12.90 -9.65 20.31
CA TYR D 214 12.22 -8.41 19.98
C TYR D 214 11.08 -8.09 20.93
N TYR D 215 10.22 -9.08 21.20
CA TYR D 215 9.09 -8.83 22.09
C TYR D 215 9.53 -8.61 23.53
N LEU D 216 10.63 -9.22 23.93
CA LEU D 216 11.14 -8.98 25.28
C LEU D 216 11.59 -7.53 25.36
N ILE D 217 12.41 -7.12 24.41
CA ILE D 217 12.99 -5.77 24.39
C ILE D 217 11.93 -4.69 24.26
N GLN D 218 10.92 -4.95 23.42
CA GLN D 218 9.91 -3.96 23.06
C GLN D 218 8.70 -4.01 24.00
N MET D 219 8.05 -5.17 24.06
CA MET D 219 6.81 -5.30 24.83
C MET D 219 6.96 -5.32 26.36
N TYR D 220 7.81 -6.21 26.87
CA TYR D 220 7.83 -6.48 28.31
C TYR D 220 8.64 -5.49 29.17
N ILE D 221 9.83 -5.12 28.70
CA ILE D 221 10.71 -4.26 29.48
C ILE D 221 10.09 -2.89 29.82
N PRO D 222 9.51 -2.19 28.83
CA PRO D 222 8.87 -0.91 29.19
C PRO D 222 7.77 -1.07 30.23
N SER D 223 7.04 -2.19 30.17
CA SER D 223 6.04 -2.49 31.17
C SER D 223 6.70 -2.58 32.54
N LEU D 224 7.78 -3.35 32.63
CA LEU D 224 8.54 -3.47 33.88
C LEU D 224 8.93 -2.10 34.43
N LEU D 225 9.45 -1.26 33.54
CA LEU D 225 9.93 0.08 33.89
C LEU D 225 8.81 0.94 34.46
N ILE D 226 7.69 0.99 33.73
CA ILE D 226 6.53 1.76 34.15
C ILE D 226 6.04 1.27 35.51
N VAL D 227 6.06 -0.03 35.72
CA VAL D 227 5.66 -0.59 37.02
C VAL D 227 6.63 -0.14 38.11
N ILE D 228 7.91 0.02 37.75
CA ILE D 228 8.90 0.56 38.68
C ILE D 228 8.52 1.99 39.09
N LEU D 229 8.01 2.77 38.13
CA LEU D 229 7.63 4.16 38.42
C LEU D 229 6.57 4.32 39.52
N SER D 230 5.65 3.37 39.65
CA SER D 230 4.69 3.42 40.74
C SER D 230 5.42 3.25 42.06
N TRP D 231 6.35 2.30 42.07
CA TRP D 231 7.14 1.98 43.24
C TRP D 231 7.92 3.20 43.72
N VAL D 232 8.54 3.93 42.79
CA VAL D 232 9.24 5.15 43.17
C VAL D 232 8.22 6.21 43.58
N SER D 233 7.00 6.14 43.05
CA SER D 233 5.97 7.11 43.40
C SER D 233 5.60 7.01 44.87
N PHE D 234 5.54 5.79 45.41
CA PHE D 234 5.09 5.61 46.80
C PHE D 234 5.89 6.39 47.83
N TRP D 235 7.18 6.58 47.57
CA TRP D 235 8.07 7.15 48.59
C TRP D 235 7.81 8.64 48.83
N ILE D 236 7.46 9.37 47.78
CA ILE D 236 7.10 10.77 47.91
C ILE D 236 5.97 10.91 48.94
N ASN D 237 6.07 11.93 49.79
CA ASN D 237 5.09 12.15 50.85
C ASN D 237 3.67 12.26 50.30
N MET D 238 2.69 11.83 51.09
CA MET D 238 1.30 11.92 50.63
C MET D 238 0.83 13.37 50.62
N ASP D 239 1.54 14.23 51.36
CA ASP D 239 1.17 15.64 51.43
C ASP D 239 1.12 16.28 50.05
N ALA D 240 2.04 15.89 49.18
CA ALA D 240 1.96 16.40 47.82
C ALA D 240 1.12 15.42 47.02
N ALA D 241 -0.14 15.78 46.82
CA ALA D 241 -1.09 14.99 46.05
C ALA D 241 -0.77 14.97 44.55
N PRO D 242 -0.33 16.10 44.02
CA PRO D 242 -0.04 16.20 42.58
C PRO D 242 1.04 15.26 42.07
N ALA D 243 2.12 15.09 42.84
CA ALA D 243 3.20 14.22 42.43
C ALA D 243 2.73 12.77 42.34
N ARG D 244 1.90 12.38 43.29
CA ARG D 244 1.36 11.02 43.33
C ARG D 244 0.27 10.78 42.29
N VAL D 245 -0.61 11.75 42.14
CA VAL D 245 -1.69 11.71 41.17
C VAL D 245 -1.09 11.81 39.78
N GLY D 246 -0.05 12.63 39.67
CA GLY D 246 0.66 12.78 38.41
C GLY D 246 1.34 11.51 37.96
N LEU D 247 2.07 10.87 38.87
CA LEU D 247 2.70 9.59 38.56
C LEU D 247 1.67 8.49 38.26
N GLY D 248 0.63 8.40 39.07
CA GLY D 248 -0.38 7.38 38.87
C GLY D 248 -1.10 7.51 37.54
N ILE D 249 -1.59 8.72 37.27
CA ILE D 249 -2.26 9.01 36.00
C ILE D 249 -1.33 8.78 34.83
N THR D 250 -0.17 9.41 34.86
CA THR D 250 0.76 9.33 33.73
C THR D 250 1.10 7.87 33.43
N THR D 251 1.42 7.12 34.46
CA THR D 251 1.74 5.71 34.29
C THR D 251 0.57 4.89 33.75
N VAL D 252 -0.65 5.13 34.22
CA VAL D 252 -1.78 4.35 33.73
C VAL D 252 -2.05 4.69 32.25
N LEU D 253 -1.86 5.95 31.88
CA LEU D 253 -2.03 6.38 30.50
C LEU D 253 -1.01 5.69 29.60
N THR D 254 0.24 5.76 30.02
CA THR D 254 1.33 5.14 29.26
C THR D 254 1.08 3.65 29.11
N MET D 255 0.58 3.00 30.16
CA MET D 255 0.24 1.59 30.06
C MET D 255 -0.85 1.35 29.03
N THR D 256 -1.83 2.25 28.98
CA THR D 256 -2.88 2.17 27.96
C THR D 256 -2.27 2.22 26.54
N THR D 257 -1.41 3.20 26.31
CA THR D 257 -0.76 3.35 25.02
C THR D 257 0.09 2.13 24.64
N GLN D 258 0.92 1.69 25.58
CA GLN D 258 1.76 0.50 25.41
C GLN D 258 0.89 -0.68 25.01
N SER D 259 -0.28 -0.80 25.64
CA SER D 259 -1.20 -1.89 25.38
C SER D 259 -1.76 -1.84 23.95
N SER D 260 -2.18 -0.66 23.51
CA SER D 260 -2.70 -0.51 22.14
C SER D 260 -1.63 -0.84 21.08
N GLY D 261 -0.40 -0.39 21.37
CA GLY D 261 0.72 -0.61 20.47
C GLY D 261 0.91 -2.06 20.06
N SER D 262 0.65 -2.97 21.00
CA SER D 262 0.76 -4.40 20.74
C SER D 262 -0.34 -4.82 19.75
N ARG D 263 -1.51 -4.25 19.97
CA ARG D 263 -2.72 -4.53 19.16
C ARG D 263 -2.62 -4.13 17.69
N ALA D 264 -1.94 -3.03 17.42
CA ALA D 264 -1.82 -2.53 16.06
C ALA D 264 -1.16 -3.52 15.10
N SER D 265 -0.14 -4.22 15.56
CA SER D 265 0.53 -5.17 14.68
C SER D 265 -0.33 -6.39 14.33
N LEU D 266 -1.12 -6.85 15.29
CA LEU D 266 -1.87 -8.09 15.14
C LEU D 266 -3.19 -7.98 14.40
N PRO D 267 -3.65 -9.10 13.81
CA PRO D 267 -4.99 -9.11 13.21
C PRO D 267 -6.04 -9.11 14.30
N LYS D 268 -7.19 -8.55 14.00
CA LYS D 268 -8.25 -8.47 14.99
C LYS D 268 -8.79 -9.85 15.31
N VAL D 269 -8.80 -10.18 16.60
CA VAL D 269 -9.08 -11.54 17.07
C VAL D 269 -9.99 -11.53 18.30
N SER D 270 -10.89 -12.50 18.38
CA SER D 270 -11.87 -12.55 19.46
C SER D 270 -11.29 -13.07 20.78
N TYR D 271 -10.55 -14.17 20.73
CA TYR D 271 -10.00 -14.78 21.94
C TYR D 271 -8.84 -13.98 22.54
N VAL D 272 -8.75 -14.02 23.87
CA VAL D 272 -7.76 -13.23 24.60
C VAL D 272 -6.34 -13.75 24.34
N LYS D 273 -5.48 -12.82 23.94
CA LYS D 273 -4.08 -13.11 23.69
C LYS D 273 -3.31 -13.10 25.02
N ALA D 274 -2.22 -13.85 25.10
CA ALA D 274 -1.40 -13.89 26.31
C ALA D 274 -0.88 -12.49 26.66
N ILE D 275 -0.52 -11.76 25.60
CA ILE D 275 -0.04 -10.40 25.76
C ILE D 275 -1.10 -9.57 26.47
N ASP D 276 -2.37 -9.89 26.23
CA ASP D 276 -3.47 -9.17 26.86
C ASP D 276 -3.58 -9.45 28.36
N ILE D 277 -3.31 -10.68 28.79
CA ILE D 277 -3.41 -10.97 30.21
C ILE D 277 -2.24 -10.27 30.89
N TRP D 278 -1.09 -10.25 30.21
CA TRP D 278 0.07 -9.50 30.73
C TRP D 278 -0.25 -8.02 30.90
N MET D 279 -0.89 -7.44 29.89
CA MET D 279 -1.21 -6.01 29.95
C MET D 279 -2.25 -5.75 31.01
N ALA D 280 -3.22 -6.65 31.12
CA ALA D 280 -4.30 -6.54 32.08
C ALA D 280 -3.75 -6.55 33.51
N VAL D 281 -2.78 -7.41 33.78
CA VAL D 281 -2.22 -7.48 35.12
C VAL D 281 -1.32 -6.27 35.40
N CYS D 282 -0.54 -5.84 34.42
CA CYS D 282 0.32 -4.67 34.65
C CYS D 282 -0.53 -3.43 34.95
N LEU D 283 -1.56 -3.26 34.14
CA LEU D 283 -2.46 -2.14 34.27
C LEU D 283 -3.23 -2.25 35.58
N LEU D 284 -3.54 -3.48 35.98
CA LEU D 284 -4.22 -3.74 37.23
C LEU D 284 -3.35 -3.32 38.41
N PHE D 285 -2.05 -3.52 38.30
CA PHE D 285 -1.14 -3.14 39.36
C PHE D 285 -0.94 -1.62 39.46
N VAL D 286 -0.77 -0.95 38.32
CA VAL D 286 -0.63 0.51 38.39
C VAL D 286 -1.93 1.13 38.92
N PHE D 287 -3.06 0.61 38.44
CA PHE D 287 -4.37 1.10 38.88
C PHE D 287 -4.58 0.85 40.37
N SER D 288 -4.11 -0.31 40.84
CA SER D 288 -4.22 -0.65 42.26
C SER D 288 -3.31 0.25 43.11
N ALA D 289 -2.20 0.67 42.53
CA ALA D 289 -1.28 1.58 43.22
C ALA D 289 -1.97 2.93 43.41
N LEU D 290 -2.53 3.46 42.33
CA LEU D 290 -3.24 4.73 42.41
C LEU D 290 -4.42 4.59 43.38
N LEU D 291 -5.05 3.42 43.37
CA LEU D 291 -6.20 3.12 44.21
C LEU D 291 -5.82 3.18 45.69
N GLU D 292 -4.68 2.56 46.02
CA GLU D 292 -4.15 2.62 47.38
C GLU D 292 -3.84 4.05 47.79
N TYR D 293 -3.26 4.83 46.87
CA TYR D 293 -3.01 6.23 47.21
C TYR D 293 -4.32 6.96 47.50
N ALA D 294 -5.35 6.63 46.73
CA ALA D 294 -6.67 7.23 46.92
C ALA D 294 -7.26 6.88 48.29
N ALA D 295 -7.09 5.64 48.72
CA ALA D 295 -7.58 5.21 50.03
C ALA D 295 -6.81 5.94 51.14
N VAL D 296 -5.49 6.00 50.97
CA VAL D 296 -4.63 6.72 51.90
C VAL D 296 -5.08 8.16 52.03
N ASN D 297 -5.49 8.77 50.93
CA ASN D 297 -6.01 10.14 50.98
C ASN D 297 -7.37 10.22 51.66
N PHE D 298 -8.20 9.20 51.44
CA PHE D 298 -9.53 9.18 52.08
C PHE D 298 -9.36 9.16 53.59
N ILE D 299 -8.33 8.46 54.06
CA ILE D 299 -8.02 8.46 55.49
C ILE D 299 -7.32 9.76 55.92
N ALA D 300 -6.46 10.29 55.04
CA ALA D 300 -5.62 11.44 55.35
C ALA D 300 -6.34 12.78 55.28
N ARG D 301 -7.13 12.98 54.23
CA ARG D 301 -7.86 14.22 54.04
C ARG D 301 -9.03 14.28 55.02
N ALA D 302 -9.26 13.18 55.72
CA ALA D 302 -10.40 13.05 56.62
C ALA D 302 -10.24 13.74 57.97
N GLY D 303 -9.05 13.68 58.56
CA GLY D 303 -8.96 13.86 60.00
C GLY D 303 -7.67 13.62 60.76
N THR D 304 -7.87 13.19 62.01
CA THR D 304 -6.87 13.11 63.08
C THR D 304 -5.55 12.40 62.71
N LYS D 305 -4.46 12.91 63.29
CA LYS D 305 -3.10 12.41 63.07
C LYS D 305 -2.86 10.93 63.40
N LEU D 306 -3.68 10.35 64.26
CA LEU D 306 -3.54 8.92 64.53
C LEU D 306 -3.78 8.14 63.23
N PHE D 307 -4.81 8.57 62.50
CA PHE D 307 -5.09 8.03 61.17
C PHE D 307 -3.94 8.29 60.19
N ILE D 308 -3.27 9.43 60.30
CA ILE D 308 -2.19 9.75 59.36
C ILE D 308 -1.02 8.83 59.65
N SER D 309 -0.84 8.46 60.92
CA SER D 309 0.20 7.51 61.29
C SER D 309 -0.14 6.13 60.73
N ARG D 310 -1.42 5.78 60.83
CA ARG D 310 -1.93 4.53 60.26
C ARG D 310 -1.59 4.47 58.77
N ALA D 311 -1.80 5.59 58.09
CA ALA D 311 -1.52 5.70 56.65
C ALA D 311 -0.02 5.65 56.33
N LYS D 312 0.81 6.23 57.20
CA LYS D 312 2.25 6.12 56.99
C LYS D 312 2.71 4.67 57.17
N ARG D 313 1.96 3.91 57.97
CA ARG D 313 2.18 2.47 58.04
C ARG D 313 1.80 1.76 56.74
N ILE D 314 0.60 2.07 56.23
CA ILE D 314 0.14 1.39 55.01
C ILE D 314 1.05 1.73 53.83
N ASP D 315 1.70 2.89 53.86
CA ASP D 315 2.64 3.26 52.80
C ASP D 315 3.79 2.24 52.74
N THR D 316 4.45 2.03 53.87
CA THR D 316 5.59 1.12 53.93
C THR D 316 5.17 -0.31 53.59
N VAL D 317 4.11 -0.79 54.25
CA VAL D 317 3.71 -2.17 54.03
C VAL D 317 3.29 -2.39 52.56
N SER D 318 2.71 -1.36 51.95
CA SER D 318 2.35 -1.45 50.54
C SER D 318 3.58 -1.51 49.65
N ARG D 319 4.53 -0.60 49.89
CA ARG D 319 5.73 -0.53 49.06
C ARG D 319 6.48 -1.84 49.14
N VAL D 320 6.34 -2.54 50.26
CA VAL D 320 6.94 -3.87 50.40
C VAL D 320 6.07 -4.90 49.66
N ALA D 321 4.76 -4.67 49.63
CA ALA D 321 3.82 -5.62 49.05
C ALA D 321 3.87 -5.70 47.52
N PHE D 322 3.87 -4.54 46.85
CA PHE D 322 3.77 -4.49 45.39
C PHE D 322 4.88 -5.22 44.60
N PRO D 323 6.15 -5.05 45.00
CA PRO D 323 7.16 -5.82 44.26
C PRO D 323 6.98 -7.32 44.46
N LEU D 324 6.48 -7.73 45.62
CA LEU D 324 6.24 -9.14 45.87
C LEU D 324 5.08 -9.69 45.05
N VAL D 325 3.96 -8.98 45.02
CA VAL D 325 2.80 -9.45 44.26
C VAL D 325 3.13 -9.46 42.76
N PHE D 326 3.87 -8.46 42.30
CA PHE D 326 4.23 -8.39 40.89
C PHE D 326 5.23 -9.49 40.53
N LEU D 327 6.18 -9.73 41.42
CA LEU D 327 7.22 -10.73 41.19
C LEU D 327 6.62 -12.13 41.19
N ILE D 328 5.74 -12.41 42.15
CA ILE D 328 5.11 -13.71 42.24
C ILE D 328 4.19 -13.91 41.04
N PHE D 329 3.50 -12.86 40.60
CA PHE D 329 2.71 -13.01 39.39
C PHE D 329 3.60 -13.35 38.22
N ASN D 330 4.71 -12.63 38.09
CA ASN D 330 5.61 -12.81 36.96
C ASN D 330 6.06 -14.27 36.89
N ILE D 331 6.54 -14.76 38.03
CA ILE D 331 6.98 -16.15 38.16
C ILE D 331 5.87 -17.12 37.75
N PHE D 332 4.66 -16.84 38.22
CA PHE D 332 3.56 -17.77 38.02
C PHE D 332 3.18 -17.77 36.52
N TYR D 333 3.36 -16.60 35.92
CA TYR D 333 3.05 -16.34 34.52
C TYR D 333 3.98 -17.03 33.52
N TRP D 334 5.28 -16.89 33.70
CA TRP D 334 6.23 -17.39 32.70
C TRP D 334 6.17 -18.91 32.52
N ILE D 335 5.92 -19.62 33.61
CA ILE D 335 5.95 -21.08 33.61
C ILE D 335 4.97 -21.67 32.60
N THR D 336 3.74 -21.17 32.60
CA THR D 336 2.71 -21.72 31.72
C THR D 336 3.05 -21.56 30.25
N TYR D 337 3.41 -20.35 29.84
CA TYR D 337 3.63 -20.07 28.43
C TYR D 337 5.00 -20.47 27.87
N LYS D 338 6.09 -20.12 28.56
CA LYS D 338 7.41 -20.38 27.98
C LYS D 338 8.02 -21.68 28.51
N LEU D 339 7.35 -22.31 29.47
CA LEU D 339 7.84 -23.58 30.01
C LEU D 339 6.76 -24.65 29.90
N VAL D 340 7.20 -25.91 29.85
CA VAL D 340 6.30 -27.04 29.59
C VAL D 340 5.39 -26.78 28.39
N PRO D 341 5.97 -26.37 27.25
CA PRO D 341 5.12 -25.96 26.12
C PRO D 341 4.44 -27.14 25.43
N ARG D 342 3.19 -26.96 25.02
CA ARG D 342 2.41 -27.99 24.35
C ARG D 342 2.41 -29.31 25.13
N ALA E 1 -6.08 -44.06 -31.47
CA ALA E 1 -7.49 -44.31 -31.20
C ALA E 1 -8.06 -43.39 -30.12
N PRO E 2 -7.42 -43.29 -28.93
CA PRO E 2 -8.00 -42.36 -27.96
C PRO E 2 -7.89 -40.90 -28.39
N SER E 3 -6.80 -40.57 -29.06
CA SER E 3 -6.64 -39.24 -29.65
C SER E 3 -7.62 -39.04 -30.79
N GLU E 4 -7.84 -40.12 -31.55
CA GLU E 4 -8.74 -40.12 -32.70
C GLU E 4 -10.17 -39.78 -32.31
N PHE E 5 -10.54 -40.10 -31.07
CA PHE E 5 -11.87 -39.78 -30.54
C PHE E 5 -12.02 -38.32 -30.12
N LEU E 6 -10.97 -37.76 -29.51
CA LEU E 6 -10.93 -36.31 -29.29
C LEU E 6 -11.00 -35.58 -30.62
N ASP E 7 -10.35 -36.15 -31.63
CA ASP E 7 -10.34 -35.58 -32.98
C ASP E 7 -11.68 -35.76 -33.71
N LYS E 8 -12.40 -36.84 -33.39
CA LYS E 8 -13.67 -37.12 -34.05
C LYS E 8 -14.81 -36.32 -33.45
N LEU E 9 -14.86 -36.25 -32.12
CA LEU E 9 -15.92 -35.55 -31.43
C LEU E 9 -15.77 -34.04 -31.61
N MET E 10 -14.56 -33.54 -31.34
CA MET E 10 -14.29 -32.12 -31.38
C MET E 10 -13.66 -31.59 -32.67
N GLY E 11 -13.35 -32.49 -33.60
CA GLY E 11 -12.77 -32.08 -34.86
C GLY E 11 -13.64 -31.17 -35.69
N LYS E 12 -13.04 -30.54 -36.70
CA LYS E 12 -13.79 -29.80 -37.69
C LYS E 12 -14.85 -30.71 -38.31
N VAL E 13 -14.49 -31.99 -38.44
CA VAL E 13 -15.40 -33.02 -38.91
C VAL E 13 -16.62 -33.04 -37.99
N SER E 14 -17.78 -33.35 -38.58
CA SER E 14 -19.10 -33.28 -37.94
C SER E 14 -19.58 -31.83 -37.88
N GLY E 15 -18.74 -30.91 -38.35
CA GLY E 15 -19.07 -29.50 -38.41
C GLY E 15 -19.45 -28.84 -37.11
N TYR E 16 -18.73 -29.19 -36.04
CA TYR E 16 -18.96 -28.56 -34.74
C TYR E 16 -18.47 -27.11 -34.77
N ASP E 17 -19.31 -26.20 -34.30
CA ASP E 17 -18.93 -24.79 -34.24
C ASP E 17 -18.94 -24.29 -32.81
N ALA E 18 -17.81 -23.74 -32.38
CA ALA E 18 -17.66 -23.21 -31.03
C ALA E 18 -18.58 -22.03 -30.76
N ARG E 19 -18.67 -21.16 -31.76
CA ARG E 19 -19.35 -19.88 -31.63
C ARG E 19 -20.86 -20.00 -31.43
N ILE E 20 -21.46 -21.01 -32.04
CA ILE E 20 -22.91 -21.20 -31.98
C ILE E 20 -23.36 -21.75 -30.63
N ARG E 21 -24.44 -21.19 -30.10
CA ARG E 21 -25.07 -21.67 -28.88
C ARG E 21 -25.69 -23.05 -29.10
N PRO E 22 -25.56 -23.94 -28.09
CA PRO E 22 -26.21 -25.26 -28.09
C PRO E 22 -27.73 -25.16 -28.25
N ASN E 23 -28.31 -26.03 -29.07
CA ASN E 23 -29.74 -26.05 -29.31
C ASN E 23 -30.18 -24.67 -29.75
N PHE E 24 -29.49 -24.14 -30.76
CA PHE E 24 -29.68 -22.77 -31.22
C PHE E 24 -31.03 -22.57 -31.90
N LYS E 25 -31.59 -21.36 -31.74
CA LYS E 25 -32.92 -21.02 -32.24
C LYS E 25 -34.00 -21.88 -31.60
N GLY E 26 -33.94 -22.02 -30.28
CA GLY E 26 -34.82 -22.90 -29.55
C GLY E 26 -34.83 -22.59 -28.07
N PRO E 27 -35.34 -23.53 -27.26
CA PRO E 27 -35.41 -23.39 -25.80
C PRO E 27 -34.06 -22.97 -25.22
N PRO E 28 -34.08 -21.99 -24.30
CA PRO E 28 -32.86 -21.46 -23.69
C PRO E 28 -32.03 -22.52 -22.99
N VAL E 29 -30.72 -22.47 -23.17
CA VAL E 29 -29.82 -23.40 -22.53
C VAL E 29 -29.92 -23.20 -21.02
N ASN E 30 -30.01 -24.30 -20.30
CA ASN E 30 -30.13 -24.24 -18.84
C ASN E 30 -28.84 -24.66 -18.17
N VAL E 31 -28.28 -23.73 -17.41
CA VAL E 31 -27.02 -23.95 -16.73
C VAL E 31 -27.25 -24.08 -15.25
N THR E 32 -26.89 -25.24 -14.71
CA THR E 32 -26.98 -25.46 -13.27
C THR E 32 -25.60 -25.30 -12.68
N CYS E 33 -25.40 -24.25 -11.91
CA CYS E 33 -24.07 -23.98 -11.39
C CYS E 33 -24.05 -23.84 -9.88
N ASN E 34 -23.15 -24.60 -9.27
CA ASN E 34 -22.96 -24.60 -7.83
C ASN E 34 -21.52 -24.20 -7.54
N ILE E 35 -21.33 -23.45 -6.45
CA ILE E 35 -20.02 -22.93 -6.11
C ILE E 35 -19.50 -23.49 -4.79
N PHE E 36 -18.22 -23.86 -4.78
CA PHE E 36 -17.56 -24.29 -3.55
C PHE E 36 -16.52 -23.27 -3.13
N ILE E 37 -16.77 -22.59 -2.02
CA ILE E 37 -15.98 -21.43 -1.65
C ILE E 37 -14.83 -21.84 -0.73
N ASN E 38 -13.60 -21.61 -1.17
CA ASN E 38 -12.44 -22.02 -0.37
C ASN E 38 -12.26 -21.16 0.87
N SER E 39 -12.28 -19.83 0.69
CA SER E 39 -12.08 -18.95 1.84
C SER E 39 -12.65 -17.56 1.65
N PHE E 40 -12.99 -16.92 2.77
CA PHE E 40 -13.13 -15.47 2.79
C PHE E 40 -11.86 -14.92 3.38
N GLY E 41 -11.38 -13.81 2.84
CA GLY E 41 -10.19 -13.18 3.36
C GLY E 41 -10.20 -11.69 3.13
N SER E 42 -9.40 -10.97 3.92
CA SER E 42 -9.22 -9.53 3.78
C SER E 42 -10.54 -8.78 3.69
N ILE E 43 -11.47 -9.09 4.59
CA ILE E 43 -12.71 -8.32 4.64
C ILE E 43 -12.40 -7.03 5.35
N ALA E 44 -12.56 -5.92 4.64
CA ALA E 44 -12.21 -4.62 5.17
C ALA E 44 -13.38 -3.66 5.05
N GLU E 45 -13.73 -3.03 6.16
CA GLU E 45 -14.82 -2.07 6.18
C GLU E 45 -14.47 -0.86 5.33
N THR E 46 -13.22 -0.40 5.44
CA THR E 46 -12.76 0.80 4.73
C THR E 46 -12.72 0.59 3.22
N THR E 47 -12.15 -0.53 2.79
CA THR E 47 -12.05 -0.83 1.36
C THR E 47 -13.43 -1.18 0.82
N MET E 48 -14.30 -1.67 1.72
CA MET E 48 -15.72 -1.92 1.48
C MET E 48 -15.97 -3.23 0.74
N ASP E 49 -14.88 -3.92 0.37
CA ASP E 49 -14.99 -5.16 -0.39
C ASP E 49 -14.43 -6.37 0.37
N TYR E 50 -14.84 -7.57 -0.02
CA TYR E 50 -14.33 -8.79 0.59
C TYR E 50 -13.83 -9.78 -0.46
N ARG E 51 -12.69 -10.41 -0.17
CA ARG E 51 -12.12 -11.41 -1.07
C ARG E 51 -12.65 -12.81 -0.82
N VAL E 52 -13.05 -13.48 -1.88
CA VAL E 52 -13.38 -14.90 -1.81
C VAL E 52 -12.89 -15.62 -3.07
N ASN E 53 -12.20 -16.73 -2.89
CA ASN E 53 -11.82 -17.55 -4.05
C ASN E 53 -12.66 -18.82 -4.07
N ILE E 54 -13.26 -19.08 -5.23
CA ILE E 54 -14.30 -20.10 -5.34
C ILE E 54 -14.03 -21.03 -6.51
N PHE E 55 -14.41 -22.29 -6.33
CA PHE E 55 -14.60 -23.18 -7.46
C PHE E 55 -16.00 -22.95 -8.01
N LEU E 56 -16.09 -22.75 -9.32
CA LEU E 56 -17.36 -22.58 -9.99
C LEU E 56 -17.62 -23.80 -10.84
N ARG E 57 -18.71 -24.50 -10.52
CA ARG E 57 -19.10 -25.70 -11.27
C ARG E 57 -20.38 -25.44 -12.02
N GLN E 58 -20.30 -25.30 -13.33
CA GLN E 58 -21.49 -25.07 -14.13
C GLN E 58 -21.71 -26.20 -15.13
N GLN E 59 -22.97 -26.65 -15.18
CA GLN E 59 -23.40 -27.80 -15.94
C GLN E 59 -24.48 -27.43 -16.95
N TRP E 60 -24.17 -27.63 -18.23
CA TRP E 60 -25.14 -27.42 -19.29
C TRP E 60 -24.99 -28.60 -20.23
N ASN E 61 -26.08 -29.13 -20.77
CA ASN E 61 -25.92 -30.18 -21.75
C ASN E 61 -26.18 -29.64 -23.15
N ASP E 62 -25.38 -30.10 -24.10
CA ASP E 62 -25.68 -29.88 -25.51
C ASP E 62 -25.72 -31.22 -26.23
N PRO E 63 -26.68 -31.38 -27.15
CA PRO E 63 -26.92 -32.64 -27.86
C PRO E 63 -25.73 -33.07 -28.71
N ARG E 64 -25.08 -32.10 -29.34
CA ARG E 64 -24.03 -32.35 -30.32
C ARG E 64 -22.74 -32.94 -29.74
N LEU E 65 -22.41 -32.62 -28.50
CA LEU E 65 -21.22 -33.20 -27.87
C LEU E 65 -21.43 -34.67 -27.49
N ALA E 66 -22.69 -35.06 -27.31
CA ALA E 66 -23.00 -36.44 -26.89
C ALA E 66 -22.43 -37.46 -27.84
N TYR E 67 -21.84 -38.51 -27.28
CA TYR E 67 -21.16 -39.55 -28.06
C TYR E 67 -21.62 -40.94 -27.65
N SER E 68 -21.69 -41.85 -28.62
CA SER E 68 -22.03 -43.24 -28.35
C SER E 68 -20.80 -44.15 -28.28
N GLU E 69 -19.61 -43.57 -28.45
CA GLU E 69 -18.40 -44.36 -28.67
C GLU E 69 -17.88 -45.14 -27.46
N TYR E 70 -17.65 -44.47 -26.34
CA TYR E 70 -17.10 -45.13 -25.15
C TYR E 70 -18.10 -45.83 -24.24
N PRO E 71 -17.61 -46.83 -23.48
CA PRO E 71 -18.33 -47.46 -22.37
C PRO E 71 -18.58 -46.53 -21.18
N ASP E 72 -17.59 -45.71 -20.86
CA ASP E 72 -17.65 -44.86 -19.66
C ASP E 72 -18.73 -43.80 -19.77
N ASP E 73 -19.47 -43.60 -18.68
CA ASP E 73 -20.55 -42.62 -18.64
C ASP E 73 -20.03 -41.21 -18.83
N SER E 74 -18.99 -40.86 -18.07
CA SER E 74 -18.37 -39.55 -18.18
C SER E 74 -16.91 -39.69 -18.59
N LEU E 75 -16.50 -38.94 -19.61
CA LEU E 75 -15.10 -38.94 -20.00
C LEU E 75 -14.47 -37.59 -19.67
N ASP E 76 -13.27 -37.62 -19.13
CA ASP E 76 -12.58 -36.38 -18.76
C ASP E 76 -11.75 -35.86 -19.93
N LEU E 77 -12.18 -34.74 -20.49
CA LEU E 77 -11.44 -34.11 -21.58
C LEU E 77 -10.25 -33.33 -21.04
N ASP E 78 -9.28 -33.08 -21.91
CA ASP E 78 -8.11 -32.28 -21.57
C ASP E 78 -8.53 -30.84 -21.28
N PRO E 79 -7.87 -30.18 -20.31
CA PRO E 79 -8.13 -28.78 -19.98
C PRO E 79 -8.05 -27.82 -21.18
N SER E 80 -7.16 -28.08 -22.14
CA SER E 80 -7.05 -27.21 -23.32
C SER E 80 -8.25 -27.37 -24.26
N MET E 81 -8.75 -28.60 -24.38
CA MET E 81 -9.91 -28.91 -25.21
C MET E 81 -11.07 -27.97 -24.93
N LEU E 82 -11.15 -27.59 -23.66
CA LEU E 82 -12.14 -26.67 -23.15
C LEU E 82 -12.24 -25.33 -23.91
N ASP E 83 -11.11 -24.84 -24.38
CA ASP E 83 -11.10 -23.60 -25.15
C ASP E 83 -11.87 -23.75 -26.46
N SER E 84 -11.94 -24.98 -26.96
CA SER E 84 -12.60 -25.26 -28.23
C SER E 84 -14.13 -25.32 -28.11
N ILE E 85 -14.65 -25.96 -27.06
CA ILE E 85 -16.10 -26.11 -26.94
C ILE E 85 -16.74 -24.78 -26.55
N TRP E 86 -18.01 -24.64 -26.91
CA TRP E 86 -18.80 -23.49 -26.44
C TRP E 86 -18.89 -23.50 -24.93
N LYS E 87 -18.69 -22.34 -24.32
CA LYS E 87 -18.84 -22.21 -22.88
C LYS E 87 -19.93 -21.23 -22.55
N PRO E 88 -20.69 -21.49 -21.47
CA PRO E 88 -21.63 -20.49 -20.99
C PRO E 88 -20.87 -19.27 -20.48
N ASP E 89 -21.27 -18.09 -20.93
CA ASP E 89 -20.52 -16.89 -20.58
C ASP E 89 -21.10 -16.21 -19.35
N LEU E 90 -20.34 -16.26 -18.26
CA LEU E 90 -20.85 -15.86 -16.95
C LEU E 90 -19.90 -14.93 -16.20
N PHE E 91 -20.32 -13.69 -15.99
CA PHE E 91 -19.45 -12.74 -15.31
C PHE E 91 -20.09 -12.33 -13.99
N PHE E 92 -19.28 -12.21 -12.96
CA PHE E 92 -19.74 -11.66 -11.70
C PHE E 92 -20.00 -10.17 -11.89
N ALA E 93 -21.20 -9.73 -11.57
CA ALA E 93 -21.64 -8.36 -11.87
C ALA E 93 -20.92 -7.30 -11.05
N ASN E 94 -20.78 -7.58 -9.75
CA ASN E 94 -20.16 -6.67 -8.80
C ASN E 94 -18.67 -6.97 -8.61
N GLU E 95 -18.14 -7.82 -9.48
CA GLU E 95 -16.81 -8.41 -9.34
C GLU E 95 -15.64 -7.48 -9.04
N LYS E 96 -15.70 -6.21 -9.45
CA LYS E 96 -14.69 -5.21 -9.06
C LYS E 96 -13.27 -5.71 -9.42
N GLY E 97 -13.21 -6.59 -10.41
CA GLY E 97 -11.99 -7.25 -10.85
C GLY E 97 -11.81 -8.62 -10.21
N ALA E 98 -11.30 -9.56 -11.00
CA ALA E 98 -11.14 -10.94 -10.57
C ALA E 98 -10.09 -11.62 -11.42
N ASN E 99 -9.44 -12.66 -10.89
CA ASN E 99 -8.44 -13.34 -11.69
C ASN E 99 -8.46 -14.86 -11.58
N PHE E 100 -8.17 -15.53 -12.69
CA PHE E 100 -7.92 -16.96 -12.69
C PHE E 100 -6.61 -17.27 -11.98
N HIS E 101 -6.44 -18.52 -11.55
CA HIS E 101 -5.15 -19.00 -11.10
C HIS E 101 -4.58 -19.97 -12.12
N GLU E 102 -3.55 -19.53 -12.82
CA GLU E 102 -2.95 -20.31 -13.90
C GLU E 102 -1.67 -21.03 -13.43
N VAL E 103 -1.37 -20.93 -12.14
CA VAL E 103 -0.16 -21.54 -11.56
C VAL E 103 -0.04 -23.02 -11.90
N THR E 104 1.17 -23.41 -12.33
CA THR E 104 1.45 -24.71 -12.94
C THR E 104 0.56 -24.79 -14.18
N THR E 105 -0.33 -25.78 -14.22
CA THR E 105 -1.32 -25.83 -15.28
C THR E 105 -2.38 -24.77 -15.02
N ASP E 106 -3.14 -24.40 -16.04
CA ASP E 106 -4.31 -23.57 -15.83
C ASP E 106 -5.29 -24.41 -15.01
N ASN E 107 -5.97 -23.83 -14.03
CA ASN E 107 -6.76 -24.69 -13.16
C ASN E 107 -8.18 -24.70 -13.64
N LYS E 108 -8.52 -25.77 -14.36
CA LYS E 108 -9.82 -25.93 -14.99
C LYS E 108 -10.09 -27.43 -15.10
N LEU E 109 -11.34 -27.81 -14.88
CA LEU E 109 -11.73 -29.22 -14.90
C LEU E 109 -12.98 -29.41 -15.73
N LEU E 110 -12.88 -30.18 -16.80
CA LEU E 110 -14.05 -30.40 -17.63
C LEU E 110 -14.25 -31.87 -17.97
N ARG E 111 -15.51 -32.29 -17.98
CA ARG E 111 -15.84 -33.66 -18.33
C ARG E 111 -17.17 -33.73 -19.08
N ILE E 112 -17.24 -34.60 -20.08
CA ILE E 112 -18.45 -34.75 -20.88
C ILE E 112 -19.08 -36.12 -20.64
N SER E 113 -20.34 -36.11 -20.20
CA SER E 113 -21.10 -37.34 -20.07
C SER E 113 -21.63 -37.77 -21.43
N LYS E 114 -21.76 -39.08 -21.63
CA LYS E 114 -22.28 -39.64 -22.88
C LYS E 114 -23.68 -39.09 -23.17
N ASN E 115 -24.41 -38.78 -22.10
CA ASN E 115 -25.73 -38.17 -22.17
C ASN E 115 -25.61 -36.82 -22.89
N GLY E 116 -24.46 -36.20 -22.75
CA GLY E 116 -24.23 -34.88 -23.31
C GLY E 116 -24.20 -33.82 -22.23
N ASN E 117 -24.32 -34.25 -20.97
CA ASN E 117 -24.17 -33.35 -19.85
C ASN E 117 -22.71 -32.95 -19.75
N VAL E 118 -22.47 -31.66 -19.60
CA VAL E 118 -21.11 -31.15 -19.50
C VAL E 118 -20.87 -30.60 -18.10
N LEU E 119 -19.80 -31.03 -17.46
CA LEU E 119 -19.41 -30.47 -16.18
C LEU E 119 -18.18 -29.61 -16.36
N TYR E 120 -18.29 -28.34 -15.97
CA TYR E 120 -17.22 -27.39 -16.15
C TYR E 120 -16.88 -26.65 -14.86
N SER E 121 -15.63 -26.74 -14.45
CA SER E 121 -15.21 -26.25 -13.14
C SER E 121 -13.99 -25.36 -13.26
N ILE E 122 -14.04 -24.17 -12.64
CA ILE E 122 -12.89 -23.27 -12.68
C ILE E 122 -12.61 -22.68 -11.31
N ARG E 123 -11.33 -22.42 -11.03
CA ARG E 123 -10.97 -21.81 -9.78
C ARG E 123 -10.65 -20.33 -9.97
N ILE E 124 -11.41 -19.49 -9.29
CA ILE E 124 -11.34 -18.05 -9.48
C ILE E 124 -11.05 -17.34 -8.17
N THR E 125 -10.30 -16.25 -8.21
CA THR E 125 -10.25 -15.36 -7.06
C THR E 125 -11.05 -14.10 -7.36
N LEU E 126 -11.97 -13.80 -6.45
CA LEU E 126 -12.88 -12.69 -6.56
C LEU E 126 -12.62 -11.66 -5.48
N VAL E 127 -12.60 -10.40 -5.87
CA VAL E 127 -12.80 -9.32 -4.93
C VAL E 127 -14.26 -8.94 -5.13
N LEU E 128 -15.02 -8.79 -4.07
CA LEU E 128 -16.43 -8.45 -4.26
C LEU E 128 -16.82 -7.23 -3.47
N ALA E 129 -17.39 -6.24 -4.14
CA ALA E 129 -17.82 -5.05 -3.43
C ALA E 129 -19.26 -5.26 -3.01
N CYS E 130 -19.44 -5.50 -1.71
CA CYS E 130 -20.76 -5.61 -1.14
C CYS E 130 -21.11 -4.34 -0.38
N PRO E 131 -22.29 -3.78 -0.64
CA PRO E 131 -22.72 -2.67 0.20
C PRO E 131 -23.02 -3.18 1.61
N MET E 132 -22.52 -2.49 2.63
CA MET E 132 -22.78 -2.93 4.00
C MET E 132 -23.24 -1.78 4.90
N ASP E 133 -24.37 -2.01 5.58
CA ASP E 133 -24.96 -1.03 6.48
C ASP E 133 -24.35 -1.09 7.87
N LEU E 134 -23.81 0.04 8.32
CA LEU E 134 -23.15 0.15 9.61
C LEU E 134 -24.03 0.71 10.73
N LYS E 135 -25.34 0.85 10.47
CA LYS E 135 -26.26 1.56 11.35
C LYS E 135 -26.05 1.23 12.83
N ASN E 136 -25.81 -0.03 13.16
CA ASN E 136 -25.19 -0.37 14.44
C ASN E 136 -23.89 -1.15 14.19
N PHE E 137 -22.75 -0.50 14.37
CA PHE E 137 -21.49 -1.09 13.91
C PHE E 137 -20.89 -2.29 14.65
N PRO E 138 -20.66 -2.16 15.98
CA PRO E 138 -19.79 -3.18 16.58
C PRO E 138 -20.31 -4.61 16.48
N MET E 139 -21.59 -4.78 16.80
CA MET E 139 -22.23 -6.09 16.85
C MET E 139 -23.12 -6.49 15.65
N ASP E 140 -23.10 -5.69 14.58
CA ASP E 140 -24.01 -5.92 13.44
C ASP E 140 -23.89 -7.26 12.71
N VAL E 141 -24.97 -7.61 12.04
CA VAL E 141 -24.98 -8.70 11.07
C VAL E 141 -24.87 -8.10 9.69
N GLN E 142 -23.90 -8.55 8.90
CA GLN E 142 -23.74 -8.04 7.55
C GLN E 142 -23.98 -9.11 6.49
N THR E 143 -24.71 -8.73 5.45
CA THR E 143 -25.02 -9.64 4.35
C THR E 143 -24.17 -9.32 3.14
N CYS E 144 -23.44 -10.32 2.67
CA CYS E 144 -22.54 -10.17 1.53
C CYS E 144 -23.09 -10.97 0.37
N ILE E 145 -23.27 -10.32 -0.78
CA ILE E 145 -23.99 -10.96 -1.86
C ILE E 145 -23.14 -11.04 -3.11
N MET E 146 -23.25 -12.15 -3.82
CA MET E 146 -22.61 -12.29 -5.11
C MET E 146 -23.62 -12.78 -6.14
N GLN E 147 -23.73 -12.01 -7.22
CA GLN E 147 -24.69 -12.27 -8.28
C GLN E 147 -24.01 -12.57 -9.62
N LEU E 148 -24.33 -13.73 -10.16
CA LEU E 148 -23.75 -14.26 -11.38
C LEU E 148 -24.70 -14.00 -12.54
N GLU E 149 -24.27 -13.18 -13.49
CA GLU E 149 -25.13 -12.82 -14.61
C GLU E 149 -24.49 -13.11 -15.97
N SER E 150 -25.32 -13.34 -16.97
CA SER E 150 -24.82 -13.61 -18.32
C SER E 150 -24.87 -12.34 -19.15
N PHE E 151 -23.69 -11.83 -19.48
CA PHE E 151 -23.57 -10.58 -20.21
C PHE E 151 -23.83 -10.78 -21.70
N GLY E 152 -23.57 -12.00 -22.16
CA GLY E 152 -23.72 -12.33 -23.57
C GLY E 152 -25.12 -12.41 -24.13
N TYR E 153 -26.00 -13.20 -23.51
CA TYR E 153 -27.28 -13.49 -24.17
C TYR E 153 -28.45 -13.08 -23.28
N THR E 154 -29.61 -12.89 -23.90
CA THR E 154 -30.82 -12.52 -23.17
C THR E 154 -31.45 -13.72 -22.46
N MET E 155 -32.59 -13.47 -21.82
CA MET E 155 -33.34 -14.48 -21.08
C MET E 155 -33.80 -15.64 -21.96
N ASN E 156 -34.26 -15.34 -23.17
CA ASN E 156 -34.76 -16.36 -24.08
C ASN E 156 -33.65 -17.32 -24.57
N ASP E 157 -32.41 -16.82 -24.61
CA ASP E 157 -31.27 -17.65 -25.01
C ASP E 157 -30.66 -18.51 -23.90
N LEU E 158 -30.51 -17.94 -22.70
CA LEU E 158 -29.80 -18.61 -21.63
C LEU E 158 -30.46 -18.39 -20.27
N ILE E 159 -30.30 -19.35 -19.35
CA ILE E 159 -30.87 -19.26 -18.01
C ILE E 159 -29.90 -19.88 -16.99
N PHE E 160 -29.85 -19.33 -15.78
CA PHE E 160 -29.08 -19.92 -14.70
C PHE E 160 -29.98 -20.44 -13.58
N GLU E 161 -29.68 -21.65 -13.13
CA GLU E 161 -30.44 -22.29 -12.05
C GLU E 161 -29.47 -22.88 -11.04
N TRP E 162 -29.70 -22.64 -9.75
CA TRP E 162 -28.88 -23.27 -8.72
C TRP E 162 -29.17 -24.75 -8.70
N ASP E 163 -28.20 -25.56 -8.28
CA ASP E 163 -28.42 -27.00 -8.19
C ASP E 163 -29.41 -27.27 -7.06
N GLU E 164 -30.38 -28.13 -7.32
CA GLU E 164 -31.47 -28.40 -6.37
C GLU E 164 -30.98 -28.81 -4.98
N LYS E 165 -29.89 -29.56 -4.94
CA LYS E 165 -29.28 -29.96 -3.67
C LYS E 165 -27.83 -29.48 -3.58
N GLY E 166 -27.49 -28.80 -2.49
CA GLY E 166 -26.13 -28.36 -2.25
C GLY E 166 -25.57 -27.40 -3.29
N ALA E 167 -26.25 -26.30 -3.52
CA ALA E 167 -25.83 -25.32 -4.51
C ALA E 167 -24.58 -24.54 -4.08
N VAL E 168 -24.44 -24.26 -2.79
CA VAL E 168 -23.20 -23.64 -2.33
C VAL E 168 -22.58 -24.46 -1.20
N GLN E 169 -21.31 -24.82 -1.37
CA GLN E 169 -20.62 -25.52 -0.29
C GLN E 169 -19.47 -24.68 0.22
N VAL E 170 -19.08 -24.94 1.46
CA VAL E 170 -18.04 -24.18 2.13
C VAL E 170 -16.95 -25.17 2.51
N ALA E 171 -15.73 -24.69 2.66
CA ALA E 171 -14.63 -25.53 3.10
C ALA E 171 -14.96 -26.13 4.46
N ASP E 172 -14.57 -27.38 4.67
CA ASP E 172 -14.91 -28.09 5.90
C ASP E 172 -14.29 -27.39 7.11
N GLY E 173 -13.08 -26.88 6.94
CA GLY E 173 -12.38 -26.21 8.01
C GLY E 173 -12.31 -24.69 7.96
N LEU E 174 -13.24 -24.06 7.24
CA LEU E 174 -13.14 -22.62 7.01
C LEU E 174 -13.63 -21.79 8.19
N THR E 175 -12.79 -20.86 8.63
CA THR E 175 -13.14 -19.91 9.67
C THR E 175 -12.69 -18.51 9.29
N LEU E 176 -13.44 -17.51 9.73
CA LEU E 176 -13.07 -16.12 9.54
C LEU E 176 -12.67 -15.52 10.88
N PRO E 177 -11.47 -14.92 10.95
CA PRO E 177 -11.00 -14.35 12.22
C PRO E 177 -11.91 -13.26 12.76
N GLN E 178 -12.40 -12.37 11.89
CA GLN E 178 -13.27 -11.30 12.33
C GLN E 178 -14.75 -11.67 12.46
N PHE E 179 -15.32 -12.44 11.52
CA PHE E 179 -16.75 -12.72 11.58
C PHE E 179 -16.99 -14.23 11.65
N ILE E 180 -18.21 -14.63 12.01
CA ILE E 180 -18.62 -16.01 11.81
C ILE E 180 -19.72 -16.10 10.76
N LEU E 181 -19.54 -17.03 9.83
CA LEU E 181 -20.52 -17.33 8.80
C LEU E 181 -21.63 -18.20 9.36
N LYS E 182 -22.85 -18.01 8.88
CA LYS E 182 -24.00 -18.78 9.37
C LYS E 182 -24.33 -19.92 8.44
N GLU E 183 -24.64 -21.08 9.01
CA GLU E 183 -24.94 -22.29 8.25
C GLU E 183 -26.11 -22.07 7.28
N GLU E 184 -27.14 -21.36 7.74
CA GLU E 184 -28.28 -21.06 6.88
C GLU E 184 -27.87 -20.08 5.79
N LYS E 185 -28.06 -20.47 4.54
CA LYS E 185 -27.67 -19.65 3.41
C LYS E 185 -28.85 -19.44 2.49
N ASP E 186 -29.15 -18.18 2.17
CA ASP E 186 -30.29 -17.90 1.33
C ASP E 186 -29.81 -17.81 -0.12
N LEU E 187 -30.61 -18.33 -1.03
CA LEU E 187 -30.29 -18.31 -2.45
C LEU E 187 -31.48 -17.75 -3.19
N ARG E 188 -31.33 -16.68 -3.96
CA ARG E 188 -32.53 -16.21 -4.64
C ARG E 188 -32.29 -15.67 -6.03
N TYR E 189 -33.25 -15.94 -6.93
CA TYR E 189 -33.17 -15.44 -8.28
C TYR E 189 -33.21 -13.93 -8.34
N CYS E 190 -32.68 -13.41 -9.44
CA CYS E 190 -32.82 -12.02 -9.81
C CYS E 190 -32.93 -12.00 -11.33
N THR E 191 -33.58 -10.99 -11.86
CA THR E 191 -33.55 -10.78 -13.30
C THR E 191 -33.13 -9.34 -13.55
N LYS E 192 -32.11 -9.16 -14.39
CA LYS E 192 -31.65 -7.81 -14.67
C LYS E 192 -32.24 -7.24 -15.94
N HIS E 193 -32.84 -6.05 -15.82
CA HIS E 193 -33.31 -5.32 -16.97
C HIS E 193 -32.36 -4.18 -17.32
N TYR E 194 -31.80 -4.27 -18.52
CA TYR E 194 -30.91 -3.26 -19.06
C TYR E 194 -31.50 -2.76 -20.36
N ASN E 195 -30.99 -1.63 -20.83
CA ASN E 195 -31.45 -1.05 -22.09
C ASN E 195 -31.33 -2.03 -23.26
N THR E 196 -30.29 -2.86 -23.21
CA THR E 196 -30.05 -3.86 -24.26
C THR E 196 -31.09 -4.97 -24.25
N GLY E 197 -31.44 -5.45 -23.06
CA GLY E 197 -32.40 -6.52 -22.91
C GLY E 197 -32.41 -7.07 -21.48
N LYS E 198 -33.07 -8.20 -21.28
CA LYS E 198 -33.11 -8.79 -19.94
C LYS E 198 -32.12 -9.95 -19.82
N PHE E 199 -31.25 -9.86 -18.83
CA PHE E 199 -30.19 -10.83 -18.62
C PHE E 199 -30.42 -11.60 -17.32
N THR E 200 -30.21 -12.90 -17.38
CA THR E 200 -30.40 -13.76 -16.22
C THR E 200 -29.31 -13.54 -15.19
N CYS E 201 -29.68 -13.63 -13.92
CA CYS E 201 -28.69 -13.63 -12.87
C CYS E 201 -29.16 -14.50 -11.71
N ILE E 202 -28.22 -15.10 -11.01
CA ILE E 202 -28.55 -15.82 -9.79
C ILE E 202 -27.63 -15.33 -8.68
N GLU E 203 -28.19 -15.06 -7.52
CA GLU E 203 -27.34 -14.57 -6.44
C GLU E 203 -27.44 -15.39 -5.16
N ALA E 204 -26.24 -15.67 -4.62
CA ALA E 204 -26.10 -16.25 -3.30
C ALA E 204 -26.17 -15.17 -2.23
N ARG E 205 -26.56 -15.56 -1.03
CA ARG E 205 -26.45 -14.70 0.15
C ARG E 205 -25.45 -15.31 1.13
N PHE E 206 -24.64 -14.46 1.73
CA PHE E 206 -23.84 -14.89 2.88
C PHE E 206 -24.18 -14.01 4.06
N HIS E 207 -24.40 -14.63 5.23
CA HIS E 207 -24.65 -13.86 6.43
C HIS E 207 -23.48 -13.99 7.39
N LEU E 208 -22.96 -12.84 7.82
CA LEU E 208 -21.78 -12.81 8.68
C LEU E 208 -22.08 -12.06 9.97
N GLU E 209 -21.67 -12.62 11.10
CA GLU E 209 -21.86 -11.93 12.37
C GLU E 209 -20.54 -11.55 13.02
N ARG E 210 -20.44 -10.28 13.39
CA ARG E 210 -19.27 -9.74 14.08
C ARG E 210 -18.95 -10.38 15.42
N GLN E 211 -17.68 -10.77 15.56
CA GLN E 211 -17.16 -11.29 16.82
C GLN E 211 -17.04 -10.18 17.86
N MET E 212 -17.65 -10.40 19.02
CA MET E 212 -17.71 -9.37 20.06
C MET E 212 -16.52 -9.42 21.01
N GLY E 213 -15.68 -10.43 20.87
CA GLY E 213 -14.55 -10.58 21.76
C GLY E 213 -13.56 -9.42 21.65
N TYR E 214 -13.08 -9.19 20.43
CA TYR E 214 -12.09 -8.15 20.19
C TYR E 214 -12.59 -6.76 20.55
N TYR E 215 -13.80 -6.42 20.12
CA TYR E 215 -14.35 -5.10 20.42
C TYR E 215 -14.65 -4.93 21.91
N LEU E 216 -15.01 -6.02 22.58
CA LEU E 216 -15.25 -5.93 24.01
C LEU E 216 -13.92 -5.60 24.69
N ILE E 217 -12.89 -6.38 24.37
CA ILE E 217 -11.58 -6.25 24.99
C ILE E 217 -10.94 -4.90 24.69
N GLN E 218 -11.10 -4.44 23.45
CA GLN E 218 -10.42 -3.23 22.96
C GLN E 218 -11.25 -1.98 23.19
N MET E 219 -12.45 -1.95 22.63
CA MET E 219 -13.28 -0.75 22.67
C MET E 219 -13.92 -0.43 24.02
N TYR E 220 -14.64 -1.38 24.60
CA TYR E 220 -15.49 -1.11 25.76
C TYR E 220 -14.78 -1.06 27.13
N ILE E 221 -13.90 -2.02 27.37
CA ILE E 221 -13.24 -2.13 28.68
C ILE E 221 -12.44 -0.88 29.06
N PRO E 222 -11.59 -0.36 28.14
CA PRO E 222 -10.86 0.86 28.51
C PRO E 222 -11.80 2.02 28.85
N SER E 223 -12.93 2.10 28.15
CA SER E 223 -13.94 3.09 28.46
C SER E 223 -14.42 2.91 29.90
N LEU E 224 -14.77 1.68 30.26
CA LEU E 224 -15.19 1.36 31.63
C LEU E 224 -14.15 1.83 32.65
N LEU E 225 -12.89 1.52 32.37
CA LEU E 225 -11.77 1.85 33.25
C LEU E 225 -11.64 3.36 33.46
N ILE E 226 -11.62 4.08 32.34
CA ILE E 226 -11.52 5.54 32.38
C ILE E 226 -12.68 6.13 33.17
N VAL E 227 -13.87 5.57 33.01
CA VAL E 227 -15.03 6.04 33.77
C VAL E 227 -14.83 5.76 35.26
N ILE E 228 -14.15 4.65 35.58
CA ILE E 228 -13.80 4.37 36.97
C ILE E 228 -12.89 5.46 37.53
N LEU E 229 -11.97 5.96 36.70
CA LEU E 229 -11.04 7.00 37.15
C LEU E 229 -11.71 8.29 37.66
N SER E 230 -12.85 8.66 37.07
CA SER E 230 -13.59 9.81 37.58
C SER E 230 -14.09 9.52 38.99
N TRP E 231 -14.61 8.31 39.14
CA TRP E 231 -15.15 7.85 40.42
C TRP E 231 -14.08 7.91 41.50
N VAL E 232 -12.87 7.45 41.20
CA VAL E 232 -11.81 7.54 42.19
C VAL E 232 -11.40 9.01 42.36
N SER E 233 -11.61 9.83 41.33
CA SER E 233 -11.25 11.24 41.43
C SER E 233 -12.10 11.94 42.49
N PHE E 234 -13.39 11.59 42.58
CA PHE E 234 -14.29 12.31 43.49
C PHE E 234 -13.84 12.29 44.95
N TRP E 235 -13.17 11.23 45.37
CA TRP E 235 -12.86 11.06 46.80
C TRP E 235 -11.80 12.04 47.29
N ILE E 236 -10.83 12.35 46.44
CA ILE E 236 -9.80 13.34 46.77
C ILE E 236 -10.49 14.65 47.17
N ASN E 237 -9.98 15.30 48.21
CA ASN E 237 -10.56 16.54 48.73
C ASN E 237 -10.66 17.61 47.65
N MET E 238 -11.68 18.46 47.74
CA MET E 238 -11.83 19.53 46.75
C MET E 238 -10.75 20.58 46.92
N ASP E 239 -10.13 20.62 48.11
CA ASP E 239 -9.09 21.59 48.40
C ASP E 239 -7.95 21.51 47.38
N ALA E 240 -7.61 20.31 46.95
CA ALA E 240 -6.61 20.21 45.91
C ALA E 240 -7.34 20.21 44.57
N ALA E 241 -7.34 21.37 43.93
CA ALA E 241 -7.96 21.57 42.63
C ALA E 241 -7.22 20.84 41.50
N PRO E 242 -5.90 20.84 41.56
CA PRO E 242 -5.09 20.22 40.51
C PRO E 242 -5.32 18.73 40.31
N ALA E 243 -5.47 17.98 41.40
CA ALA E 243 -5.69 16.54 41.30
C ALA E 243 -7.01 16.25 40.61
N ARG E 244 -8.03 17.04 40.93
CA ARG E 244 -9.36 16.89 40.35
C ARG E 244 -9.43 17.37 38.91
N VAL E 245 -8.83 18.51 38.65
CA VAL E 245 -8.78 19.10 37.32
C VAL E 245 -7.88 18.23 36.45
N GLY E 246 -6.81 17.70 37.04
CA GLY E 246 -5.91 16.80 36.36
C GLY E 246 -6.58 15.52 35.93
N LEU E 247 -7.30 14.88 36.85
CA LEU E 247 -8.05 13.67 36.53
C LEU E 247 -9.16 13.93 35.51
N GLY E 248 -9.91 15.01 35.69
CA GLY E 248 -11.00 15.32 34.78
C GLY E 248 -10.51 15.58 33.37
N ILE E 249 -9.53 16.46 33.24
CA ILE E 249 -8.94 16.78 31.95
C ILE E 249 -8.33 15.55 31.31
N THR E 250 -7.45 14.88 32.04
CA THR E 250 -6.74 13.74 31.49
C THR E 250 -7.72 12.68 30.98
N THR E 251 -8.73 12.38 31.80
CA THR E 251 -9.74 11.41 31.41
C THR E 251 -10.55 11.85 30.19
N VAL E 252 -10.92 13.12 30.11
CA VAL E 252 -11.72 13.56 28.95
C VAL E 252 -10.87 13.49 27.67
N LEU E 253 -9.57 13.81 27.79
CA LEU E 253 -8.66 13.72 26.66
C LEU E 253 -8.53 12.30 26.18
N THR E 254 -8.27 11.39 27.13
CA THR E 254 -8.13 9.99 26.81
C THR E 254 -9.39 9.46 26.16
N MET E 255 -10.55 9.89 26.63
CA MET E 255 -11.81 9.50 26.01
C MET E 255 -11.88 9.98 24.57
N THR E 256 -11.42 11.20 24.33
CA THR E 256 -11.35 11.73 22.97
C THR E 256 -10.51 10.82 22.06
N THR E 257 -9.31 10.49 22.53
CA THR E 257 -8.40 9.62 21.77
C THR E 257 -9.00 8.25 21.50
N GLN E 258 -9.54 7.63 22.55
CA GLN E 258 -10.20 6.34 22.46
C GLN E 258 -11.30 6.39 21.40
N SER E 259 -12.03 7.50 21.38
CA SER E 259 -13.12 7.69 20.43
C SER E 259 -12.62 7.74 18.99
N SER E 260 -11.56 8.52 18.74
CA SER E 260 -10.99 8.60 17.39
C SER E 260 -10.47 7.24 16.89
N GLY E 261 -9.84 6.51 17.80
CA GLY E 261 -9.29 5.20 17.51
C GLY E 261 -10.27 4.26 16.85
N SER E 262 -11.53 4.33 17.27
CA SER E 262 -12.58 3.51 16.70
C SER E 262 -12.85 3.93 15.26
N ARG E 263 -12.82 5.23 15.05
CA ARG E 263 -13.07 5.88 13.76
C ARG E 263 -12.06 5.54 12.66
N ALA E 264 -10.80 5.40 13.05
CA ALA E 264 -9.74 5.12 12.08
C ALA E 264 -9.95 3.83 11.30
N SER E 265 -10.43 2.79 11.97
CA SER E 265 -10.64 1.52 11.26
C SER E 265 -11.77 1.57 10.23
N LEU E 266 -12.82 2.31 10.55
CA LEU E 266 -14.04 2.32 9.75
C LEU E 266 -14.03 3.26 8.55
N PRO E 267 -14.85 2.94 7.53
CA PRO E 267 -15.01 3.87 6.41
C PRO E 267 -15.82 5.07 6.86
N LYS E 268 -15.57 6.21 6.23
CA LYS E 268 -16.26 7.43 6.61
C LYS E 268 -17.75 7.33 6.26
N VAL E 269 -18.59 7.58 7.24
CA VAL E 269 -20.03 7.32 7.14
C VAL E 269 -20.84 8.45 7.77
N SER E 270 -21.98 8.79 7.17
CA SER E 270 -22.80 9.90 7.62
C SER E 270 -23.63 9.57 8.86
N TYR E 271 -24.31 8.42 8.85
CA TYR E 271 -25.19 8.05 9.96
C TYR E 271 -24.42 7.63 11.21
N VAL E 272 -25.01 7.93 12.36
CA VAL E 272 -24.37 7.69 13.65
C VAL E 272 -24.24 6.19 13.95
N LYS E 273 -23.02 5.78 14.26
CA LYS E 273 -22.72 4.39 14.60
C LYS E 273 -23.06 4.16 16.07
N ALA E 274 -23.39 2.92 16.43
CA ALA E 274 -23.70 2.59 17.82
C ALA E 274 -22.52 2.90 18.73
N ILE E 275 -21.32 2.62 18.22
CA ILE E 275 -20.10 2.90 18.93
C ILE E 275 -20.04 4.38 19.29
N ASP E 276 -20.59 5.22 18.42
CA ASP E 276 -20.61 6.66 18.65
C ASP E 276 -21.55 7.07 19.78
N ILE E 277 -22.69 6.41 19.93
CA ILE E 277 -23.59 6.78 21.02
C ILE E 277 -22.94 6.33 22.32
N TRP E 278 -22.26 5.18 22.27
CA TRP E 278 -21.50 4.70 23.43
C TRP E 278 -20.42 5.71 23.84
N MET E 279 -19.69 6.21 22.86
CA MET E 279 -18.61 7.15 23.15
C MET E 279 -19.17 8.47 23.66
N ALA E 280 -20.28 8.88 23.06
CA ALA E 280 -20.94 10.13 23.42
C ALA E 280 -21.42 10.09 24.86
N VAL E 281 -21.95 8.96 25.30
CA VAL E 281 -22.44 8.87 26.67
C VAL E 281 -21.27 8.77 27.66
N CYS E 282 -20.22 8.01 27.31
CA CYS E 282 -19.08 7.90 28.21
C CYS E 282 -18.44 9.27 28.42
N LEU E 283 -18.25 9.96 27.30
CA LEU E 283 -17.64 11.28 27.32
C LEU E 283 -18.55 12.27 28.04
N LEU E 284 -19.85 12.07 27.90
CA LEU E 284 -20.83 12.90 28.58
C LEU E 284 -20.73 12.72 30.09
N PHE E 285 -20.45 11.50 30.53
CA PHE E 285 -20.31 11.23 31.96
C PHE E 285 -19.02 11.80 32.54
N VAL E 286 -17.89 11.63 31.85
CA VAL E 286 -16.66 12.21 32.38
C VAL E 286 -16.76 13.75 32.39
N PHE E 287 -17.34 14.30 31.33
CA PHE E 287 -17.52 15.74 31.24
C PHE E 287 -18.46 16.25 32.33
N SER E 288 -19.49 15.47 32.63
CA SER E 288 -20.44 15.83 33.69
C SER E 288 -19.78 15.74 35.06
N ALA E 289 -18.83 14.82 35.20
CA ALA E 289 -18.08 14.69 36.45
C ALA E 289 -17.24 15.95 36.68
N LEU E 290 -16.49 16.33 35.66
CA LEU E 290 -15.68 17.54 35.75
C LEU E 290 -16.58 18.75 35.98
N LEU E 291 -17.75 18.72 35.36
CA LEU E 291 -18.73 19.80 35.48
C LEU E 291 -19.21 19.95 36.92
N GLU E 292 -19.53 18.82 37.55
CA GLU E 292 -19.92 18.80 38.95
C GLU E 292 -18.80 19.32 39.83
N TYR E 293 -17.56 18.94 39.54
CA TYR E 293 -16.45 19.48 40.33
C TYR E 293 -16.36 20.99 40.17
N ALA E 294 -16.62 21.48 38.96
CA ALA E 294 -16.62 22.91 38.69
C ALA E 294 -17.69 23.64 39.49
N ALA E 295 -18.87 23.05 39.57
CA ALA E 295 -19.96 23.65 40.34
C ALA E 295 -19.61 23.69 41.83
N VAL E 296 -19.07 22.57 42.32
CA VAL E 296 -18.61 22.45 43.69
C VAL E 296 -17.58 23.53 44.00
N ASN E 297 -16.72 23.84 43.05
CA ASN E 297 -15.74 24.91 43.22
C ASN E 297 -16.40 26.28 43.20
N PHE E 298 -17.42 26.45 42.36
CA PHE E 298 -18.12 27.73 42.29
C PHE E 298 -18.74 28.04 43.64
N ILE E 299 -19.23 27.00 44.32
CA ILE E 299 -19.76 27.16 45.67
C ILE E 299 -18.64 27.30 46.70
N ALA E 300 -17.54 26.57 46.49
CA ALA E 300 -16.44 26.49 47.47
C ALA E 300 -15.51 27.69 47.45
N ARG E 301 -15.13 28.12 46.25
CA ARG E 301 -14.22 29.26 46.10
C ARG E 301 -14.96 30.56 46.41
N ALA E 302 -16.27 30.46 46.59
CA ALA E 302 -17.13 31.60 46.80
C ALA E 302 -17.09 32.20 48.21
N GLY E 303 -17.02 31.34 49.24
CA GLY E 303 -17.48 31.79 50.55
C GLY E 303 -17.63 30.83 51.72
N THR E 304 -18.60 31.17 52.56
CA THR E 304 -18.84 30.61 53.89
C THR E 304 -18.85 29.08 53.99
N LYS E 305 -18.35 28.58 55.12
CA LYS E 305 -18.25 27.14 55.42
C LYS E 305 -19.57 26.36 55.39
N LEU E 306 -20.70 27.03 55.58
CA LEU E 306 -21.97 26.34 55.49
C LEU E 306 -22.14 25.79 54.06
N PHE E 307 -21.77 26.62 53.09
CA PHE E 307 -21.72 26.21 51.70
C PHE E 307 -20.72 25.07 51.46
N ILE E 308 -19.60 25.09 52.17
CA ILE E 308 -18.58 24.05 51.95
C ILE E 308 -19.12 22.73 52.48
N SER E 309 -19.94 22.78 53.53
CA SER E 309 -20.58 21.59 54.06
C SER E 309 -21.60 21.07 53.05
N ARG E 310 -22.33 22.01 52.45
CA ARG E 310 -23.30 21.69 51.40
C ARG E 310 -22.59 20.93 50.27
N ALA E 311 -21.40 21.42 49.90
CA ALA E 311 -20.59 20.81 48.86
C ALA E 311 -20.04 19.44 49.25
N LYS E 312 -19.67 19.27 50.52
CA LYS E 312 -19.22 17.96 50.97
C LYS E 312 -20.38 16.97 50.93
N ARG E 313 -21.61 17.47 51.06
CA ARG E 313 -22.79 16.64 50.83
C ARG E 313 -22.92 16.24 49.34
N ILE E 314 -22.82 17.23 48.45
CA ILE E 314 -22.99 16.94 47.03
C ILE E 314 -21.90 15.98 46.53
N ASP E 315 -20.74 15.99 47.18
CA ASP E 315 -19.67 15.05 46.82
C ASP E 315 -20.15 13.61 47.00
N THR E 316 -20.63 13.29 48.20
CA THR E 316 -21.06 11.95 48.53
C THR E 316 -22.24 11.53 47.66
N VAL E 317 -23.27 12.39 47.59
CA VAL E 317 -24.46 12.01 46.84
C VAL E 317 -24.12 11.83 45.36
N SER E 318 -23.17 12.60 44.85
CA SER E 318 -22.74 12.44 43.47
C SER E 318 -22.02 11.12 43.27
N ARG E 319 -21.05 10.83 44.14
CA ARG E 319 -20.26 9.60 44.02
C ARG E 319 -21.17 8.39 44.06
N VAL E 320 -22.30 8.53 44.76
CA VAL E 320 -23.30 7.45 44.77
C VAL E 320 -24.11 7.49 43.47
N ALA E 321 -24.31 8.68 42.91
CA ALA E 321 -25.14 8.84 41.73
C ALA E 321 -24.52 8.31 40.44
N PHE E 322 -23.25 8.65 40.19
CA PHE E 322 -22.59 8.31 38.92
C PHE E 322 -22.52 6.82 38.56
N PRO E 323 -22.15 5.95 39.52
CA PRO E 323 -22.17 4.54 39.14
C PRO E 323 -23.57 4.05 38.81
N LEU E 324 -24.59 4.62 39.45
CA LEU E 324 -25.97 4.24 39.17
C LEU E 324 -26.43 4.71 37.79
N VAL E 325 -26.15 5.97 37.45
CA VAL E 325 -26.57 6.50 36.15
C VAL E 325 -25.82 5.77 35.03
N PHE E 326 -24.55 5.47 35.26
CA PHE E 326 -23.75 4.79 34.25
C PHE E 326 -24.22 3.33 34.09
N LEU E 327 -24.51 2.70 35.22
CA LEU E 327 -24.93 1.30 35.21
C LEU E 327 -26.30 1.15 34.56
N ILE E 328 -27.23 2.04 34.90
CA ILE E 328 -28.57 1.99 34.32
C ILE E 328 -28.49 2.30 32.83
N PHE E 329 -27.62 3.24 32.44
CA PHE E 329 -27.45 3.48 31.01
C PHE E 329 -26.96 2.21 30.33
N ASN E 330 -25.95 1.59 30.92
CA ASN E 330 -25.32 0.41 30.34
C ASN E 330 -26.38 -0.65 30.08
N ILE E 331 -27.16 -0.94 31.12
CA ILE E 331 -28.25 -1.91 31.05
C ILE E 331 -29.21 -1.55 29.93
N PHE E 332 -29.58 -0.28 29.85
CA PHE E 332 -30.61 0.15 28.92
C PHE E 332 -30.06 0.03 27.49
N TYR E 333 -28.75 0.23 27.37
CA TYR E 333 -28.01 0.19 26.12
C TYR E 333 -27.88 -1.21 25.51
N TRP E 334 -27.42 -2.17 26.30
CA TRP E 334 -27.12 -3.49 25.74
C TRP E 334 -28.33 -4.20 25.14
N ILE E 335 -29.50 -4.00 25.75
CA ILE E 335 -30.72 -4.69 25.36
C ILE E 335 -31.07 -4.44 23.90
N THR E 336 -31.02 -3.19 23.49
CA THR E 336 -31.42 -2.84 22.13
C THR E 336 -30.53 -3.50 21.07
N TYR E 337 -29.22 -3.36 21.23
CA TYR E 337 -28.30 -3.84 20.21
C TYR E 337 -27.97 -5.33 20.25
N LYS E 338 -27.64 -5.88 21.43
CA LYS E 338 -27.20 -7.27 21.46
C LYS E 338 -28.34 -8.22 21.84
N LEU E 339 -29.50 -7.67 22.16
CA LEU E 339 -30.66 -8.49 22.50
C LEU E 339 -31.84 -8.13 21.61
N VAL E 340 -32.75 -9.09 21.43
CA VAL E 340 -33.86 -8.95 20.49
C VAL E 340 -33.39 -8.42 19.13
N PRO E 341 -32.36 -9.06 18.53
CA PRO E 341 -31.79 -8.50 17.30
C PRO E 341 -32.70 -8.68 16.09
N ARG E 342 -32.74 -7.67 15.23
CA ARG E 342 -33.56 -7.70 14.01
C ARG E 342 -35.01 -8.07 14.31
#